data_3MD3
# 
_entry.id   3MD3 
# 
_audit_conform.dict_name       mmcif_pdbx.dic 
_audit_conform.dict_version    5.388 
_audit_conform.dict_location   http://mmcif.pdb.org/dictionaries/ascii/mmcif_pdbx.dic 
# 
loop_
_database_2.database_id 
_database_2.database_code 
_database_2.pdbx_database_accession 
_database_2.pdbx_DOI 
PDB   3MD3         pdb_00003md3 10.2210/pdb3md3/pdb 
RCSB  RCSB058398   ?            ?                   
WWPDB D_1000058398 ?            ?                   
# 
loop_
_pdbx_audit_revision_history.ordinal 
_pdbx_audit_revision_history.data_content_type 
_pdbx_audit_revision_history.major_revision 
_pdbx_audit_revision_history.minor_revision 
_pdbx_audit_revision_history.revision_date 
1 'Structure model' 1 0 2010-05-05 
2 'Structure model' 1 1 2011-07-13 
3 'Structure model' 1 2 2017-11-08 
4 'Structure model' 1 3 2024-03-20 
# 
_pdbx_audit_revision_details.ordinal             1 
_pdbx_audit_revision_details.revision_ordinal    1 
_pdbx_audit_revision_details.data_content_type   'Structure model' 
_pdbx_audit_revision_details.provider            repository 
_pdbx_audit_revision_details.type                'Initial release' 
_pdbx_audit_revision_details.description         ? 
_pdbx_audit_revision_details.details             ? 
# 
loop_
_pdbx_audit_revision_group.ordinal 
_pdbx_audit_revision_group.revision_ordinal 
_pdbx_audit_revision_group.data_content_type 
_pdbx_audit_revision_group.group 
1 2 'Structure model' 'Version format compliance' 
2 3 'Structure model' 'Refinement description'    
3 4 'Structure model' 'Data collection'           
4 4 'Structure model' 'Database references'       
5 4 'Structure model' 'Derived calculations'      
# 
loop_
_pdbx_audit_revision_category.ordinal 
_pdbx_audit_revision_category.revision_ordinal 
_pdbx_audit_revision_category.data_content_type 
_pdbx_audit_revision_category.category 
1 3 'Structure model' software       
2 4 'Structure model' chem_comp_atom 
3 4 'Structure model' chem_comp_bond 
4 4 'Structure model' database_2     
5 4 'Structure model' struct_site    
# 
loop_
_pdbx_audit_revision_item.ordinal 
_pdbx_audit_revision_item.revision_ordinal 
_pdbx_audit_revision_item.data_content_type 
_pdbx_audit_revision_item.item 
1  3 'Structure model' '_software.classification'            
2  3 'Structure model' '_software.contact_author'            
3  3 'Structure model' '_software.contact_author_email'      
4  3 'Structure model' '_software.date'                      
5  3 'Structure model' '_software.language'                  
6  3 'Structure model' '_software.location'                  
7  3 'Structure model' '_software.name'                      
8  3 'Structure model' '_software.type'                      
9  3 'Structure model' '_software.version'                   
10 4 'Structure model' '_database_2.pdbx_DOI'                
11 4 'Structure model' '_database_2.pdbx_database_accession' 
12 4 'Structure model' '_struct_site.pdbx_auth_asym_id'      
13 4 'Structure model' '_struct_site.pdbx_auth_comp_id'      
14 4 'Structure model' '_struct_site.pdbx_auth_seq_id'       
# 
_pdbx_database_status.entry_id                        3MD3 
_pdbx_database_status.deposit_site                    RCSB 
_pdbx_database_status.process_site                    PDBJ 
_pdbx_database_status.recvd_initial_deposition_date   2010-03-29 
_pdbx_database_status.status_code                     REL 
_pdbx_database_status.status_code_sf                  REL 
_pdbx_database_status.status_code_mr                  ? 
_pdbx_database_status.SG_entry                        ? 
_pdbx_database_status.pdb_format_compatible           Y 
_pdbx_database_status.status_code_cs                  ? 
_pdbx_database_status.methods_development_category    ? 
_pdbx_database_status.status_code_nmr_data            ? 
# 
_pdbx_database_related.db_name        PDB 
_pdbx_database_related.db_id          3MD1 
_pdbx_database_related.details        . 
_pdbx_database_related.content_type   unspecified 
# 
loop_
_audit_author.name 
_audit_author.pdbx_ordinal 
'Li, H.'   1 
'Shi, H.'  2 
'Zhu, Z.'  3 
'Wang, H.' 4 
'Niu, L.'  5 
'Teng, M.' 6 
# 
_citation.id                        primary 
_citation.title                     'Crystal Structure of the First Two RRM Domains of Yeast Poly(U) Binding Protein (Pub1)' 
_citation.journal_abbrev            'To be published' 
_citation.journal_volume            ? 
_citation.page_first                ? 
_citation.page_last                 ? 
_citation.year                      ? 
_citation.journal_id_ASTM           ? 
_citation.country                   ? 
_citation.journal_id_ISSN           ? 
_citation.journal_id_CSD            0353 
_citation.book_publisher            ? 
_citation.pdbx_database_id_PubMed   ? 
_citation.pdbx_database_id_DOI      ? 
# 
loop_
_citation_author.citation_id 
_citation_author.name 
_citation_author.ordinal 
_citation_author.identifier_ORCID 
primary 'Li, H.'   1 ? 
primary 'Shi, H.'  2 ? 
primary 'Zhu, Z.'  3 ? 
primary 'Wang, H.' 4 ? 
primary 'Niu, L.'  5 ? 
primary 'Teng, M.' 6 ? 
# 
loop_
_entity.id 
_entity.type 
_entity.src_method 
_entity.pdbx_description 
_entity.formula_weight 
_entity.pdbx_number_of_molecules 
_entity.pdbx_ec 
_entity.pdbx_mutation 
_entity.pdbx_fragment 
_entity.details 
1 polymer     nat 'Nuclear and cytoplasmic polyadenylated RNA-binding protein PUB1' 18793.803 1  ? ? 'N-terminal two RRM domains' 
? 
2 non-polymer syn 'SULFATE ION'                                                     96.063    8  ? ? ?                            
? 
3 non-polymer syn GLYCEROL                                                          92.094    8  ? ? ?                            
? 
4 water       nat water                                                             18.015    80 ? ? ?                            
? 
# 
_entity_name_com.entity_id   1 
_entity_name_com.name        'ARS consensus-binding protein ACBP-60, Poly uridylate-binding protein, Poly(U)-binding protein' 
# 
_entity_poly.entity_id                      1 
_entity_poly.type                           'polypeptide(L)' 
_entity_poly.nstd_linkage                   no 
_entity_poly.nstd_monomer                   no 
_entity_poly.pdbx_seq_one_letter_code       
;RVLYVGNLDKAITEDILKQYFQVGGPIANIKIMIDKNNKNVNYAFVEYHQSHDANIALQTLNGKQIENNIVKINWAFQSQ
QSSSDDTFNLFVGDLNVNVDDETLRNAFKDFPSYLSGHVMWDMQTGSSRGYGFVSFTSQDDAQNAMDSMQGQDLNGRPLR
INWAAK
;
_entity_poly.pdbx_seq_one_letter_code_can   
;RVLYVGNLDKAITEDILKQYFQVGGPIANIKIMIDKNNKNVNYAFVEYHQSHDANIALQTLNGKQIENNIVKINWAFQSQ
QSSSDDTFNLFVGDLNVNVDDETLRNAFKDFPSYLSGHVMWDMQTGSSRGYGFVSFTSQDDAQNAMDSMQGQDLNGRPLR
INWAAK
;
_entity_poly.pdbx_strand_id                 A 
_entity_poly.pdbx_target_identifier         ? 
# 
loop_
_pdbx_entity_nonpoly.entity_id 
_pdbx_entity_nonpoly.name 
_pdbx_entity_nonpoly.comp_id 
2 'SULFATE ION' SO4 
3 GLYCEROL      GOL 
4 water         HOH 
# 
loop_
_entity_poly_seq.entity_id 
_entity_poly_seq.num 
_entity_poly_seq.mon_id 
_entity_poly_seq.hetero 
1 1   ARG n 
1 2   VAL n 
1 3   LEU n 
1 4   TYR n 
1 5   VAL n 
1 6   GLY n 
1 7   ASN n 
1 8   LEU n 
1 9   ASP n 
1 10  LYS n 
1 11  ALA n 
1 12  ILE n 
1 13  THR n 
1 14  GLU n 
1 15  ASP n 
1 16  ILE n 
1 17  LEU n 
1 18  LYS n 
1 19  GLN n 
1 20  TYR n 
1 21  PHE n 
1 22  GLN n 
1 23  VAL n 
1 24  GLY n 
1 25  GLY n 
1 26  PRO n 
1 27  ILE n 
1 28  ALA n 
1 29  ASN n 
1 30  ILE n 
1 31  LYS n 
1 32  ILE n 
1 33  MET n 
1 34  ILE n 
1 35  ASP n 
1 36  LYS n 
1 37  ASN n 
1 38  ASN n 
1 39  LYS n 
1 40  ASN n 
1 41  VAL n 
1 42  ASN n 
1 43  TYR n 
1 44  ALA n 
1 45  PHE n 
1 46  VAL n 
1 47  GLU n 
1 48  TYR n 
1 49  HIS n 
1 50  GLN n 
1 51  SER n 
1 52  HIS n 
1 53  ASP n 
1 54  ALA n 
1 55  ASN n 
1 56  ILE n 
1 57  ALA n 
1 58  LEU n 
1 59  GLN n 
1 60  THR n 
1 61  LEU n 
1 62  ASN n 
1 63  GLY n 
1 64  LYS n 
1 65  GLN n 
1 66  ILE n 
1 67  GLU n 
1 68  ASN n 
1 69  ASN n 
1 70  ILE n 
1 71  VAL n 
1 72  LYS n 
1 73  ILE n 
1 74  ASN n 
1 75  TRP n 
1 76  ALA n 
1 77  PHE n 
1 78  GLN n 
1 79  SER n 
1 80  GLN n 
1 81  GLN n 
1 82  SER n 
1 83  SER n 
1 84  SER n 
1 85  ASP n 
1 86  ASP n 
1 87  THR n 
1 88  PHE n 
1 89  ASN n 
1 90  LEU n 
1 91  PHE n 
1 92  VAL n 
1 93  GLY n 
1 94  ASP n 
1 95  LEU n 
1 96  ASN n 
1 97  VAL n 
1 98  ASN n 
1 99  VAL n 
1 100 ASP n 
1 101 ASP n 
1 102 GLU n 
1 103 THR n 
1 104 LEU n 
1 105 ARG n 
1 106 ASN n 
1 107 ALA n 
1 108 PHE n 
1 109 LYS n 
1 110 ASP n 
1 111 PHE n 
1 112 PRO n 
1 113 SER n 
1 114 TYR n 
1 115 LEU n 
1 116 SER n 
1 117 GLY n 
1 118 HIS n 
1 119 VAL n 
1 120 MET n 
1 121 TRP n 
1 122 ASP n 
1 123 MET n 
1 124 GLN n 
1 125 THR n 
1 126 GLY n 
1 127 SER n 
1 128 SER n 
1 129 ARG n 
1 130 GLY n 
1 131 TYR n 
1 132 GLY n 
1 133 PHE n 
1 134 VAL n 
1 135 SER n 
1 136 PHE n 
1 137 THR n 
1 138 SER n 
1 139 GLN n 
1 140 ASP n 
1 141 ASP n 
1 142 ALA n 
1 143 GLN n 
1 144 ASN n 
1 145 ALA n 
1 146 MET n 
1 147 ASP n 
1 148 SER n 
1 149 MET n 
1 150 GLN n 
1 151 GLY n 
1 152 GLN n 
1 153 ASP n 
1 154 LEU n 
1 155 ASN n 
1 156 GLY n 
1 157 ARG n 
1 158 PRO n 
1 159 LEU n 
1 160 ARG n 
1 161 ILE n 
1 162 ASN n 
1 163 TRP n 
1 164 ALA n 
1 165 ALA n 
1 166 LYS n 
# 
_entity_src_nat.entity_id                  1 
_entity_src_nat.pdbx_src_id                1 
_entity_src_nat.pdbx_alt_source_flag       sample 
_entity_src_nat.pdbx_beg_seq_num           ? 
_entity_src_nat.pdbx_end_seq_num           ? 
_entity_src_nat.common_name                yeast 
_entity_src_nat.pdbx_organism_scientific   'Saccharomyces cerevisiae' 
_entity_src_nat.pdbx_ncbi_taxonomy_id      4932 
_entity_src_nat.genus                      ? 
_entity_src_nat.species                    ? 
_entity_src_nat.strain                     ? 
_entity_src_nat.tissue                     ? 
_entity_src_nat.tissue_fraction            ? 
_entity_src_nat.pdbx_secretion             ? 
_entity_src_nat.pdbx_fragment              ? 
_entity_src_nat.pdbx_variant               ? 
_entity_src_nat.pdbx_cell_line             ? 
_entity_src_nat.pdbx_atcc                  ? 
_entity_src_nat.pdbx_cellular_location     ? 
_entity_src_nat.pdbx_organ                 ? 
_entity_src_nat.pdbx_organelle             ? 
_entity_src_nat.pdbx_cell                  ? 
_entity_src_nat.pdbx_plasmid_name          ? 
_entity_src_nat.pdbx_plasmid_details       ? 
_entity_src_nat.details                    ? 
# 
loop_
_chem_comp.id 
_chem_comp.type 
_chem_comp.mon_nstd_flag 
_chem_comp.name 
_chem_comp.pdbx_synonyms 
_chem_comp.formula 
_chem_comp.formula_weight 
ALA 'L-peptide linking' y ALANINE         ?                               'C3 H7 N O2'     89.093  
ARG 'L-peptide linking' y ARGININE        ?                               'C6 H15 N4 O2 1' 175.209 
ASN 'L-peptide linking' y ASPARAGINE      ?                               'C4 H8 N2 O3'    132.118 
ASP 'L-peptide linking' y 'ASPARTIC ACID' ?                               'C4 H7 N O4'     133.103 
GLN 'L-peptide linking' y GLUTAMINE       ?                               'C5 H10 N2 O3'   146.144 
GLU 'L-peptide linking' y 'GLUTAMIC ACID' ?                               'C5 H9 N O4'     147.129 
GLY 'peptide linking'   y GLYCINE         ?                               'C2 H5 N O2'     75.067  
GOL non-polymer         . GLYCEROL        'GLYCERIN; PROPANE-1,2,3-TRIOL' 'C3 H8 O3'       92.094  
HIS 'L-peptide linking' y HISTIDINE       ?                               'C6 H10 N3 O2 1' 156.162 
HOH non-polymer         . WATER           ?                               'H2 O'           18.015  
ILE 'L-peptide linking' y ISOLEUCINE      ?                               'C6 H13 N O2'    131.173 
LEU 'L-peptide linking' y LEUCINE         ?                               'C6 H13 N O2'    131.173 
LYS 'L-peptide linking' y LYSINE          ?                               'C6 H15 N2 O2 1' 147.195 
MET 'L-peptide linking' y METHIONINE      ?                               'C5 H11 N O2 S'  149.211 
PHE 'L-peptide linking' y PHENYLALANINE   ?                               'C9 H11 N O2'    165.189 
PRO 'L-peptide linking' y PROLINE         ?                               'C5 H9 N O2'     115.130 
SER 'L-peptide linking' y SERINE          ?                               'C3 H7 N O3'     105.093 
SO4 non-polymer         . 'SULFATE ION'   ?                               'O4 S -2'        96.063  
THR 'L-peptide linking' y THREONINE       ?                               'C4 H9 N O3'     119.119 
TRP 'L-peptide linking' y TRYPTOPHAN      ?                               'C11 H12 N2 O2'  204.225 
TYR 'L-peptide linking' y TYROSINE        ?                               'C9 H11 N O3'    181.189 
VAL 'L-peptide linking' y VALINE          ?                               'C5 H11 N O2'    117.146 
# 
loop_
_pdbx_poly_seq_scheme.asym_id 
_pdbx_poly_seq_scheme.entity_id 
_pdbx_poly_seq_scheme.seq_id 
_pdbx_poly_seq_scheme.mon_id 
_pdbx_poly_seq_scheme.ndb_seq_num 
_pdbx_poly_seq_scheme.pdb_seq_num 
_pdbx_poly_seq_scheme.auth_seq_num 
_pdbx_poly_seq_scheme.pdb_mon_id 
_pdbx_poly_seq_scheme.auth_mon_id 
_pdbx_poly_seq_scheme.pdb_strand_id 
_pdbx_poly_seq_scheme.pdb_ins_code 
_pdbx_poly_seq_scheme.hetero 
A 1 1   ARG 1   75  75  ARG ARG A . n 
A 1 2   VAL 2   76  76  VAL VAL A . n 
A 1 3   LEU 3   77  77  LEU LEU A . n 
A 1 4   TYR 4   78  78  TYR TYR A . n 
A 1 5   VAL 5   79  79  VAL VAL A . n 
A 1 6   GLY 6   80  80  GLY GLY A . n 
A 1 7   ASN 7   81  81  ASN ASN A . n 
A 1 8   LEU 8   82  82  LEU LEU A . n 
A 1 9   ASP 9   83  83  ASP ASP A . n 
A 1 10  LYS 10  84  84  LYS LYS A . n 
A 1 11  ALA 11  85  85  ALA ALA A . n 
A 1 12  ILE 12  86  86  ILE ILE A . n 
A 1 13  THR 13  87  87  THR THR A . n 
A 1 14  GLU 14  88  88  GLU GLU A . n 
A 1 15  ASP 15  89  89  ASP ASP A . n 
A 1 16  ILE 16  90  90  ILE ILE A . n 
A 1 17  LEU 17  91  91  LEU LEU A . n 
A 1 18  LYS 18  92  92  LYS LYS A . n 
A 1 19  GLN 19  93  93  GLN GLN A . n 
A 1 20  TYR 20  94  94  TYR TYR A . n 
A 1 21  PHE 21  95  95  PHE PHE A . n 
A 1 22  GLN 22  96  96  GLN GLN A . n 
A 1 23  VAL 23  97  97  VAL VAL A . n 
A 1 24  GLY 24  98  98  GLY GLY A . n 
A 1 25  GLY 25  99  99  GLY GLY A . n 
A 1 26  PRO 26  100 100 PRO PRO A . n 
A 1 27  ILE 27  101 101 ILE ILE A . n 
A 1 28  ALA 28  102 102 ALA ALA A . n 
A 1 29  ASN 29  103 103 ASN ASN A . n 
A 1 30  ILE 30  104 104 ILE ILE A . n 
A 1 31  LYS 31  105 105 LYS LYS A . n 
A 1 32  ILE 32  106 106 ILE ILE A . n 
A 1 33  MET 33  107 107 MET MET A . n 
A 1 34  ILE 34  108 108 ILE ILE A . n 
A 1 35  ASP 35  109 109 ASP ASP A . n 
A 1 36  LYS 36  110 110 LYS LYS A . n 
A 1 37  ASN 37  111 111 ASN ASN A . n 
A 1 38  ASN 38  112 ?   ?   ?   A . n 
A 1 39  LYS 39  113 113 LYS LYS A . n 
A 1 40  ASN 40  114 114 ASN ASN A . n 
A 1 41  VAL 41  115 115 VAL VAL A . n 
A 1 42  ASN 42  116 116 ASN ASN A . n 
A 1 43  TYR 43  117 117 TYR TYR A . n 
A 1 44  ALA 44  118 118 ALA ALA A . n 
A 1 45  PHE 45  119 119 PHE PHE A . n 
A 1 46  VAL 46  120 120 VAL VAL A . n 
A 1 47  GLU 47  121 121 GLU GLU A . n 
A 1 48  TYR 48  122 122 TYR TYR A . n 
A 1 49  HIS 49  123 123 HIS HIS A . n 
A 1 50  GLN 50  124 124 GLN GLN A . n 
A 1 51  SER 51  125 125 SER SER A . n 
A 1 52  HIS 52  126 126 HIS HIS A . n 
A 1 53  ASP 53  127 127 ASP ASP A . n 
A 1 54  ALA 54  128 128 ALA ALA A . n 
A 1 55  ASN 55  129 129 ASN ASN A . n 
A 1 56  ILE 56  130 130 ILE ILE A . n 
A 1 57  ALA 57  131 131 ALA ALA A . n 
A 1 58  LEU 58  132 132 LEU LEU A . n 
A 1 59  GLN 59  133 133 GLN GLN A . n 
A 1 60  THR 60  134 134 THR THR A . n 
A 1 61  LEU 61  135 135 LEU LEU A . n 
A 1 62  ASN 62  136 136 ASN ASN A . n 
A 1 63  GLY 63  137 137 GLY GLY A . n 
A 1 64  LYS 64  138 138 LYS LYS A . n 
A 1 65  GLN 65  139 139 GLN GLN A . n 
A 1 66  ILE 66  140 140 ILE ILE A . n 
A 1 67  GLU 67  141 141 GLU GLN A . n 
A 1 68  ASN 68  142 142 ASN ASN A . n 
A 1 69  ASN 69  143 143 ASN ASN A . n 
A 1 70  ILE 70  144 144 ILE ILE A . n 
A 1 71  VAL 71  145 145 VAL VAL A . n 
A 1 72  LYS 72  146 146 LYS LYS A . n 
A 1 73  ILE 73  147 147 ILE ILE A . n 
A 1 74  ASN 74  148 148 ASN ASN A . n 
A 1 75  TRP 75  149 149 TRP TRP A . n 
A 1 76  ALA 76  150 150 ALA ALA A . n 
A 1 77  PHE 77  151 151 PHE PHE A . n 
A 1 78  GLN 78  152 152 GLN GLN A . n 
A 1 79  SER 79  153 153 SER SER A . n 
A 1 80  GLN 80  154 154 GLN GLN A . n 
A 1 81  GLN 81  155 155 GLN GLN A . n 
A 1 82  SER 82  156 156 SER SER A . n 
A 1 83  SER 83  157 157 SER SER A . n 
A 1 84  SER 84  158 158 SER SER A . n 
A 1 85  ASP 85  159 159 ASP ASP A . n 
A 1 86  ASP 86  160 160 ASP ASP A . n 
A 1 87  THR 87  161 161 THR THR A . n 
A 1 88  PHE 88  162 162 PHE PHE A . n 
A 1 89  ASN 89  163 163 ASN ASN A . n 
A 1 90  LEU 90  164 164 LEU LEU A . n 
A 1 91  PHE 91  165 165 PHE PHE A . n 
A 1 92  VAL 92  166 166 VAL VAL A . n 
A 1 93  GLY 93  167 167 GLY GLY A . n 
A 1 94  ASP 94  168 168 ASP ASP A . n 
A 1 95  LEU 95  169 169 LEU LEU A . n 
A 1 96  ASN 96  170 170 ASN ASN A . n 
A 1 97  VAL 97  171 171 VAL VAL A . n 
A 1 98  ASN 98  172 172 ASN ASN A . n 
A 1 99  VAL 99  173 173 VAL VAL A . n 
A 1 100 ASP 100 174 174 ASP ASP A . n 
A 1 101 ASP 101 175 175 ASP ASP A . n 
A 1 102 GLU 102 176 176 GLU GLU A . n 
A 1 103 THR 103 177 177 THR THR A . n 
A 1 104 LEU 104 178 178 LEU LEU A . n 
A 1 105 ARG 105 179 179 ARG ARG A . n 
A 1 106 ASN 106 180 180 ASN ASN A . n 
A 1 107 ALA 107 181 181 ALA ALA A . n 
A 1 108 PHE 108 182 182 PHE PHE A . n 
A 1 109 LYS 109 183 183 LYS LYS A . n 
A 1 110 ASP 110 184 184 ASP ASP A . n 
A 1 111 PHE 111 185 185 PHE PHE A . n 
A 1 112 PRO 112 186 186 PRO PRO A . n 
A 1 113 SER 113 187 187 SER SER A . n 
A 1 114 TYR 114 188 188 TYR TYR A . n 
A 1 115 LEU 115 189 189 LEU LEU A . n 
A 1 116 SER 116 190 190 SER SER A . n 
A 1 117 GLY 117 191 191 GLY GLY A . n 
A 1 118 HIS 118 192 192 HIS HIS A . n 
A 1 119 VAL 119 193 193 VAL VAL A . n 
A 1 120 MET 120 194 194 MET MET A . n 
A 1 121 TRP 121 195 195 TRP TRP A . n 
A 1 122 ASP 122 196 196 ASP ASP A . n 
A 1 123 MET 123 197 197 MET MET A . n 
A 1 124 GLN 124 198 198 GLN GLN A . n 
A 1 125 THR 125 199 199 THR THR A . n 
A 1 126 GLY 126 200 200 GLY GLY A . n 
A 1 127 SER 127 201 201 SER SER A . n 
A 1 128 SER 128 202 202 SER SER A . n 
A 1 129 ARG 129 203 203 ARG ARG A . n 
A 1 130 GLY 130 204 204 GLY GLY A . n 
A 1 131 TYR 131 205 205 TYR TYR A . n 
A 1 132 GLY 132 206 206 GLY GLY A . n 
A 1 133 PHE 133 207 207 PHE PHE A . n 
A 1 134 VAL 134 208 208 VAL VAL A . n 
A 1 135 SER 135 209 209 SER SER A . n 
A 1 136 PHE 136 210 210 PHE PHE A . n 
A 1 137 THR 137 211 211 THR THR A . n 
A 1 138 SER 138 212 212 SER SER A . n 
A 1 139 GLN 139 213 213 GLN GLN A . n 
A 1 140 ASP 140 214 214 ASP ASP A . n 
A 1 141 ASP 141 215 215 ASP ASP A . n 
A 1 142 ALA 142 216 216 ALA ALA A . n 
A 1 143 GLN 143 217 217 GLN GLN A . n 
A 1 144 ASN 144 218 218 ASN ASN A . n 
A 1 145 ALA 145 219 219 ALA ALA A . n 
A 1 146 MET 146 220 220 MET MET A . n 
A 1 147 ASP 147 221 221 ASP ASP A . n 
A 1 148 SER 148 222 222 SER SER A . n 
A 1 149 MET 149 223 223 MET MET A . n 
A 1 150 GLN 150 224 224 GLN GLN A . n 
A 1 151 GLY 151 225 225 GLY GLY A . n 
A 1 152 GLN 152 226 226 GLN GLN A . n 
A 1 153 ASP 153 227 227 ASP ASP A . n 
A 1 154 LEU 154 228 228 LEU LEU A . n 
A 1 155 ASN 155 229 229 ASN ASN A . n 
A 1 156 GLY 156 230 230 GLY GLY A . n 
A 1 157 ARG 157 231 231 ARG ARG A . n 
A 1 158 PRO 158 232 232 PRO PRO A . n 
A 1 159 LEU 159 233 233 LEU LEU A . n 
A 1 160 ARG 160 234 234 ARG ARG A . n 
A 1 161 ILE 161 235 235 ILE ILE A . n 
A 1 162 ASN 162 236 236 ASN ASN A . n 
A 1 163 TRP 163 237 237 TRP TRP A . n 
A 1 164 ALA 164 238 238 ALA ALA A . n 
A 1 165 ALA 165 239 239 ALA ALA A . n 
A 1 166 LYS 166 240 240 LYS LYS A . n 
# 
loop_
_pdbx_nonpoly_scheme.asym_id 
_pdbx_nonpoly_scheme.entity_id 
_pdbx_nonpoly_scheme.mon_id 
_pdbx_nonpoly_scheme.ndb_seq_num 
_pdbx_nonpoly_scheme.pdb_seq_num 
_pdbx_nonpoly_scheme.auth_seq_num 
_pdbx_nonpoly_scheme.pdb_mon_id 
_pdbx_nonpoly_scheme.auth_mon_id 
_pdbx_nonpoly_scheme.pdb_strand_id 
_pdbx_nonpoly_scheme.pdb_ins_code 
B 2 SO4 1  1   1  SO4 SO4 A . 
C 2 SO4 1  2   2  SO4 SO4 A . 
D 2 SO4 1  3   3  SO4 SO4 A . 
E 2 SO4 1  4   4  SO4 SO4 A . 
F 2 SO4 1  5   5  SO4 SO4 A . 
G 2 SO4 1  6   6  SO4 SO4 A . 
H 2 SO4 1  7   7  SO4 SO4 A . 
I 2 SO4 1  8   8  SO4 SO4 A . 
J 3 GOL 1  241 1  GOL GOL A . 
K 3 GOL 1  242 2  GOL GOL A . 
L 3 GOL 1  243 3  GOL GOL A . 
M 3 GOL 1  244 4  GOL GOL A . 
N 3 GOL 1  245 5  GOL GOL A . 
O 3 GOL 1  246 6  GOL GOL A . 
P 3 GOL 1  247 7  GOL GOL A . 
Q 3 GOL 1  248 8  GOL GOL A . 
R 4 HOH 1  9   9  HOH HOH A . 
R 4 HOH 2  10  10 HOH HOH A . 
R 4 HOH 3  11  11 HOH HOH A . 
R 4 HOH 4  12  12 HOH HOH A . 
R 4 HOH 5  13  13 HOH HOH A . 
R 4 HOH 6  14  14 HOH HOH A . 
R 4 HOH 7  15  15 HOH HOH A . 
R 4 HOH 8  16  16 HOH HOH A . 
R 4 HOH 9  17  17 HOH HOH A . 
R 4 HOH 10 18  18 HOH HOH A . 
R 4 HOH 11 19  19 HOH HOH A . 
R 4 HOH 12 20  20 HOH HOH A . 
R 4 HOH 13 21  21 HOH HOH A . 
R 4 HOH 14 22  22 HOH HOH A . 
R 4 HOH 15 23  23 HOH HOH A . 
R 4 HOH 16 24  24 HOH HOH A . 
R 4 HOH 17 25  25 HOH HOH A . 
R 4 HOH 18 26  26 HOH HOH A . 
R 4 HOH 19 27  27 HOH HOH A . 
R 4 HOH 20 29  29 HOH HOH A . 
R 4 HOH 21 30  30 HOH HOH A . 
R 4 HOH 22 31  31 HOH HOH A . 
R 4 HOH 23 32  32 HOH HOH A . 
R 4 HOH 24 33  33 HOH HOH A . 
R 4 HOH 25 34  34 HOH HOH A . 
R 4 HOH 26 35  35 HOH HOH A . 
R 4 HOH 27 36  36 HOH HOH A . 
R 4 HOH 28 37  37 HOH HOH A . 
R 4 HOH 29 38  38 HOH HOH A . 
R 4 HOH 30 39  39 HOH HOH A . 
R 4 HOH 31 40  40 HOH HOH A . 
R 4 HOH 32 41  41 HOH HOH A . 
R 4 HOH 33 42  42 HOH HOH A . 
R 4 HOH 34 43  43 HOH HOH A . 
R 4 HOH 35 44  44 HOH HOH A . 
R 4 HOH 36 45  45 HOH HOH A . 
R 4 HOH 37 46  46 HOH HOH A . 
R 4 HOH 38 47  47 HOH HOH A . 
R 4 HOH 39 48  48 HOH HOH A . 
R 4 HOH 40 49  49 HOH HOH A . 
R 4 HOH 41 50  50 HOH HOH A . 
R 4 HOH 42 51  51 HOH HOH A . 
R 4 HOH 43 52  52 HOH HOH A . 
R 4 HOH 44 53  53 HOH HOH A . 
R 4 HOH 45 54  54 HOH HOH A . 
R 4 HOH 46 55  55 HOH HOH A . 
R 4 HOH 47 56  56 HOH HOH A . 
R 4 HOH 48 57  57 HOH HOH A . 
R 4 HOH 49 58  58 HOH HOH A . 
R 4 HOH 50 59  59 HOH HOH A . 
R 4 HOH 51 60  60 HOH HOH A . 
R 4 HOH 52 61  61 HOH HOH A . 
R 4 HOH 53 62  62 HOH HOH A . 
R 4 HOH 54 63  63 HOH HOH A . 
R 4 HOH 55 64  64 HOH HOH A . 
R 4 HOH 56 65  65 HOH HOH A . 
R 4 HOH 57 66  66 HOH HOH A . 
R 4 HOH 58 67  67 HOH HOH A . 
R 4 HOH 59 68  68 HOH HOH A . 
R 4 HOH 60 69  69 HOH HOH A . 
R 4 HOH 61 70  70 HOH HOH A . 
R 4 HOH 62 71  71 HOH HOH A . 
R 4 HOH 63 72  72 HOH HOH A . 
R 4 HOH 64 73  73 HOH HOH A . 
R 4 HOH 65 74  74 HOH HOH A . 
R 4 HOH 66 249 1  HOH HOH A . 
R 4 HOH 67 250 2  HOH HOH A . 
R 4 HOH 68 251 3  HOH HOH A . 
R 4 HOH 69 252 4  HOH HOH A . 
R 4 HOH 70 253 5  HOH HOH A . 
R 4 HOH 71 254 6  HOH HOH A . 
R 4 HOH 72 255 7  HOH HOH A . 
R 4 HOH 73 256 8  HOH HOH A . 
R 4 HOH 74 257 75 HOH HOH A . 
R 4 HOH 75 258 76 HOH HOH A . 
R 4 HOH 76 259 77 HOH HOH A . 
R 4 HOH 77 260 78 HOH HOH A . 
R 4 HOH 78 261 79 HOH HOH A . 
R 4 HOH 79 262 80 HOH HOH A . 
R 4 HOH 80 263 81 HOH HOH A . 
# 
loop_
_pdbx_unobs_or_zero_occ_atoms.id 
_pdbx_unobs_or_zero_occ_atoms.PDB_model_num 
_pdbx_unobs_or_zero_occ_atoms.polymer_flag 
_pdbx_unobs_or_zero_occ_atoms.occupancy_flag 
_pdbx_unobs_or_zero_occ_atoms.auth_asym_id 
_pdbx_unobs_or_zero_occ_atoms.auth_comp_id 
_pdbx_unobs_or_zero_occ_atoms.auth_seq_id 
_pdbx_unobs_or_zero_occ_atoms.PDB_ins_code 
_pdbx_unobs_or_zero_occ_atoms.auth_atom_id 
_pdbx_unobs_or_zero_occ_atoms.label_alt_id 
_pdbx_unobs_or_zero_occ_atoms.label_asym_id 
_pdbx_unobs_or_zero_occ_atoms.label_comp_id 
_pdbx_unobs_or_zero_occ_atoms.label_seq_id 
_pdbx_unobs_or_zero_occ_atoms.label_atom_id 
1  1 Y 1 A LYS 105 ? CD  ? A LYS 31 CD  
2  1 Y 1 A LYS 105 ? CE  ? A LYS 31 CE  
3  1 Y 1 A LYS 105 ? NZ  ? A LYS 31 NZ  
4  1 Y 1 A ASN 111 ? CG  ? A ASN 37 CG  
5  1 Y 1 A ASN 111 ? OD1 ? A ASN 37 OD1 
6  1 Y 1 A ASN 111 ? ND2 ? A ASN 37 ND2 
7  1 Y 1 A LYS 113 ? CG  ? A LYS 39 CG  
8  1 Y 1 A LYS 113 ? CD  ? A LYS 39 CD  
9  1 Y 1 A LYS 113 ? CE  ? A LYS 39 CE  
10 1 Y 1 A LYS 113 ? NZ  ? A LYS 39 NZ  
11 1 Y 1 A GLN 124 ? OE1 ? A GLN 50 OE1 
12 1 Y 1 A GLN 124 ? NE2 ? A GLN 50 NE2 
# 
loop_
_software.pdbx_ordinal 
_software.name 
_software.version 
_software.date 
_software.type 
_software.contact_author 
_software.contact_author_email 
_software.classification 
_software.location 
_software.language 
_software.citation_id 
1 DENZO       .     ?               package 'Zbyszek Otwinowski' hkl@hkl-xray.com       'data reduction'  http://www.hkl-xray.com/ 
?          ? 
2 SCALEPACK   .     ?               package 'Zbyszek Otwinowski' hkl@hkl-xray.com       'data scaling'    http://www.hkl-xray.com/ 
?          ? 
3 MOLREP      .     ?               program 'Alexei Vaguine'     alexei@ysbl.york.ac.uk phasing           
http://www.ccp4.ac.uk/dist/html/molrep.html  Fortran_77 ? 
4 REFMAC      .     ?               program 'Garib N. Murshudov' garib@ysbl.york.ac.uk  refinement        
http://www.ccp4.ac.uk/dist/html/refmac5.html Fortran_77 ? 
5 PDB_EXTRACT 3.100 'Jan. 22, 2010' package PDB                  help@deposit.rcsb.org  'data extraction' 
http://sw-tools.pdb.org/apps/PDB_EXTRACT/    C++        ? 
6 MAR345dtb   .     ?               ?       ?                    ?                      'data collection' ? ?          ? 
7 HKL-2000    .     ?               ?       ?                    ?                      'data reduction'  ? ?          ? 
# 
_cell.length_a           57.615 
_cell.length_b           57.615 
_cell.length_c           237.082 
_cell.angle_alpha        90.000 
_cell.angle_beta         90.000 
_cell.angle_gamma        120.000 
_cell.entry_id           3MD3 
_cell.pdbx_unique_axis   ? 
_cell.Z_PDB              12 
_cell.length_a_esd       ? 
_cell.length_b_esd       ? 
_cell.length_c_esd       ? 
_cell.angle_alpha_esd    ? 
_cell.angle_beta_esd     ? 
_cell.angle_gamma_esd    ? 
# 
_symmetry.space_group_name_H-M             'P 61 2 2' 
_symmetry.entry_id                         3MD3 
_symmetry.Int_Tables_number                178 
_symmetry.pdbx_full_space_group_name_H-M   ? 
_symmetry.cell_setting                     ? 
_symmetry.space_group_name_Hall            ? 
# 
_exptl.crystals_number   1 
_exptl.entry_id          3MD3 
_exptl.method            'X-RAY DIFFRACTION' 
# 
_exptl_crystal.id                    1 
_exptl_crystal.pdbx_mosaicity        0.385 
_exptl_crystal.pdbx_mosaicity_esd    ? 
_exptl_crystal.density_Matthews      3.02 
_exptl_crystal.density_diffrn        ? 
_exptl_crystal.density_meas          ? 
_exptl_crystal.density_meas_temp     ? 
_exptl_crystal.density_percent_sol   59.30 
_exptl_crystal.size_max              ? 
_exptl_crystal.size_mid              ? 
_exptl_crystal.size_min              ? 
_exptl_crystal.size_rad              ? 
_exptl_crystal.description           ? 
_exptl_crystal.F_000                 ? 
_exptl_crystal.preparation           ? 
# 
_exptl_crystal_grow.crystal_id      1 
_exptl_crystal_grow.method          'VAPOR DIFFUSION, HANGING DROP' 
_exptl_crystal_grow.pH              5.0 
_exptl_crystal_grow.temp            283 
_exptl_crystal_grow.temp_details    ? 
_exptl_crystal_grow.pdbx_details    
'2.0M ammonium sulfate, 0.1M sodium citrate, pH 5.0, VAPOR DIFFUSION, HANGING DROP, temperature 283K' 
_exptl_crystal_grow.pdbx_pH_range   . 
# 
_diffrn.id                     1 
_diffrn.ambient_temp           ? 
_diffrn.ambient_temp_details   ? 
_diffrn.crystal_id             1 
# 
_diffrn_detector.diffrn_id              1 
_diffrn_detector.detector               'IMAGE PLATE' 
_diffrn_detector.type                   'MAR scanner 345 mm plate' 
_diffrn_detector.pdbx_collection_date   2009-05-22 
_diffrn_detector.details                ? 
# 
_diffrn_radiation.diffrn_id                        1 
_diffrn_radiation.wavelength_id                    1 
_diffrn_radiation.pdbx_diffrn_protocol             'SINGLE WAVELENGTH' 
_diffrn_radiation.monochromator                    ? 
_diffrn_radiation.pdbx_monochromatic_or_laue_m_l   M 
_diffrn_radiation.pdbx_scattering_type             x-ray 
# 
_diffrn_radiation_wavelength.id           1 
_diffrn_radiation_wavelength.wavelength   . 
_diffrn_radiation_wavelength.wt           1.0 
# 
_diffrn_source.diffrn_id                   1 
_diffrn_source.source                      'ROTATING ANODE' 
_diffrn_source.type                        'RIGAKU RUH3R' 
_diffrn_source.pdbx_wavelength             ? 
_diffrn_source.pdbx_wavelength_list        ? 
_diffrn_source.pdbx_synchrotron_site       ? 
_diffrn_source.pdbx_synchrotron_beamline   ? 
# 
_reflns.entry_id                     3MD3 
_reflns.d_resolution_high            2.700 
_reflns.d_resolution_low             50.000 
_reflns.number_obs                   7092 
_reflns.pdbx_Rmerge_I_obs            0.117 
_reflns.pdbx_netI_over_sigmaI        7.500 
_reflns.pdbx_chi_squared             1.202 
_reflns.pdbx_redundancy              6.000 
_reflns.percent_possible_obs         99.300 
_reflns.observed_criterion_sigma_F   ? 
_reflns.observed_criterion_sigma_I   ? 
_reflns.number_all                   ? 
_reflns.pdbx_Rsym_value              ? 
_reflns.B_iso_Wilson_estimate        ? 
_reflns.R_free_details               ? 
_reflns.limit_h_max                  ? 
_reflns.limit_h_min                  ? 
_reflns.limit_k_max                  ? 
_reflns.limit_k_min                  ? 
_reflns.limit_l_max                  ? 
_reflns.limit_l_min                  ? 
_reflns.observed_criterion_F_max     ? 
_reflns.observed_criterion_F_min     ? 
_reflns.pdbx_scaling_rejects         ? 
_reflns.pdbx_diffrn_id               1 
_reflns.pdbx_ordinal                 1 
# 
loop_
_reflns_shell.d_res_high 
_reflns_shell.d_res_low 
_reflns_shell.number_measured_obs 
_reflns_shell.number_measured_all 
_reflns_shell.number_unique_obs 
_reflns_shell.Rmerge_I_obs 
_reflns_shell.meanI_over_sigI_obs 
_reflns_shell.pdbx_Rsym_value 
_reflns_shell.pdbx_chi_squared 
_reflns_shell.pdbx_redundancy 
_reflns_shell.percent_possible_obs 
_reflns_shell.number_unique_all 
_reflns_shell.percent_possible_all 
_reflns_shell.pdbx_diffrn_id 
_reflns_shell.pdbx_ordinal 
2.70 2.80  ? ? ? 0.324 ? ? 1.026 6.20 ? 680 99.70  ? 1  
2.80 2.91  ? ? ? 0.274 ? ? 0.985 6.30 ? 683 99.90  ? 2  
2.91 3.04  ? ? ? 0.234 ? ? 1.017 6.30 ? 680 99.70  ? 3  
3.04 3.20  ? ? ? 0.178 ? ? 1.015 6.10 ? 696 99.90  ? 4  
3.20 3.40  ? ? ? 0.144 ? ? 1.223 6.20 ? 683 100.00 ? 5  
3.40 3.66  ? ? ? 0.111 ? ? 1.343 6.00 ? 696 99.70  ? 6  
3.66 4.03  ? ? ? 0.089 ? ? 1.369 6.00 ? 702 99.70  ? 7  
4.03 4.62  ? ? ? 0.074 ? ? 1.544 5.80 ? 718 99.70  ? 8  
4.62 5.81  ? ? ? 0.076 ? ? 1.267 5.70 ? 745 99.30  ? 9  
5.81 50.00 ? ? ? 0.068 ? ? 1.251 5.20 ? 809 95.70  ? 10 
# 
_refine.entry_id                                 3MD3 
_refine.ls_d_res_high                            2.700 
_refine.ls_d_res_low                             49.900 
_refine.pdbx_ls_sigma_F                          0.00 
_refine.pdbx_data_cutoff_high_absF               ? 
_refine.pdbx_data_cutoff_low_absF                ? 
_refine.ls_percent_reflns_obs                    99.820 
_refine.ls_number_reflns_obs                     7062 
_refine.ls_number_reflns_all                     ? 
_refine.pdbx_ls_cross_valid_method               THROUGHOUT 
_refine.pdbx_R_Free_selection_details            RANDOM 
_refine.details                                  'HYDROGENS HAVE BEEN ADDED IN THE RIDING POSITIONS U VALUES: REFINED INDIVIDUALLY' 
_refine.ls_R_factor_all                          ? 
_refine.ls_R_factor_obs                          0.218 
_refine.ls_R_factor_R_work                       0.216 
_refine.ls_wR_factor_R_work                      0.182 
_refine.ls_R_factor_R_free                       0.268 
_refine.ls_wR_factor_R_free                      0.223 
_refine.ls_percent_reflns_R_free                 4.700 
_refine.ls_number_reflns_R_free                  334 
_refine.ls_R_factor_R_free_error                 ? 
_refine.B_iso_mean                               19.472 
_refine.solvent_model_param_bsol                 ? 
_refine.solvent_model_param_ksol                 ? 
_refine.pdbx_isotropic_thermal_model             ? 
_refine.aniso_B[1][1]                            0.060 
_refine.aniso_B[2][2]                            0.060 
_refine.aniso_B[3][3]                            -0.090 
_refine.aniso_B[1][2]                            0.030 
_refine.aniso_B[1][3]                            0.000 
_refine.aniso_B[2][3]                            0.000 
_refine.correlation_coeff_Fo_to_Fc               0.914 
_refine.correlation_coeff_Fo_to_Fc_free          0.881 
_refine.overall_SU_R_Cruickshank_DPI             1.008 
_refine.overall_SU_R_free                        0.352 
_refine.pdbx_overall_ESU_R                       1.008 
_refine.pdbx_overall_ESU_R_Free                  0.352 
_refine.overall_SU_ML                            ? 
_refine.overall_SU_B                             ? 
_refine.solvent_model_details                    MASK 
_refine.pdbx_solvent_vdw_probe_radii             1.400 
_refine.pdbx_solvent_ion_probe_radii             0.800 
_refine.pdbx_solvent_shrinkage_radii             0.800 
_refine.ls_number_parameters                     ? 
_refine.ls_number_restraints                     ? 
_refine.pdbx_starting_model                      ? 
_refine.pdbx_method_to_determine_struct          'MOLECULAR REPLACEMENT' 
_refine.pdbx_stereochemistry_target_values       'MAXIMUM LIKELIHOOD' 
_refine.pdbx_stereochem_target_val_spec_case     ? 
_refine.overall_FOM_work_R_set                   0.817 
_refine.B_iso_max                                65.58 
_refine.B_iso_min                                2.55 
_refine.occupancy_max                            1.00 
_refine.occupancy_min                            0.50 
_refine.pdbx_ls_sigma_I                          ? 
_refine.ls_redundancy_reflns_obs                 ? 
_refine.ls_R_factor_R_free_error_details         ? 
_refine.pdbx_data_cutoff_high_rms_absF           ? 
_refine.overall_FOM_free_R_set                   ? 
_refine.pdbx_refine_id                           'X-RAY DIFFRACTION' 
_refine.pdbx_overall_phase_error                 ? 
_refine.pdbx_diffrn_id                           1 
_refine.pdbx_TLS_residual_ADP_flag               ? 
_refine.pdbx_overall_SU_R_free_Cruickshank_DPI   ? 
_refine.pdbx_overall_SU_R_Blow_DPI               ? 
_refine.pdbx_overall_SU_R_free_Blow_DPI          ? 
# 
_refine_hist.pdbx_refine_id                   'X-RAY DIFFRACTION' 
_refine_hist.cycle_id                         LAST 
_refine_hist.pdbx_number_atoms_protein        1304 
_refine_hist.pdbx_number_atoms_nucleic_acid   0 
_refine_hist.pdbx_number_atoms_ligand         88 
_refine_hist.number_atoms_solvent             80 
_refine_hist.number_atoms_total               1472 
_refine_hist.d_res_high                       2.700 
_refine_hist.d_res_low                        49.900 
# 
loop_
_refine_ls_restr.type 
_refine_ls_restr.number 
_refine_ls_restr.dev_ideal 
_refine_ls_restr.dev_ideal_target 
_refine_ls_restr.weight 
_refine_ls_restr.pdbx_refine_id 
_refine_ls_restr.pdbx_restraint_function 
r_bond_refined_d       1484 0.007  0.021  ? 'X-RAY DIFFRACTION' ? 
r_angle_refined_deg    2003 0.939  1.948  ? 'X-RAY DIFFRACTION' ? 
r_dihedral_angle_1_deg 174  5.699  5.000  ? 'X-RAY DIFFRACTION' ? 
r_dihedral_angle_2_deg 80   37.457 25.500 ? 'X-RAY DIFFRACTION' ? 
r_dihedral_angle_3_deg 228  17.576 15.000 ? 'X-RAY DIFFRACTION' ? 
r_dihedral_angle_4_deg 5    9.950  15.000 ? 'X-RAY DIFFRACTION' ? 
r_chiral_restr         202  0.070  0.200  ? 'X-RAY DIFFRACTION' ? 
r_gen_planes_refined   1118 0.002  0.020  ? 'X-RAY DIFFRACTION' ? 
r_mcbond_it            860  0.279  1.500  ? 'X-RAY DIFFRACTION' ? 
r_mcangle_it           1379 0.517  2.000  ? 'X-RAY DIFFRACTION' ? 
r_scbond_it            624  0.392  3.000  ? 'X-RAY DIFFRACTION' ? 
r_scangle_it           623  0.694  4.500  ? 'X-RAY DIFFRACTION' ? 
# 
_refine_ls_shell.d_res_high                       2.700 
_refine_ls_shell.d_res_low                        2.770 
_refine_ls_shell.pdbx_total_number_of_bins_used   20 
_refine_ls_shell.percent_reflns_obs               100.000 
_refine_ls_shell.number_reflns_R_work             494 
_refine_ls_shell.R_factor_all                     ? 
_refine_ls_shell.R_factor_R_work                  0.306 
_refine_ls_shell.R_factor_R_free                  0.280 
_refine_ls_shell.percent_reflns_R_free            ? 
_refine_ls_shell.number_reflns_R_free             20 
_refine_ls_shell.R_factor_R_free_error            ? 
_refine_ls_shell.number_reflns_all                514 
_refine_ls_shell.number_reflns_obs                ? 
_refine_ls_shell.redundancy_reflns_obs            ? 
_refine_ls_shell.pdbx_refine_id                   'X-RAY DIFFRACTION' 
# 
_struct.entry_id                  3MD3 
_struct.title                     'Crystal Structure of the First Two RRM Domains of Yeast Poly(U) Binding Protein (Pub1)' 
_struct.pdbx_model_details        ? 
_struct.pdbx_CASP_flag            N 
_struct.pdbx_model_type_details   ? 
# 
_struct_keywords.entry_id        3MD3 
_struct_keywords.pdbx_keywords   'RNA BINDING PROTEIN' 
_struct_keywords.text            
'RRM, RNP, RBD, poly(U) binding, tandem, Acetylation, Cytoplasm, Nucleus, RNA-binding, RNA BINDING PROTEIN' 
# 
loop_
_struct_asym.id 
_struct_asym.pdbx_blank_PDB_chainid_flag 
_struct_asym.pdbx_modified 
_struct_asym.entity_id 
_struct_asym.details 
A N N 1 ? 
B N N 2 ? 
C N N 2 ? 
D N N 2 ? 
E N N 2 ? 
F N N 2 ? 
G N N 2 ? 
H N N 2 ? 
I N N 2 ? 
J N N 3 ? 
K N N 3 ? 
L N N 3 ? 
M N N 3 ? 
N N N 3 ? 
O N N 3 ? 
P N N 3 ? 
Q N N 3 ? 
R N N 4 ? 
# 
_struct_ref.id                         1 
_struct_ref.db_name                    UNP 
_struct_ref.db_code                    PUB1_YEAST 
_struct_ref.pdbx_db_accession          P32588 
_struct_ref.entity_id                  1 
_struct_ref.pdbx_seq_one_letter_code   
;RVLYVGNLDKAITEDILKQYFQVGGPIANIKIMIDKNNKNVNYAFVEYHQSHDANIALQTLNGKQIENNIVKINWAFQSQ
QSSSDDTFNLFVGDLNVNVDDETLRNAFKDFPSYLSGHVMWDMQTGSSRGYGFVSFTSQDDAQNAMDSMQGQDLNGRPLR
INWAAK
;
_struct_ref.pdbx_align_begin           75 
_struct_ref.pdbx_db_isoform            ? 
# 
_struct_ref_seq.align_id                      1 
_struct_ref_seq.ref_id                        1 
_struct_ref_seq.pdbx_PDB_id_code              3MD3 
_struct_ref_seq.pdbx_strand_id                A 
_struct_ref_seq.seq_align_beg                 1 
_struct_ref_seq.pdbx_seq_align_beg_ins_code   ? 
_struct_ref_seq.seq_align_end                 166 
_struct_ref_seq.pdbx_seq_align_end_ins_code   ? 
_struct_ref_seq.pdbx_db_accession             P32588 
_struct_ref_seq.db_align_beg                  75 
_struct_ref_seq.pdbx_db_align_beg_ins_code    ? 
_struct_ref_seq.db_align_end                  240 
_struct_ref_seq.pdbx_db_align_end_ins_code    ? 
_struct_ref_seq.pdbx_auth_seq_align_beg       75 
_struct_ref_seq.pdbx_auth_seq_align_end       240 
# 
loop_
_pdbx_struct_assembly.id 
_pdbx_struct_assembly.details 
_pdbx_struct_assembly.method_details 
_pdbx_struct_assembly.oligomeric_details 
_pdbx_struct_assembly.oligomeric_count 
1 author_defined_assembly   ?    monomeric 1 
2 software_defined_assembly PISA dimeric   2 
# 
loop_
_pdbx_struct_assembly_prop.biol_id 
_pdbx_struct_assembly_prop.type 
_pdbx_struct_assembly_prop.value 
_pdbx_struct_assembly_prop.details 
2 'ABSA (A^2)' 4380  ? 
2 MORE         -17   ? 
2 'SSA (A^2)'  15200 ? 
# 
loop_
_pdbx_struct_assembly_gen.assembly_id 
_pdbx_struct_assembly_gen.oper_expression 
_pdbx_struct_assembly_gen.asym_id_list 
1 1   A,B,C,D,E,F,G,H,I,J,K,L,M,N,O,P,Q,R 
2 1,2 A,B,C,D,E,F,G,H,I,J,K,L,M,N,O,P,Q,R 
# 
loop_
_pdbx_struct_oper_list.id 
_pdbx_struct_oper_list.type 
_pdbx_struct_oper_list.name 
_pdbx_struct_oper_list.symmetry_operation 
_pdbx_struct_oper_list.matrix[1][1] 
_pdbx_struct_oper_list.matrix[1][2] 
_pdbx_struct_oper_list.matrix[1][3] 
_pdbx_struct_oper_list.vector[1] 
_pdbx_struct_oper_list.matrix[2][1] 
_pdbx_struct_oper_list.matrix[2][2] 
_pdbx_struct_oper_list.matrix[2][3] 
_pdbx_struct_oper_list.vector[2] 
_pdbx_struct_oper_list.matrix[3][1] 
_pdbx_struct_oper_list.matrix[3][2] 
_pdbx_struct_oper_list.matrix[3][3] 
_pdbx_struct_oper_list.vector[3] 
1 'identity operation'         1_555  x,y,z            1.0000000000  0.0000000000 0.0000000000  0.0000000000 0.0000000000 1.0000000000  0.0000000000  0.0000000000 0.0000000000  0.0000000000  1.0000000000 0.0000000000 
2 'crystal symmetry operation' 10_444 -y-1,-x-1,-z-1/6 -0.6077508649 0.0587758684 -0.7919496724 3.6275879356 0.0587758684 -0.9911928354 -0.1186682787 6.9338156769 -0.7919496724 -0.1186682787 0.5989437003 2.3113328177 
# 
_struct_biol.id        1 
_struct_biol.details   ? 
# 
loop_
_struct_conf.conf_type_id 
_struct_conf.id 
_struct_conf.pdbx_PDB_helix_id 
_struct_conf.beg_label_comp_id 
_struct_conf.beg_label_asym_id 
_struct_conf.beg_label_seq_id 
_struct_conf.pdbx_beg_PDB_ins_code 
_struct_conf.end_label_comp_id 
_struct_conf.end_label_asym_id 
_struct_conf.end_label_seq_id 
_struct_conf.pdbx_end_PDB_ins_code 
_struct_conf.beg_auth_comp_id 
_struct_conf.beg_auth_asym_id 
_struct_conf.beg_auth_seq_id 
_struct_conf.end_auth_comp_id 
_struct_conf.end_auth_asym_id 
_struct_conf.end_auth_seq_id 
_struct_conf.pdbx_PDB_helix_class 
_struct_conf.details 
_struct_conf.pdbx_PDB_helix_length 
HELX_P HELX_P1 1 THR A 13  ? GLN A 22  ? THR A 87  GLN A 96  1 ? 10 
HELX_P HELX_P2 2 VAL A 23  ? GLY A 25  ? VAL A 97  GLY A 99  5 ? 3  
HELX_P HELX_P3 3 GLN A 50  ? ASN A 62  ? GLN A 124 ASN A 136 1 ? 13 
HELX_P HELX_P4 4 ASP A 100 ? LYS A 109 ? ASP A 174 LYS A 183 1 ? 10 
HELX_P HELX_P5 5 SER A 138 ? GLN A 150 ? SER A 212 GLN A 224 1 ? 13 
# 
_struct_conf_type.id          HELX_P 
_struct_conf_type.criteria    ? 
_struct_conf_type.reference   ? 
# 
loop_
_struct_sheet.id 
_struct_sheet.type 
_struct_sheet.number_strands 
_struct_sheet.details 
A ? 4 ? 
B ? 2 ? 
C ? 4 ? 
D ? 2 ? 
# 
loop_
_struct_sheet_order.sheet_id 
_struct_sheet_order.range_id_1 
_struct_sheet_order.range_id_2 
_struct_sheet_order.offset 
_struct_sheet_order.sense 
A 1 2 ? anti-parallel 
A 2 3 ? anti-parallel 
A 3 4 ? anti-parallel 
B 1 2 ? anti-parallel 
C 1 2 ? anti-parallel 
C 2 3 ? anti-parallel 
C 3 4 ? anti-parallel 
D 1 2 ? anti-parallel 
# 
loop_
_struct_sheet_range.sheet_id 
_struct_sheet_range.id 
_struct_sheet_range.beg_label_comp_id 
_struct_sheet_range.beg_label_asym_id 
_struct_sheet_range.beg_label_seq_id 
_struct_sheet_range.pdbx_beg_PDB_ins_code 
_struct_sheet_range.end_label_comp_id 
_struct_sheet_range.end_label_asym_id 
_struct_sheet_range.end_label_seq_id 
_struct_sheet_range.pdbx_end_PDB_ins_code 
_struct_sheet_range.beg_auth_comp_id 
_struct_sheet_range.beg_auth_asym_id 
_struct_sheet_range.beg_auth_seq_id 
_struct_sheet_range.end_auth_comp_id 
_struct_sheet_range.end_auth_asym_id 
_struct_sheet_range.end_auth_seq_id 
A 1 ILE A 27  ? MET A 33  ? ILE A 101 MET A 107 
A 2 VAL A 41  ? TYR A 48  ? VAL A 115 TYR A 122 
A 3 VAL A 2   ? ASP A 9   ? VAL A 76  ASP A 83  
A 4 LYS A 72  ? TRP A 75  ? LYS A 146 TRP A 149 
B 1 GLN A 65  ? ILE A 66  ? GLN A 139 ILE A 140 
B 2 ASN A 69  ? ILE A 70  ? ASN A 143 ILE A 144 
C 1 TYR A 114 ? TRP A 121 ? TYR A 188 TRP A 195 
C 2 SER A 128 ? PHE A 136 ? SER A 202 PHE A 210 
C 3 PHE A 88  ? GLY A 93  ? PHE A 162 GLY A 167 
C 4 ARG A 160 ? TRP A 163 ? ARG A 234 TRP A 237 
D 1 ASP A 153 ? LEU A 154 ? ASP A 227 LEU A 228 
D 2 ARG A 157 ? PRO A 158 ? ARG A 231 PRO A 232 
# 
loop_
_pdbx_struct_sheet_hbond.sheet_id 
_pdbx_struct_sheet_hbond.range_id_1 
_pdbx_struct_sheet_hbond.range_id_2 
_pdbx_struct_sheet_hbond.range_1_label_atom_id 
_pdbx_struct_sheet_hbond.range_1_label_comp_id 
_pdbx_struct_sheet_hbond.range_1_label_asym_id 
_pdbx_struct_sheet_hbond.range_1_label_seq_id 
_pdbx_struct_sheet_hbond.range_1_PDB_ins_code 
_pdbx_struct_sheet_hbond.range_1_auth_atom_id 
_pdbx_struct_sheet_hbond.range_1_auth_comp_id 
_pdbx_struct_sheet_hbond.range_1_auth_asym_id 
_pdbx_struct_sheet_hbond.range_1_auth_seq_id 
_pdbx_struct_sheet_hbond.range_2_label_atom_id 
_pdbx_struct_sheet_hbond.range_2_label_comp_id 
_pdbx_struct_sheet_hbond.range_2_label_asym_id 
_pdbx_struct_sheet_hbond.range_2_label_seq_id 
_pdbx_struct_sheet_hbond.range_2_PDB_ins_code 
_pdbx_struct_sheet_hbond.range_2_auth_atom_id 
_pdbx_struct_sheet_hbond.range_2_auth_comp_id 
_pdbx_struct_sheet_hbond.range_2_auth_asym_id 
_pdbx_struct_sheet_hbond.range_2_auth_seq_id 
A 1 2 N MET A 33  ? N MET A 107 O TYR A 43  ? O TYR A 117 
A 2 3 O VAL A 46  ? O VAL A 120 N LEU A 3   ? N LEU A 77  
A 3 4 N GLY A 6   ? N GLY A 80  O LYS A 72  ? O LYS A 146 
B 1 2 N ILE A 66  ? N ILE A 140 O ASN A 69  ? O ASN A 143 
C 1 2 N SER A 116 ? N SER A 190 O SER A 135 ? O SER A 209 
C 2 3 O PHE A 136 ? O PHE A 210 N PHE A 88  ? N PHE A 162 
C 3 4 N PHE A 91  ? N PHE A 165 O ASN A 162 ? O ASN A 236 
D 1 2 N LEU A 154 ? N LEU A 228 O ARG A 157 ? O ARG A 231 
# 
loop_
_struct_site.id 
_struct_site.pdbx_evidence_code 
_struct_site.pdbx_auth_asym_id 
_struct_site.pdbx_auth_comp_id 
_struct_site.pdbx_auth_seq_id 
_struct_site.pdbx_auth_ins_code 
_struct_site.pdbx_num_residues 
_struct_site.details 
AC1 Software A SO4 1   ? 3 'BINDING SITE FOR RESIDUE SO4 A 1'   
AC2 Software A SO4 2   ? 5 'BINDING SITE FOR RESIDUE SO4 A 2'   
AC3 Software A SO4 3   ? 6 'BINDING SITE FOR RESIDUE SO4 A 3'   
AC4 Software A SO4 4   ? 3 'BINDING SITE FOR RESIDUE SO4 A 4'   
AC5 Software A SO4 5   ? 2 'BINDING SITE FOR RESIDUE SO4 A 5'   
AC6 Software A SO4 6   ? 4 'BINDING SITE FOR RESIDUE SO4 A 6'   
AC7 Software A SO4 7   ? 3 'BINDING SITE FOR RESIDUE SO4 A 7'   
AC8 Software A SO4 8   ? 3 'BINDING SITE FOR RESIDUE SO4 A 8'   
AC9 Software A GOL 241 ? 3 'BINDING SITE FOR RESIDUE GOL A 241' 
BC1 Software A GOL 242 ? 4 'BINDING SITE FOR RESIDUE GOL A 242' 
BC2 Software A GOL 243 ? 7 'BINDING SITE FOR RESIDUE GOL A 243' 
BC3 Software A GOL 244 ? 6 'BINDING SITE FOR RESIDUE GOL A 244' 
BC4 Software A GOL 246 ? 1 'BINDING SITE FOR RESIDUE GOL A 246' 
BC5 Software A GOL 247 ? 5 'BINDING SITE FOR RESIDUE GOL A 247' 
BC6 Software A GOL 248 ? 3 'BINDING SITE FOR RESIDUE GOL A 248' 
# 
loop_
_struct_site_gen.id 
_struct_site_gen.site_id 
_struct_site_gen.pdbx_num_res 
_struct_site_gen.label_comp_id 
_struct_site_gen.label_asym_id 
_struct_site_gen.label_seq_id 
_struct_site_gen.pdbx_auth_ins_code 
_struct_site_gen.auth_comp_id 
_struct_site_gen.auth_asym_id 
_struct_site_gen.auth_seq_id 
_struct_site_gen.label_atom_id 
_struct_site_gen.label_alt_id 
_struct_site_gen.symmetry 
_struct_site_gen.details 
1  AC1 3 ASN A 7   ? ASN A 81  . ? 1_555  ? 
2  AC1 3 ASN A 69  ? ASN A 143 . ? 1_555  ? 
3  AC1 3 ILE A 70  ? ILE A 144 . ? 1_555  ? 
4  AC2 5 HOH R .   ? HOH A 51  . ? 1_555  ? 
5  AC2 5 HOH R .   ? HOH A 71  . ? 10_444 ? 
6  AC2 5 LYS A 72  ? LYS A 146 . ? 10_444 ? 
7  AC2 5 ARG A 105 ? ARG A 179 . ? 1_555  ? 
8  AC2 5 LYS A 109 ? LYS A 183 . ? 1_555  ? 
9  AC3 6 HOH R .   ? HOH A 18  . ? 1_555  ? 
10 AC3 6 HOH R .   ? HOH A 19  . ? 1_555  ? 
11 AC3 6 ASN A 74  ? ASN A 148 . ? 10_444 ? 
12 AC3 6 TRP A 75  ? TRP A 149 . ? 10_444 ? 
13 AC3 6 SER A 82  ? SER A 156 . ? 1_555  ? 
14 AC3 6 HIS A 118 ? HIS A 192 . ? 1_555  ? 
15 AC4 3 HIS A 52  ? HIS A 126 . ? 1_555  ? 
16 AC4 3 ASN A 55  ? ASN A 129 . ? 1_555  ? 
17 AC4 3 HOH R .   ? HOH A 263 . ? 1_555  ? 
18 AC5 2 ARG A 157 ? ARG A 231 . ? 1_555  ? 
19 AC5 2 GOL L .   ? GOL A 243 . ? 1_555  ? 
20 AC6 4 HOH R .   ? HOH A 41  . ? 1_555  ? 
21 AC6 4 ARG A 1   ? ARG A 75  . ? 1_555  ? 
22 AC6 4 GLN A 50  ? GLN A 124 . ? 1_555  ? 
23 AC6 4 SER A 51  ? SER A 125 . ? 1_555  ? 
24 AC7 3 SER A 138 ? SER A 212 . ? 1_555  ? 
25 AC7 3 GLN A 139 ? GLN A 213 . ? 1_555  ? 
26 AC7 3 ASP A 140 ? ASP A 214 . ? 1_555  ? 
27 AC8 3 HOH R .   ? HOH A 70  . ? 1_555  ? 
28 AC8 3 THR A 103 ? THR A 177 . ? 1_555  ? 
29 AC8 3 ASN A 106 ? ASN A 180 . ? 1_555  ? 
30 AC9 3 PHE A 45  ? PHE A 119 . ? 1_555  ? 
31 AC9 3 GLN A 78  ? GLN A 152 . ? 1_555  ? 
32 AC9 3 ASP A 122 ? ASP A 196 . ? 10_444 ? 
33 BC1 4 GLN A 80  ? GLN A 154 . ? 1_555  ? 
34 BC1 4 GLN A 81  ? GLN A 155 . ? 1_555  ? 
35 BC1 4 ASP A 122 ? ASP A 196 . ? 10_444 ? 
36 BC1 4 ARG A 129 ? ARG A 203 . ? 10_444 ? 
37 BC2 7 SO4 F .   ? SO4 A 5   . ? 1_555  ? 
38 BC2 7 HOH R .   ? HOH A 37  . ? 1_555  ? 
39 BC2 7 HOH R .   ? HOH A 38  . ? 1_555  ? 
40 BC2 7 LEU A 95  ? LEU A 169 . ? 1_555  ? 
41 BC2 7 GLY A 130 ? GLY A 204 . ? 1_555  ? 
42 BC2 7 ARG A 157 ? ARG A 231 . ? 1_555  ? 
43 BC2 7 ALA A 165 ? ALA A 239 . ? 10_444 ? 
44 BC3 6 HOH R .   ? HOH A 39  . ? 1_555  ? 
45 BC3 6 GLN A 81  ? GLN A 155 . ? 1_555  ? 
46 BC3 6 ASN A 89  ? ASN A 163 . ? 1_555  ? 
47 BC3 6 ARG A 129 ? ARG A 203 . ? 10_444 ? 
48 BC3 6 TYR A 131 ? TYR A 205 . ? 10_444 ? 
49 BC3 6 HOH R .   ? HOH A 256 . ? 1_555  ? 
50 BC4 1 ASN A 55  ? ASN A 129 . ? 1_555  ? 
51 BC5 5 HOH R .   ? HOH A 20  . ? 10_444 ? 
52 BC5 5 ASN A 62  ? ASN A 136 . ? 1_555  ? 
53 BC5 5 LYS A 72  ? LYS A 146 . ? 1_555  ? 
54 BC5 5 ILE A 73  ? ILE A 147 . ? 1_555  ? 
55 BC5 5 ASN A 74  ? ASN A 148 . ? 1_555  ? 
56 BC6 3 ARG A 157 ? ARG A 231 . ? 1_555  ? 
57 BC6 3 PRO A 158 ? PRO A 232 . ? 1_555  ? 
58 BC6 3 LYS A 166 ? LYS A 240 . ? 10_444 ? 
# 
_pdbx_validate_symm_contact.id                1 
_pdbx_validate_symm_contact.PDB_model_num     1 
_pdbx_validate_symm_contact.auth_atom_id_1    O 
_pdbx_validate_symm_contact.auth_asym_id_1    A 
_pdbx_validate_symm_contact.auth_comp_id_1    HOH 
_pdbx_validate_symm_contact.auth_seq_id_1     74 
_pdbx_validate_symm_contact.PDB_ins_code_1    ? 
_pdbx_validate_symm_contact.label_alt_id_1    ? 
_pdbx_validate_symm_contact.site_symmetry_1   1_555 
_pdbx_validate_symm_contact.auth_atom_id_2    O 
_pdbx_validate_symm_contact.auth_asym_id_2    A 
_pdbx_validate_symm_contact.auth_comp_id_2    HOH 
_pdbx_validate_symm_contact.auth_seq_id_2     260 
_pdbx_validate_symm_contact.PDB_ins_code_2    ? 
_pdbx_validate_symm_contact.label_alt_id_2    ? 
_pdbx_validate_symm_contact.site_symmetry_2   6_555 
_pdbx_validate_symm_contact.dist              2.19 
# 
_pdbx_validate_rmsd_bond.id                        1 
_pdbx_validate_rmsd_bond.PDB_model_num             1 
_pdbx_validate_rmsd_bond.auth_atom_id_1            CD 
_pdbx_validate_rmsd_bond.auth_asym_id_1            A 
_pdbx_validate_rmsd_bond.auth_comp_id_1            GLU 
_pdbx_validate_rmsd_bond.auth_seq_id_1             141 
_pdbx_validate_rmsd_bond.PDB_ins_code_1            ? 
_pdbx_validate_rmsd_bond.label_alt_id_1            ? 
_pdbx_validate_rmsd_bond.auth_atom_id_2            OE2 
_pdbx_validate_rmsd_bond.auth_asym_id_2            A 
_pdbx_validate_rmsd_bond.auth_comp_id_2            GLU 
_pdbx_validate_rmsd_bond.auth_seq_id_2             141 
_pdbx_validate_rmsd_bond.PDB_ins_code_2            ? 
_pdbx_validate_rmsd_bond.label_alt_id_2            ? 
_pdbx_validate_rmsd_bond.bond_value                1.326 
_pdbx_validate_rmsd_bond.bond_target_value         1.252 
_pdbx_validate_rmsd_bond.bond_deviation            0.074 
_pdbx_validate_rmsd_bond.bond_standard_deviation   0.011 
_pdbx_validate_rmsd_bond.linker_flag               N 
# 
loop_
_pdbx_validate_torsion.id 
_pdbx_validate_torsion.PDB_model_num 
_pdbx_validate_torsion.auth_comp_id 
_pdbx_validate_torsion.auth_asym_id 
_pdbx_validate_torsion.auth_seq_id 
_pdbx_validate_torsion.PDB_ins_code 
_pdbx_validate_torsion.label_alt_id 
_pdbx_validate_torsion.phi 
_pdbx_validate_torsion.psi 
1 1 GLU A 141 ? ? 63.75   -117.26 
2 1 ALA A 239 ? ? -141.16 12.36   
# 
_pdbx_unobs_or_zero_occ_residues.id               1 
_pdbx_unobs_or_zero_occ_residues.PDB_model_num    1 
_pdbx_unobs_or_zero_occ_residues.polymer_flag     Y 
_pdbx_unobs_or_zero_occ_residues.occupancy_flag   1 
_pdbx_unobs_or_zero_occ_residues.auth_asym_id     A 
_pdbx_unobs_or_zero_occ_residues.auth_comp_id     ASN 
_pdbx_unobs_or_zero_occ_residues.auth_seq_id      112 
_pdbx_unobs_or_zero_occ_residues.PDB_ins_code     ? 
_pdbx_unobs_or_zero_occ_residues.label_asym_id    A 
_pdbx_unobs_or_zero_occ_residues.label_comp_id    ASN 
_pdbx_unobs_or_zero_occ_residues.label_seq_id     38 
# 
loop_
_chem_comp_atom.comp_id 
_chem_comp_atom.atom_id 
_chem_comp_atom.type_symbol 
_chem_comp_atom.pdbx_aromatic_flag 
_chem_comp_atom.pdbx_stereo_config 
_chem_comp_atom.pdbx_ordinal 
ALA N    N N N 1   
ALA CA   C N S 2   
ALA C    C N N 3   
ALA O    O N N 4   
ALA CB   C N N 5   
ALA OXT  O N N 6   
ALA H    H N N 7   
ALA H2   H N N 8   
ALA HA   H N N 9   
ALA HB1  H N N 10  
ALA HB2  H N N 11  
ALA HB3  H N N 12  
ALA HXT  H N N 13  
ARG N    N N N 14  
ARG CA   C N S 15  
ARG C    C N N 16  
ARG O    O N N 17  
ARG CB   C N N 18  
ARG CG   C N N 19  
ARG CD   C N N 20  
ARG NE   N N N 21  
ARG CZ   C N N 22  
ARG NH1  N N N 23  
ARG NH2  N N N 24  
ARG OXT  O N N 25  
ARG H    H N N 26  
ARG H2   H N N 27  
ARG HA   H N N 28  
ARG HB2  H N N 29  
ARG HB3  H N N 30  
ARG HG2  H N N 31  
ARG HG3  H N N 32  
ARG HD2  H N N 33  
ARG HD3  H N N 34  
ARG HE   H N N 35  
ARG HH11 H N N 36  
ARG HH12 H N N 37  
ARG HH21 H N N 38  
ARG HH22 H N N 39  
ARG HXT  H N N 40  
ASN N    N N N 41  
ASN CA   C N S 42  
ASN C    C N N 43  
ASN O    O N N 44  
ASN CB   C N N 45  
ASN CG   C N N 46  
ASN OD1  O N N 47  
ASN ND2  N N N 48  
ASN OXT  O N N 49  
ASN H    H N N 50  
ASN H2   H N N 51  
ASN HA   H N N 52  
ASN HB2  H N N 53  
ASN HB3  H N N 54  
ASN HD21 H N N 55  
ASN HD22 H N N 56  
ASN HXT  H N N 57  
ASP N    N N N 58  
ASP CA   C N S 59  
ASP C    C N N 60  
ASP O    O N N 61  
ASP CB   C N N 62  
ASP CG   C N N 63  
ASP OD1  O N N 64  
ASP OD2  O N N 65  
ASP OXT  O N N 66  
ASP H    H N N 67  
ASP H2   H N N 68  
ASP HA   H N N 69  
ASP HB2  H N N 70  
ASP HB3  H N N 71  
ASP HD2  H N N 72  
ASP HXT  H N N 73  
GLN N    N N N 74  
GLN CA   C N S 75  
GLN C    C N N 76  
GLN O    O N N 77  
GLN CB   C N N 78  
GLN CG   C N N 79  
GLN CD   C N N 80  
GLN OE1  O N N 81  
GLN NE2  N N N 82  
GLN OXT  O N N 83  
GLN H    H N N 84  
GLN H2   H N N 85  
GLN HA   H N N 86  
GLN HB2  H N N 87  
GLN HB3  H N N 88  
GLN HG2  H N N 89  
GLN HG3  H N N 90  
GLN HE21 H N N 91  
GLN HE22 H N N 92  
GLN HXT  H N N 93  
GLU N    N N N 94  
GLU CA   C N S 95  
GLU C    C N N 96  
GLU O    O N N 97  
GLU CB   C N N 98  
GLU CG   C N N 99  
GLU CD   C N N 100 
GLU OE1  O N N 101 
GLU OE2  O N N 102 
GLU OXT  O N N 103 
GLU H    H N N 104 
GLU H2   H N N 105 
GLU HA   H N N 106 
GLU HB2  H N N 107 
GLU HB3  H N N 108 
GLU HG2  H N N 109 
GLU HG3  H N N 110 
GLU HE2  H N N 111 
GLU HXT  H N N 112 
GLY N    N N N 113 
GLY CA   C N N 114 
GLY C    C N N 115 
GLY O    O N N 116 
GLY OXT  O N N 117 
GLY H    H N N 118 
GLY H2   H N N 119 
GLY HA2  H N N 120 
GLY HA3  H N N 121 
GLY HXT  H N N 122 
GOL C1   C N N 123 
GOL O1   O N N 124 
GOL C2   C N N 125 
GOL O2   O N N 126 
GOL C3   C N N 127 
GOL O3   O N N 128 
GOL H11  H N N 129 
GOL H12  H N N 130 
GOL HO1  H N N 131 
GOL H2   H N N 132 
GOL HO2  H N N 133 
GOL H31  H N N 134 
GOL H32  H N N 135 
GOL HO3  H N N 136 
HIS N    N N N 137 
HIS CA   C N S 138 
HIS C    C N N 139 
HIS O    O N N 140 
HIS CB   C N N 141 
HIS CG   C Y N 142 
HIS ND1  N Y N 143 
HIS CD2  C Y N 144 
HIS CE1  C Y N 145 
HIS NE2  N Y N 146 
HIS OXT  O N N 147 
HIS H    H N N 148 
HIS H2   H N N 149 
HIS HA   H N N 150 
HIS HB2  H N N 151 
HIS HB3  H N N 152 
HIS HD1  H N N 153 
HIS HD2  H N N 154 
HIS HE1  H N N 155 
HIS HE2  H N N 156 
HIS HXT  H N N 157 
HOH O    O N N 158 
HOH H1   H N N 159 
HOH H2   H N N 160 
ILE N    N N N 161 
ILE CA   C N S 162 
ILE C    C N N 163 
ILE O    O N N 164 
ILE CB   C N S 165 
ILE CG1  C N N 166 
ILE CG2  C N N 167 
ILE CD1  C N N 168 
ILE OXT  O N N 169 
ILE H    H N N 170 
ILE H2   H N N 171 
ILE HA   H N N 172 
ILE HB   H N N 173 
ILE HG12 H N N 174 
ILE HG13 H N N 175 
ILE HG21 H N N 176 
ILE HG22 H N N 177 
ILE HG23 H N N 178 
ILE HD11 H N N 179 
ILE HD12 H N N 180 
ILE HD13 H N N 181 
ILE HXT  H N N 182 
LEU N    N N N 183 
LEU CA   C N S 184 
LEU C    C N N 185 
LEU O    O N N 186 
LEU CB   C N N 187 
LEU CG   C N N 188 
LEU CD1  C N N 189 
LEU CD2  C N N 190 
LEU OXT  O N N 191 
LEU H    H N N 192 
LEU H2   H N N 193 
LEU HA   H N N 194 
LEU HB2  H N N 195 
LEU HB3  H N N 196 
LEU HG   H N N 197 
LEU HD11 H N N 198 
LEU HD12 H N N 199 
LEU HD13 H N N 200 
LEU HD21 H N N 201 
LEU HD22 H N N 202 
LEU HD23 H N N 203 
LEU HXT  H N N 204 
LYS N    N N N 205 
LYS CA   C N S 206 
LYS C    C N N 207 
LYS O    O N N 208 
LYS CB   C N N 209 
LYS CG   C N N 210 
LYS CD   C N N 211 
LYS CE   C N N 212 
LYS NZ   N N N 213 
LYS OXT  O N N 214 
LYS H    H N N 215 
LYS H2   H N N 216 
LYS HA   H N N 217 
LYS HB2  H N N 218 
LYS HB3  H N N 219 
LYS HG2  H N N 220 
LYS HG3  H N N 221 
LYS HD2  H N N 222 
LYS HD3  H N N 223 
LYS HE2  H N N 224 
LYS HE3  H N N 225 
LYS HZ1  H N N 226 
LYS HZ2  H N N 227 
LYS HZ3  H N N 228 
LYS HXT  H N N 229 
MET N    N N N 230 
MET CA   C N S 231 
MET C    C N N 232 
MET O    O N N 233 
MET CB   C N N 234 
MET CG   C N N 235 
MET SD   S N N 236 
MET CE   C N N 237 
MET OXT  O N N 238 
MET H    H N N 239 
MET H2   H N N 240 
MET HA   H N N 241 
MET HB2  H N N 242 
MET HB3  H N N 243 
MET HG2  H N N 244 
MET HG3  H N N 245 
MET HE1  H N N 246 
MET HE2  H N N 247 
MET HE3  H N N 248 
MET HXT  H N N 249 
PHE N    N N N 250 
PHE CA   C N S 251 
PHE C    C N N 252 
PHE O    O N N 253 
PHE CB   C N N 254 
PHE CG   C Y N 255 
PHE CD1  C Y N 256 
PHE CD2  C Y N 257 
PHE CE1  C Y N 258 
PHE CE2  C Y N 259 
PHE CZ   C Y N 260 
PHE OXT  O N N 261 
PHE H    H N N 262 
PHE H2   H N N 263 
PHE HA   H N N 264 
PHE HB2  H N N 265 
PHE HB3  H N N 266 
PHE HD1  H N N 267 
PHE HD2  H N N 268 
PHE HE1  H N N 269 
PHE HE2  H N N 270 
PHE HZ   H N N 271 
PHE HXT  H N N 272 
PRO N    N N N 273 
PRO CA   C N S 274 
PRO C    C N N 275 
PRO O    O N N 276 
PRO CB   C N N 277 
PRO CG   C N N 278 
PRO CD   C N N 279 
PRO OXT  O N N 280 
PRO H    H N N 281 
PRO HA   H N N 282 
PRO HB2  H N N 283 
PRO HB3  H N N 284 
PRO HG2  H N N 285 
PRO HG3  H N N 286 
PRO HD2  H N N 287 
PRO HD3  H N N 288 
PRO HXT  H N N 289 
SER N    N N N 290 
SER CA   C N S 291 
SER C    C N N 292 
SER O    O N N 293 
SER CB   C N N 294 
SER OG   O N N 295 
SER OXT  O N N 296 
SER H    H N N 297 
SER H2   H N N 298 
SER HA   H N N 299 
SER HB2  H N N 300 
SER HB3  H N N 301 
SER HG   H N N 302 
SER HXT  H N N 303 
SO4 S    S N N 304 
SO4 O1   O N N 305 
SO4 O2   O N N 306 
SO4 O3   O N N 307 
SO4 O4   O N N 308 
THR N    N N N 309 
THR CA   C N S 310 
THR C    C N N 311 
THR O    O N N 312 
THR CB   C N R 313 
THR OG1  O N N 314 
THR CG2  C N N 315 
THR OXT  O N N 316 
THR H    H N N 317 
THR H2   H N N 318 
THR HA   H N N 319 
THR HB   H N N 320 
THR HG1  H N N 321 
THR HG21 H N N 322 
THR HG22 H N N 323 
THR HG23 H N N 324 
THR HXT  H N N 325 
TRP N    N N N 326 
TRP CA   C N S 327 
TRP C    C N N 328 
TRP O    O N N 329 
TRP CB   C N N 330 
TRP CG   C Y N 331 
TRP CD1  C Y N 332 
TRP CD2  C Y N 333 
TRP NE1  N Y N 334 
TRP CE2  C Y N 335 
TRP CE3  C Y N 336 
TRP CZ2  C Y N 337 
TRP CZ3  C Y N 338 
TRP CH2  C Y N 339 
TRP OXT  O N N 340 
TRP H    H N N 341 
TRP H2   H N N 342 
TRP HA   H N N 343 
TRP HB2  H N N 344 
TRP HB3  H N N 345 
TRP HD1  H N N 346 
TRP HE1  H N N 347 
TRP HE3  H N N 348 
TRP HZ2  H N N 349 
TRP HZ3  H N N 350 
TRP HH2  H N N 351 
TRP HXT  H N N 352 
TYR N    N N N 353 
TYR CA   C N S 354 
TYR C    C N N 355 
TYR O    O N N 356 
TYR CB   C N N 357 
TYR CG   C Y N 358 
TYR CD1  C Y N 359 
TYR CD2  C Y N 360 
TYR CE1  C Y N 361 
TYR CE2  C Y N 362 
TYR CZ   C Y N 363 
TYR OH   O N N 364 
TYR OXT  O N N 365 
TYR H    H N N 366 
TYR H2   H N N 367 
TYR HA   H N N 368 
TYR HB2  H N N 369 
TYR HB3  H N N 370 
TYR HD1  H N N 371 
TYR HD2  H N N 372 
TYR HE1  H N N 373 
TYR HE2  H N N 374 
TYR HH   H N N 375 
TYR HXT  H N N 376 
VAL N    N N N 377 
VAL CA   C N S 378 
VAL C    C N N 379 
VAL O    O N N 380 
VAL CB   C N N 381 
VAL CG1  C N N 382 
VAL CG2  C N N 383 
VAL OXT  O N N 384 
VAL H    H N N 385 
VAL H2   H N N 386 
VAL HA   H N N 387 
VAL HB   H N N 388 
VAL HG11 H N N 389 
VAL HG12 H N N 390 
VAL HG13 H N N 391 
VAL HG21 H N N 392 
VAL HG22 H N N 393 
VAL HG23 H N N 394 
VAL HXT  H N N 395 
# 
loop_
_chem_comp_bond.comp_id 
_chem_comp_bond.atom_id_1 
_chem_comp_bond.atom_id_2 
_chem_comp_bond.value_order 
_chem_comp_bond.pdbx_aromatic_flag 
_chem_comp_bond.pdbx_stereo_config 
_chem_comp_bond.pdbx_ordinal 
ALA N   CA   sing N N 1   
ALA N   H    sing N N 2   
ALA N   H2   sing N N 3   
ALA CA  C    sing N N 4   
ALA CA  CB   sing N N 5   
ALA CA  HA   sing N N 6   
ALA C   O    doub N N 7   
ALA C   OXT  sing N N 8   
ALA CB  HB1  sing N N 9   
ALA CB  HB2  sing N N 10  
ALA CB  HB3  sing N N 11  
ALA OXT HXT  sing N N 12  
ARG N   CA   sing N N 13  
ARG N   H    sing N N 14  
ARG N   H2   sing N N 15  
ARG CA  C    sing N N 16  
ARG CA  CB   sing N N 17  
ARG CA  HA   sing N N 18  
ARG C   O    doub N N 19  
ARG C   OXT  sing N N 20  
ARG CB  CG   sing N N 21  
ARG CB  HB2  sing N N 22  
ARG CB  HB3  sing N N 23  
ARG CG  CD   sing N N 24  
ARG CG  HG2  sing N N 25  
ARG CG  HG3  sing N N 26  
ARG CD  NE   sing N N 27  
ARG CD  HD2  sing N N 28  
ARG CD  HD3  sing N N 29  
ARG NE  CZ   sing N N 30  
ARG NE  HE   sing N N 31  
ARG CZ  NH1  sing N N 32  
ARG CZ  NH2  doub N N 33  
ARG NH1 HH11 sing N N 34  
ARG NH1 HH12 sing N N 35  
ARG NH2 HH21 sing N N 36  
ARG NH2 HH22 sing N N 37  
ARG OXT HXT  sing N N 38  
ASN N   CA   sing N N 39  
ASN N   H    sing N N 40  
ASN N   H2   sing N N 41  
ASN CA  C    sing N N 42  
ASN CA  CB   sing N N 43  
ASN CA  HA   sing N N 44  
ASN C   O    doub N N 45  
ASN C   OXT  sing N N 46  
ASN CB  CG   sing N N 47  
ASN CB  HB2  sing N N 48  
ASN CB  HB3  sing N N 49  
ASN CG  OD1  doub N N 50  
ASN CG  ND2  sing N N 51  
ASN ND2 HD21 sing N N 52  
ASN ND2 HD22 sing N N 53  
ASN OXT HXT  sing N N 54  
ASP N   CA   sing N N 55  
ASP N   H    sing N N 56  
ASP N   H2   sing N N 57  
ASP CA  C    sing N N 58  
ASP CA  CB   sing N N 59  
ASP CA  HA   sing N N 60  
ASP C   O    doub N N 61  
ASP C   OXT  sing N N 62  
ASP CB  CG   sing N N 63  
ASP CB  HB2  sing N N 64  
ASP CB  HB3  sing N N 65  
ASP CG  OD1  doub N N 66  
ASP CG  OD2  sing N N 67  
ASP OD2 HD2  sing N N 68  
ASP OXT HXT  sing N N 69  
GLN N   CA   sing N N 70  
GLN N   H    sing N N 71  
GLN N   H2   sing N N 72  
GLN CA  C    sing N N 73  
GLN CA  CB   sing N N 74  
GLN CA  HA   sing N N 75  
GLN C   O    doub N N 76  
GLN C   OXT  sing N N 77  
GLN CB  CG   sing N N 78  
GLN CB  HB2  sing N N 79  
GLN CB  HB3  sing N N 80  
GLN CG  CD   sing N N 81  
GLN CG  HG2  sing N N 82  
GLN CG  HG3  sing N N 83  
GLN CD  OE1  doub N N 84  
GLN CD  NE2  sing N N 85  
GLN NE2 HE21 sing N N 86  
GLN NE2 HE22 sing N N 87  
GLN OXT HXT  sing N N 88  
GLU N   CA   sing N N 89  
GLU N   H    sing N N 90  
GLU N   H2   sing N N 91  
GLU CA  C    sing N N 92  
GLU CA  CB   sing N N 93  
GLU CA  HA   sing N N 94  
GLU C   O    doub N N 95  
GLU C   OXT  sing N N 96  
GLU CB  CG   sing N N 97  
GLU CB  HB2  sing N N 98  
GLU CB  HB3  sing N N 99  
GLU CG  CD   sing N N 100 
GLU CG  HG2  sing N N 101 
GLU CG  HG3  sing N N 102 
GLU CD  OE1  doub N N 103 
GLU CD  OE2  sing N N 104 
GLU OE2 HE2  sing N N 105 
GLU OXT HXT  sing N N 106 
GLY N   CA   sing N N 107 
GLY N   H    sing N N 108 
GLY N   H2   sing N N 109 
GLY CA  C    sing N N 110 
GLY CA  HA2  sing N N 111 
GLY CA  HA3  sing N N 112 
GLY C   O    doub N N 113 
GLY C   OXT  sing N N 114 
GLY OXT HXT  sing N N 115 
GOL C1  O1   sing N N 116 
GOL C1  C2   sing N N 117 
GOL C1  H11  sing N N 118 
GOL C1  H12  sing N N 119 
GOL O1  HO1  sing N N 120 
GOL C2  O2   sing N N 121 
GOL C2  C3   sing N N 122 
GOL C2  H2   sing N N 123 
GOL O2  HO2  sing N N 124 
GOL C3  O3   sing N N 125 
GOL C3  H31  sing N N 126 
GOL C3  H32  sing N N 127 
GOL O3  HO3  sing N N 128 
HIS N   CA   sing N N 129 
HIS N   H    sing N N 130 
HIS N   H2   sing N N 131 
HIS CA  C    sing N N 132 
HIS CA  CB   sing N N 133 
HIS CA  HA   sing N N 134 
HIS C   O    doub N N 135 
HIS C   OXT  sing N N 136 
HIS CB  CG   sing N N 137 
HIS CB  HB2  sing N N 138 
HIS CB  HB3  sing N N 139 
HIS CG  ND1  sing Y N 140 
HIS CG  CD2  doub Y N 141 
HIS ND1 CE1  doub Y N 142 
HIS ND1 HD1  sing N N 143 
HIS CD2 NE2  sing Y N 144 
HIS CD2 HD2  sing N N 145 
HIS CE1 NE2  sing Y N 146 
HIS CE1 HE1  sing N N 147 
HIS NE2 HE2  sing N N 148 
HIS OXT HXT  sing N N 149 
HOH O   H1   sing N N 150 
HOH O   H2   sing N N 151 
ILE N   CA   sing N N 152 
ILE N   H    sing N N 153 
ILE N   H2   sing N N 154 
ILE CA  C    sing N N 155 
ILE CA  CB   sing N N 156 
ILE CA  HA   sing N N 157 
ILE C   O    doub N N 158 
ILE C   OXT  sing N N 159 
ILE CB  CG1  sing N N 160 
ILE CB  CG2  sing N N 161 
ILE CB  HB   sing N N 162 
ILE CG1 CD1  sing N N 163 
ILE CG1 HG12 sing N N 164 
ILE CG1 HG13 sing N N 165 
ILE CG2 HG21 sing N N 166 
ILE CG2 HG22 sing N N 167 
ILE CG2 HG23 sing N N 168 
ILE CD1 HD11 sing N N 169 
ILE CD1 HD12 sing N N 170 
ILE CD1 HD13 sing N N 171 
ILE OXT HXT  sing N N 172 
LEU N   CA   sing N N 173 
LEU N   H    sing N N 174 
LEU N   H2   sing N N 175 
LEU CA  C    sing N N 176 
LEU CA  CB   sing N N 177 
LEU CA  HA   sing N N 178 
LEU C   O    doub N N 179 
LEU C   OXT  sing N N 180 
LEU CB  CG   sing N N 181 
LEU CB  HB2  sing N N 182 
LEU CB  HB3  sing N N 183 
LEU CG  CD1  sing N N 184 
LEU CG  CD2  sing N N 185 
LEU CG  HG   sing N N 186 
LEU CD1 HD11 sing N N 187 
LEU CD1 HD12 sing N N 188 
LEU CD1 HD13 sing N N 189 
LEU CD2 HD21 sing N N 190 
LEU CD2 HD22 sing N N 191 
LEU CD2 HD23 sing N N 192 
LEU OXT HXT  sing N N 193 
LYS N   CA   sing N N 194 
LYS N   H    sing N N 195 
LYS N   H2   sing N N 196 
LYS CA  C    sing N N 197 
LYS CA  CB   sing N N 198 
LYS CA  HA   sing N N 199 
LYS C   O    doub N N 200 
LYS C   OXT  sing N N 201 
LYS CB  CG   sing N N 202 
LYS CB  HB2  sing N N 203 
LYS CB  HB3  sing N N 204 
LYS CG  CD   sing N N 205 
LYS CG  HG2  sing N N 206 
LYS CG  HG3  sing N N 207 
LYS CD  CE   sing N N 208 
LYS CD  HD2  sing N N 209 
LYS CD  HD3  sing N N 210 
LYS CE  NZ   sing N N 211 
LYS CE  HE2  sing N N 212 
LYS CE  HE3  sing N N 213 
LYS NZ  HZ1  sing N N 214 
LYS NZ  HZ2  sing N N 215 
LYS NZ  HZ3  sing N N 216 
LYS OXT HXT  sing N N 217 
MET N   CA   sing N N 218 
MET N   H    sing N N 219 
MET N   H2   sing N N 220 
MET CA  C    sing N N 221 
MET CA  CB   sing N N 222 
MET CA  HA   sing N N 223 
MET C   O    doub N N 224 
MET C   OXT  sing N N 225 
MET CB  CG   sing N N 226 
MET CB  HB2  sing N N 227 
MET CB  HB3  sing N N 228 
MET CG  SD   sing N N 229 
MET CG  HG2  sing N N 230 
MET CG  HG3  sing N N 231 
MET SD  CE   sing N N 232 
MET CE  HE1  sing N N 233 
MET CE  HE2  sing N N 234 
MET CE  HE3  sing N N 235 
MET OXT HXT  sing N N 236 
PHE N   CA   sing N N 237 
PHE N   H    sing N N 238 
PHE N   H2   sing N N 239 
PHE CA  C    sing N N 240 
PHE CA  CB   sing N N 241 
PHE CA  HA   sing N N 242 
PHE C   O    doub N N 243 
PHE C   OXT  sing N N 244 
PHE CB  CG   sing N N 245 
PHE CB  HB2  sing N N 246 
PHE CB  HB3  sing N N 247 
PHE CG  CD1  doub Y N 248 
PHE CG  CD2  sing Y N 249 
PHE CD1 CE1  sing Y N 250 
PHE CD1 HD1  sing N N 251 
PHE CD2 CE2  doub Y N 252 
PHE CD2 HD2  sing N N 253 
PHE CE1 CZ   doub Y N 254 
PHE CE1 HE1  sing N N 255 
PHE CE2 CZ   sing Y N 256 
PHE CE2 HE2  sing N N 257 
PHE CZ  HZ   sing N N 258 
PHE OXT HXT  sing N N 259 
PRO N   CA   sing N N 260 
PRO N   CD   sing N N 261 
PRO N   H    sing N N 262 
PRO CA  C    sing N N 263 
PRO CA  CB   sing N N 264 
PRO CA  HA   sing N N 265 
PRO C   O    doub N N 266 
PRO C   OXT  sing N N 267 
PRO CB  CG   sing N N 268 
PRO CB  HB2  sing N N 269 
PRO CB  HB3  sing N N 270 
PRO CG  CD   sing N N 271 
PRO CG  HG2  sing N N 272 
PRO CG  HG3  sing N N 273 
PRO CD  HD2  sing N N 274 
PRO CD  HD3  sing N N 275 
PRO OXT HXT  sing N N 276 
SER N   CA   sing N N 277 
SER N   H    sing N N 278 
SER N   H2   sing N N 279 
SER CA  C    sing N N 280 
SER CA  CB   sing N N 281 
SER CA  HA   sing N N 282 
SER C   O    doub N N 283 
SER C   OXT  sing N N 284 
SER CB  OG   sing N N 285 
SER CB  HB2  sing N N 286 
SER CB  HB3  sing N N 287 
SER OG  HG   sing N N 288 
SER OXT HXT  sing N N 289 
SO4 S   O1   doub N N 290 
SO4 S   O2   doub N N 291 
SO4 S   O3   sing N N 292 
SO4 S   O4   sing N N 293 
THR N   CA   sing N N 294 
THR N   H    sing N N 295 
THR N   H2   sing N N 296 
THR CA  C    sing N N 297 
THR CA  CB   sing N N 298 
THR CA  HA   sing N N 299 
THR C   O    doub N N 300 
THR C   OXT  sing N N 301 
THR CB  OG1  sing N N 302 
THR CB  CG2  sing N N 303 
THR CB  HB   sing N N 304 
THR OG1 HG1  sing N N 305 
THR CG2 HG21 sing N N 306 
THR CG2 HG22 sing N N 307 
THR CG2 HG23 sing N N 308 
THR OXT HXT  sing N N 309 
TRP N   CA   sing N N 310 
TRP N   H    sing N N 311 
TRP N   H2   sing N N 312 
TRP CA  C    sing N N 313 
TRP CA  CB   sing N N 314 
TRP CA  HA   sing N N 315 
TRP C   O    doub N N 316 
TRP C   OXT  sing N N 317 
TRP CB  CG   sing N N 318 
TRP CB  HB2  sing N N 319 
TRP CB  HB3  sing N N 320 
TRP CG  CD1  doub Y N 321 
TRP CG  CD2  sing Y N 322 
TRP CD1 NE1  sing Y N 323 
TRP CD1 HD1  sing N N 324 
TRP CD2 CE2  doub Y N 325 
TRP CD2 CE3  sing Y N 326 
TRP NE1 CE2  sing Y N 327 
TRP NE1 HE1  sing N N 328 
TRP CE2 CZ2  sing Y N 329 
TRP CE3 CZ3  doub Y N 330 
TRP CE3 HE3  sing N N 331 
TRP CZ2 CH2  doub Y N 332 
TRP CZ2 HZ2  sing N N 333 
TRP CZ3 CH2  sing Y N 334 
TRP CZ3 HZ3  sing N N 335 
TRP CH2 HH2  sing N N 336 
TRP OXT HXT  sing N N 337 
TYR N   CA   sing N N 338 
TYR N   H    sing N N 339 
TYR N   H2   sing N N 340 
TYR CA  C    sing N N 341 
TYR CA  CB   sing N N 342 
TYR CA  HA   sing N N 343 
TYR C   O    doub N N 344 
TYR C   OXT  sing N N 345 
TYR CB  CG   sing N N 346 
TYR CB  HB2  sing N N 347 
TYR CB  HB3  sing N N 348 
TYR CG  CD1  doub Y N 349 
TYR CG  CD2  sing Y N 350 
TYR CD1 CE1  sing Y N 351 
TYR CD1 HD1  sing N N 352 
TYR CD2 CE2  doub Y N 353 
TYR CD2 HD2  sing N N 354 
TYR CE1 CZ   doub Y N 355 
TYR CE1 HE1  sing N N 356 
TYR CE2 CZ   sing Y N 357 
TYR CE2 HE2  sing N N 358 
TYR CZ  OH   sing N N 359 
TYR OH  HH   sing N N 360 
TYR OXT HXT  sing N N 361 
VAL N   CA   sing N N 362 
VAL N   H    sing N N 363 
VAL N   H2   sing N N 364 
VAL CA  C    sing N N 365 
VAL CA  CB   sing N N 366 
VAL CA  HA   sing N N 367 
VAL C   O    doub N N 368 
VAL C   OXT  sing N N 369 
VAL CB  CG1  sing N N 370 
VAL CB  CG2  sing N N 371 
VAL CB  HB   sing N N 372 
VAL CG1 HG11 sing N N 373 
VAL CG1 HG12 sing N N 374 
VAL CG1 HG13 sing N N 375 
VAL CG2 HG21 sing N N 376 
VAL CG2 HG22 sing N N 377 
VAL CG2 HG23 sing N N 378 
VAL OXT HXT  sing N N 379 
# 
_atom_sites.entry_id                    3MD3 
_atom_sites.fract_transf_matrix[1][1]   -0.00705721 
_atom_sites.fract_transf_matrix[1][2]   0.01275300 
_atom_sites.fract_transf_matrix[1][3]   -0.01375655 
_atom_sites.fract_transf_matrix[2][1]   -0.01593300 
_atom_sites.fract_transf_matrix[2][2]   0.01142298 
_atom_sites.fract_transf_matrix[2][3]   0.00416375 
_atom_sites.fract_transf_matrix[3][1]   0.00254923 
_atom_sites.fract_transf_matrix[3][2]   0.00301395 
_atom_sites.fract_transf_matrix[3][3]   0.00148631 
_atom_sites.fract_transf_vector[1]      -0.552306 
_atom_sites.fract_transf_vector[2]      -0.478743 
_atom_sites.fract_transf_vector[3]      -0.100125 
# 
loop_
_atom_type.symbol 
C 
N 
O 
S 
# 
loop_
_atom_site.group_PDB 
_atom_site.id 
_atom_site.type_symbol 
_atom_site.label_atom_id 
_atom_site.label_alt_id 
_atom_site.label_comp_id 
_atom_site.label_asym_id 
_atom_site.label_entity_id 
_atom_site.label_seq_id 
_atom_site.pdbx_PDB_ins_code 
_atom_site.Cartn_x 
_atom_site.Cartn_y 
_atom_site.Cartn_z 
_atom_site.occupancy 
_atom_site.B_iso_or_equiv 
_atom_site.pdbx_formal_charge 
_atom_site.auth_seq_id 
_atom_site.auth_comp_id 
_atom_site.auth_asym_id 
_atom_site.auth_atom_id 
_atom_site.pdbx_PDB_model_num 
ATOM   1    N N   . ARG A 1 1   ? -1.091  -6.081  12.712  1.00 21.70 ? 75  ARG A N   1 
ATOM   2    C CA  . ARG A 1 1   ? -2.159  -6.954  13.200  1.00 20.69 ? 75  ARG A CA  1 
ATOM   3    C C   . ARG A 1 1   ? -3.042  -7.534  12.095  1.00 19.86 ? 75  ARG A C   1 
ATOM   4    O O   . ARG A 1 1   ? -3.853  -8.427  12.354  1.00 19.76 ? 75  ARG A O   1 
ATOM   5    C CB  . ARG A 1 1   ? -3.042  -6.208  14.207  1.00 20.80 ? 75  ARG A CB  1 
ATOM   6    C CG  . ARG A 1 1   ? -2.503  -6.156  15.623  1.00 20.90 ? 75  ARG A CG  1 
ATOM   7    C CD  . ARG A 1 1   ? -1.770  -4.861  15.885  1.00 21.70 ? 75  ARG A CD  1 
ATOM   8    N NE  . ARG A 1 1   ? -1.582  -4.623  17.313  1.00 22.21 ? 75  ARG A NE  1 
ATOM   9    C CZ  . ARG A 1 1   ? -2.416  -3.914  18.074  1.00 22.61 ? 75  ARG A CZ  1 
ATOM   10   N NH1 . ARG A 1 1   ? -2.144  -3.753  19.362  1.00 22.94 ? 75  ARG A NH1 1 
ATOM   11   N NH2 . ARG A 1 1   ? -3.509  -3.355  17.555  1.00 22.61 ? 75  ARG A NH2 1 
ATOM   12   N N   . VAL A 1 2   ? -2.894  -7.026  10.874  1.00 18.87 ? 76  VAL A N   1 
ATOM   13   C CA  . VAL A 1 2   ? -3.777  -7.412  9.773   1.00 17.90 ? 76  VAL A CA  1 
ATOM   14   C C   . VAL A 1 2   ? -3.078  -8.342  8.785   1.00 17.32 ? 76  VAL A C   1 
ATOM   15   O O   . VAL A 1 2   ? -2.006  -8.025  8.261   1.00 17.24 ? 76  VAL A O   1 
ATOM   16   C CB  . VAL A 1 2   ? -4.359  -6.174  9.033   1.00 17.89 ? 76  VAL A CB  1 
ATOM   17   C CG1 . VAL A 1 2   ? -5.324  -6.599  7.931   1.00 17.66 ? 76  VAL A CG1 1 
ATOM   18   C CG2 . VAL A 1 2   ? -5.061  -5.245  10.013  1.00 17.70 ? 76  VAL A CG2 1 
ATOM   19   N N   . LEU A 1 3   ? -3.696  -9.498  8.553   1.00 16.53 ? 77  LEU A N   1 
ATOM   20   C CA  . LEU A 1 3   ? -3.227  -10.443 7.549   1.00 15.80 ? 77  LEU A CA  1 
ATOM   21   C C   . LEU A 1 3   ? -4.102  -10.377 6.307   1.00 15.41 ? 77  LEU A C   1 
ATOM   22   O O   . LEU A 1 3   ? -5.330  -10.321 6.397   1.00 15.23 ? 77  LEU A O   1 
ATOM   23   C CB  . LEU A 1 3   ? -3.233  -11.878 8.089   1.00 15.73 ? 77  LEU A CB  1 
ATOM   24   C CG  . LEU A 1 3   ? -2.364  -12.291 9.279   1.00 15.32 ? 77  LEU A CG  1 
ATOM   25   C CD1 . LEU A 1 3   ? -2.613  -13.756 9.598   1.00 14.83 ? 77  LEU A CD1 1 
ATOM   26   C CD2 . LEU A 1 3   ? -0.886  -12.048 9.018   1.00 15.22 ? 77  LEU A CD2 1 
ATOM   27   N N   . TYR A 1 4   ? -3.456  -10.368 5.147   1.00 14.98 ? 78  TYR A N   1 
ATOM   28   C CA  . TYR A 1 4   ? -4.144  -10.570 3.885   1.00 14.56 ? 78  TYR A CA  1 
ATOM   29   C C   . TYR A 1 4   ? -4.182  -12.070 3.606   1.00 14.53 ? 78  TYR A C   1 
ATOM   30   O O   . TYR A 1 4   ? -3.166  -12.759 3.743   1.00 14.40 ? 78  TYR A O   1 
ATOM   31   C CB  . TYR A 1 4   ? -3.431  -9.827  2.751   1.00 14.36 ? 78  TYR A CB  1 
ATOM   32   C CG  . TYR A 1 4   ? -3.755  -10.366 1.375   1.00 13.65 ? 78  TYR A CG  1 
ATOM   33   C CD1 . TYR A 1 4   ? -4.816  -9.849  0.632   1.00 12.99 ? 78  TYR A CD1 1 
ATOM   34   C CD2 . TYR A 1 4   ? -3.006  -11.405 0.822   1.00 13.04 ? 78  TYR A CD2 1 
ATOM   35   C CE1 . TYR A 1 4   ? -5.115  -10.351 -0.630  1.00 12.66 ? 78  TYR A CE1 1 
ATOM   36   C CE2 . TYR A 1 4   ? -3.302  -11.918 -0.425  1.00 12.55 ? 78  TYR A CE2 1 
ATOM   37   C CZ  . TYR A 1 4   ? -4.351  -11.387 -1.147  1.00 12.54 ? 78  TYR A CZ  1 
ATOM   38   O OH  . TYR A 1 4   ? -4.624  -11.900 -2.390  1.00 12.61 ? 78  TYR A OH  1 
ATOM   39   N N   . VAL A 1 5   ? -5.355  -12.567 3.221   1.00 14.50 ? 79  VAL A N   1 
ATOM   40   C CA  . VAL A 1 5   ? -5.520  -13.975 2.857   1.00 14.57 ? 79  VAL A CA  1 
ATOM   41   C C   . VAL A 1 5   ? -6.021  -14.075 1.418   1.00 14.63 ? 79  VAL A C   1 
ATOM   42   O O   . VAL A 1 5   ? -7.118  -13.615 1.108   1.00 14.58 ? 79  VAL A O   1 
ATOM   43   C CB  . VAL A 1 5   ? -6.511  -14.704 3.798   1.00 14.63 ? 79  VAL A CB  1 
ATOM   44   C CG1 . VAL A 1 5   ? -6.444  -16.213 3.576   1.00 14.59 ? 79  VAL A CG1 1 
ATOM   45   C CG2 . VAL A 1 5   ? -6.236  -14.356 5.261   1.00 14.36 ? 79  VAL A CG2 1 
ATOM   46   N N   . GLY A 1 6   ? -5.213  -14.677 0.549   1.00 14.76 ? 80  GLY A N   1 
ATOM   47   C CA  . GLY A 1 6   ? -5.535  -14.773 -0.875  1.00 15.06 ? 80  GLY A CA  1 
ATOM   48   C C   . GLY A 1 6   ? -5.818  -16.177 -1.377  1.00 15.30 ? 80  GLY A C   1 
ATOM   49   O O   . GLY A 1 6   ? -5.648  -17.154 -0.645  1.00 15.23 ? 80  GLY A O   1 
ATOM   50   N N   . ASN A 1 7   ? -6.252  -16.260 -2.637  1.00 15.63 ? 81  ASN A N   1 
ATOM   51   C CA  . ASN A 1 7   ? -6.586  -17.524 -3.308  1.00 16.06 ? 81  ASN A CA  1 
ATOM   52   C C   . ASN A 1 7   ? -7.693  -18.320 -2.591  1.00 16.46 ? 81  ASN A C   1 
ATOM   53   O O   . ASN A 1 7   ? -7.673  -19.552 -2.555  1.00 16.59 ? 81  ASN A O   1 
ATOM   54   C CB  . ASN A 1 7   ? -5.318  -18.370 -3.527  1.00 16.01 ? 81  ASN A CB  1 
ATOM   55   C CG  . ASN A 1 7   ? -5.509  -19.478 -4.558  1.00 15.92 ? 81  ASN A CG  1 
ATOM   56   O OD1 . ASN A 1 7   ? -4.949  -20.562 -4.418  1.00 15.89 ? 81  ASN A OD1 1 
ATOM   57   N ND2 . ASN A 1 7   ? -6.295  -19.209 -5.595  1.00 15.49 ? 81  ASN A ND2 1 
ATOM   58   N N   . LEU A 1 8   ? -8.661  -17.598 -2.031  1.00 16.88 ? 82  LEU A N   1 
ATOM   59   C CA  . LEU A 1 8   ? -9.741  -18.206 -1.262  1.00 17.22 ? 82  LEU A CA  1 
ATOM   60   C C   . LEU A 1 8   ? -10.811 -18.836 -2.138  1.00 17.61 ? 82  LEU A C   1 
ATOM   61   O O   . LEU A 1 8   ? -11.378 -18.175 -3.012  1.00 17.65 ? 82  LEU A O   1 
ATOM   62   C CB  . LEU A 1 8   ? -10.400 -17.174 -0.343  1.00 17.18 ? 82  LEU A CB  1 
ATOM   63   C CG  . LEU A 1 8   ? -9.727  -16.744 0.958   1.00 17.03 ? 82  LEU A CG  1 
ATOM   64   C CD1 . LEU A 1 8   ? -10.629 -15.763 1.693   1.00 16.87 ? 82  LEU A CD1 1 
ATOM   65   C CD2 . LEU A 1 8   ? -9.383  -17.933 1.841   1.00 16.62 ? 82  LEU A CD2 1 
ATOM   66   N N   . ASP A 1 9   ? -11.093 -20.113 -1.880  1.00 18.11 ? 83  ASP A N   1 
ATOM   67   C CA  . ASP A 1 9   ? -12.240 -20.797 -2.467  1.00 18.53 ? 83  ASP A CA  1 
ATOM   68   C C   . ASP A 1 9   ? -13.491 -19.957 -2.211  1.00 18.81 ? 83  ASP A C   1 
ATOM   69   O O   . ASP A 1 9   ? -13.728 -19.511 -1.086  1.00 18.90 ? 83  ASP A O   1 
ATOM   70   C CB  . ASP A 1 9   ? -12.384 -22.199 -1.852  0.70 18.55 ? 83  ASP A CB  1 
ATOM   71   C CG  . ASP A 1 9   ? -13.498 -23.032 -2.491  0.60 18.50 ? 83  ASP A CG  1 
ATOM   72   O OD1 . ASP A 1 9   ? -13.642 -24.207 -2.087  0.60 18.63 ? 83  ASP A OD1 1 
ATOM   73   O OD2 . ASP A 1 9   ? -14.232 -22.535 -3.381  0.60 18.48 ? 83  ASP A OD2 1 
ATOM   74   N N   . LYS A 1 10  ? -14.281 -19.740 -3.262  1.00 19.07 ? 84  LYS A N   1 
ATOM   75   C CA  . LYS A 1 10  ? -15.451 -18.861 -3.194  1.00 19.33 ? 84  LYS A CA  1 
ATOM   76   C C   . LYS A 1 10  ? -16.567 -19.350 -2.269  1.00 19.41 ? 84  LYS A C   1 
ATOM   77   O O   . LYS A 1 10  ? -17.470 -18.584 -1.913  1.00 19.50 ? 84  LYS A O   1 
ATOM   78   C CB  . LYS A 1 10  ? -16.006 -18.601 -4.595  1.00 19.40 ? 84  LYS A CB  1 
ATOM   79   C CG  . LYS A 1 10  ? -15.347 -17.419 -5.289  1.00 20.06 ? 84  LYS A CG  1 
ATOM   80   C CD  . LYS A 1 10  ? -16.135 -17.026 -6.546  0.80 20.74 ? 84  LYS A CD  1 
ATOM   81   C CE  . LYS A 1 10  ? -16.074 -15.517 -6.794  0.80 21.06 ? 84  LYS A CE  1 
ATOM   82   N NZ  . LYS A 1 10  ? -17.174 -14.839 -5.815  1.00 21.06 ? 84  LYS A NZ  1 
ATOM   83   N N   . ALA A 1 11  ? -16.501 -20.623 -1.883  1.00 19.50 ? 85  ALA A N   1 
ATOM   84   C CA  . ALA A 1 11  ? -17.468 -21.197 -0.952  1.00 19.51 ? 85  ALA A CA  1 
ATOM   85   C C   . ALA A 1 11  ? -17.087 -20.923 0.506   1.00 19.48 ? 85  ALA A C   1 
ATOM   86   O O   . ALA A 1 11  ? -17.907 -21.101 1.411   1.00 19.43 ? 85  ALA A O   1 
ATOM   87   C CB  . ALA A 1 11  ? -17.625 -22.692 -1.199  1.00 19.55 ? 85  ALA A CB  1 
ATOM   88   N N   . ILE A 1 12  ? -15.845 -20.489 0.724   1.00 19.47 ? 86  ILE A N   1 
ATOM   89   C CA  . ILE A 1 12  ? -15.366 -20.146 2.063   1.00 19.47 ? 86  ILE A CA  1 
ATOM   90   C C   . ILE A 1 12  ? -16.062 -18.889 2.577   1.00 19.53 ? 86  ILE A C   1 
ATOM   91   O O   . ILE A 1 12  ? -16.075 -17.846 1.915   1.00 19.41 ? 86  ILE A O   1 
ATOM   92   C CB  . ILE A 1 12  ? -13.823 -19.982 2.118   1.00 19.41 ? 86  ILE A CB  1 
ATOM   93   C CG1 . ILE A 1 12  ? -13.137 -21.342 1.956   1.00 19.39 ? 86  ILE A CG1 1 
ATOM   94   C CG2 . ILE A 1 12  ? -13.386 -19.328 3.434   1.00 19.46 ? 86  ILE A CG2 1 
ATOM   95   C CD1 . ILE A 1 12  ? -11.640 -21.262 1.706   1.00 19.42 ? 86  ILE A CD1 1 
ATOM   96   N N   . THR A 1 13  ? -16.654 -19.018 3.759   1.00 19.66 ? 87  THR A N   1 
ATOM   97   C CA  . THR A 1 13  ? -17.367 -17.927 4.397   1.00 19.77 ? 87  THR A CA  1 
ATOM   98   C C   . THR A 1 13  ? -16.527 -17.352 5.526   1.00 19.96 ? 87  THR A C   1 
ATOM   99   O O   . THR A 1 13  ? -15.424 -17.828 5.798   1.00 20.02 ? 87  THR A O   1 
ATOM   100  C CB  . THR A 1 13  ? -18.721 -18.402 4.957   1.00 19.73 ? 87  THR A CB  1 
ATOM   101  O OG1 . THR A 1 13  ? -18.499 -19.319 6.036   1.00 19.72 ? 87  THR A OG1 1 
ATOM   102  C CG2 . THR A 1 13  ? -19.536 -19.088 3.871   1.00 19.55 ? 87  THR A CG2 1 
ATOM   103  N N   . GLU A 1 14  ? -17.057 -16.319 6.171   1.00 20.25 ? 88  GLU A N   1 
ATOM   104  C CA  . GLU A 1 14  ? -16.423 -15.703 7.326   1.00 20.59 ? 88  GLU A CA  1 
ATOM   105  C C   . GLU A 1 14  ? -16.303 -16.705 8.471   1.00 20.70 ? 88  GLU A C   1 
ATOM   106  O O   . GLU A 1 14  ? -15.273 -16.769 9.147   1.00 20.80 ? 88  GLU A O   1 
ATOM   107  C CB  . GLU A 1 14  ? -17.243 -14.498 7.775   1.00 20.66 ? 88  GLU A CB  1 
ATOM   108  C CG  . GLU A 1 14  ? -16.434 -13.427 8.453   1.00 21.31 ? 88  GLU A CG  1 
ATOM   109  C CD  . GLU A 1 14  ? -17.255 -12.201 8.775   1.00 22.20 ? 88  GLU A CD  1 
ATOM   110  O OE1 . GLU A 1 14  ? -17.210 -11.232 7.982   1.00 22.18 ? 88  GLU A OE1 1 
ATOM   111  O OE2 . GLU A 1 14  ? -17.951 -12.215 9.817   1.00 22.66 ? 88  GLU A OE2 1 
ATOM   112  N N   . ASP A 1 15  ? -17.364 -17.486 8.669   1.00 20.87 ? 89  ASP A N   1 
ATOM   113  C CA  . ASP A 1 15  ? -17.421 -18.504 9.715   1.00 21.00 ? 89  ASP A CA  1 
ATOM   114  C C   . ASP A 1 15  ? -16.366 -19.592 9.524   1.00 20.98 ? 89  ASP A C   1 
ATOM   115  O O   . ASP A 1 15  ? -15.763 -20.045 10.496  1.00 21.13 ? 89  ASP A O   1 
ATOM   116  C CB  . ASP A 1 15  ? -18.819 -19.124 9.786   1.00 21.04 ? 89  ASP A CB  1 
ATOM   117  C CG  . ASP A 1 15  ? -19.875 -18.139 10.269  1.00 21.55 ? 89  ASP A CG  1 
ATOM   118  O OD1 . ASP A 1 15  ? -19.584 -17.333 11.183  1.00 21.40 ? 89  ASP A OD1 1 
ATOM   119  O OD2 . ASP A 1 15  ? -21.007 -18.180 9.737   1.00 22.50 ? 89  ASP A OD2 1 
ATOM   120  N N   . ILE A 1 16  ? -16.154 -20.003 8.273   1.00 20.90 ? 90  ILE A N   1 
ATOM   121  C CA  . ILE A 1 16  ? -15.121 -20.987 7.941   1.00 20.81 ? 90  ILE A CA  1 
ATOM   122  C C   . ILE A 1 16  ? -13.725 -20.396 8.162   1.00 20.85 ? 90  ILE A C   1 
ATOM   123  O O   . ILE A 1 16  ? -12.847 -21.061 8.716   1.00 20.85 ? 90  ILE A O   1 
ATOM   124  C CB  . ILE A 1 16  ? -15.309 -21.559 6.505   1.00 20.79 ? 90  ILE A CB  1 
ATOM   125  C CG1 . ILE A 1 16  ? -16.518 -22.504 6.482   1.00 20.68 ? 90  ILE A CG1 1 
ATOM   126  C CG2 . ILE A 1 16  ? -14.046 -22.287 6.020   1.00 20.61 ? 90  ILE A CG2 1 
ATOM   127  C CD1 . ILE A 1 16  ? -17.011 -22.888 5.083   1.00 20.56 ? 90  ILE A CD1 1 
ATOM   128  N N   . LEU A 1 17  ? -13.538 -19.141 7.759   1.00 20.91 ? 91  LEU A N   1 
ATOM   129  C CA  . LEU A 1 17  ? -12.289 -18.421 8.021   1.00 20.95 ? 91  LEU A CA  1 
ATOM   130  C C   . LEU A 1 17  ? -11.970 -18.307 9.510   1.00 21.04 ? 91  LEU A C   1 
ATOM   131  O O   . LEU A 1 17  ? -10.809 -18.421 9.910   1.00 21.02 ? 91  LEU A O   1 
ATOM   132  C CB  . LEU A 1 17  ? -12.317 -17.024 7.403   1.00 20.90 ? 91  LEU A CB  1 
ATOM   133  C CG  . LEU A 1 17  ? -11.767 -16.830 5.992   1.00 20.81 ? 91  LEU A CG  1 
ATOM   134  C CD1 . LEU A 1 17  ? -11.556 -15.359 5.779   1.00 20.57 ? 91  LEU A CD1 1 
ATOM   135  C CD2 . LEU A 1 17  ? -10.458 -17.578 5.782   1.00 20.80 ? 91  LEU A CD2 1 
ATOM   136  N N   . LYS A 1 18  ? -13.001 -18.079 10.322  1.00 21.08 ? 92  LYS A N   1 
ATOM   137  C CA  . LYS A 1 18  ? -12.817 -17.950 11.760  1.00 21.20 ? 92  LYS A CA  1 
ATOM   138  C C   . LYS A 1 18  ? -12.340 -19.253 12.400  1.00 21.14 ? 92  LYS A C   1 
ATOM   139  O O   . LYS A 1 18  ? -11.479 -19.223 13.279  1.00 21.13 ? 92  LYS A O   1 
ATOM   140  C CB  . LYS A 1 18  ? -14.091 -17.459 12.452  1.00 21.35 ? 92  LYS A CB  1 
ATOM   141  C CG  . LYS A 1 18  ? -13.829 -16.891 13.844  1.00 21.86 ? 92  LYS A CG  1 
ATOM   142  C CD  . LYS A 1 18  ? -14.974 -17.167 14.796  1.00 23.14 ? 92  LYS A CD  1 
ATOM   143  C CE  . LYS A 1 18  ? -14.557 -16.900 16.240  1.00 23.84 ? 92  LYS A CE  1 
ATOM   144  N NZ  . LYS A 1 18  ? -15.531 -17.478 17.211  1.00 24.28 ? 92  LYS A NZ  1 
ATOM   145  N N   . GLN A 1 19  ? -12.880 -20.390 11.960  1.00 21.00 ? 93  GLN A N   1 
ATOM   146  C CA  . GLN A 1 19  ? -12.509 -21.666 12.574  1.00 21.00 ? 93  GLN A CA  1 
ATOM   147  C C   . GLN A 1 19  ? -11.063 -22.074 12.267  1.00 20.74 ? 93  GLN A C   1 
ATOM   148  O O   . GLN A 1 19  ? -10.461 -22.841 13.021  1.00 20.75 ? 93  GLN A O   1 
ATOM   149  C CB  . GLN A 1 19  ? -13.515 -22.788 12.255  1.00 21.14 ? 93  GLN A CB  1 
ATOM   150  C CG  . GLN A 1 19  ? -13.295 -23.544 10.956  1.00 21.94 ? 93  GLN A CG  1 
ATOM   151  C CD  . GLN A 1 19  ? -13.605 -25.031 11.100  1.00 23.09 ? 93  GLN A CD  1 
ATOM   152  O OE1 . GLN A 1 19  ? -14.703 -25.488 10.767  1.00 23.47 ? 93  GLN A OE1 1 
ATOM   153  N NE2 . GLN A 1 19  ? -12.638 -25.789 11.615  1.00 23.30 ? 93  GLN A NE2 1 
ATOM   154  N N   . TYR A 1 20  ? -10.511 -21.548 11.175  1.00 20.37 ? 94  TYR A N   1 
ATOM   155  C CA  . TYR A 1 20  ? -9.106  -21.774 10.847  1.00 20.01 ? 94  TYR A CA  1 
ATOM   156  C C   . TYR A 1 20  ? -8.190  -20.727 11.470  1.00 19.92 ? 94  TYR A C   1 
ATOM   157  O O   . TYR A 1 20  ? -7.210  -21.073 12.124  1.00 19.86 ? 94  TYR A O   1 
ATOM   158  C CB  . TYR A 1 20  ? -8.892  -21.850 9.334   1.00 19.89 ? 94  TYR A CB  1 
ATOM   159  C CG  . TYR A 1 20  ? -9.365  -23.149 8.724   1.00 19.66 ? 94  TYR A CG  1 
ATOM   160  C CD1 . TYR A 1 20  ? -10.688 -23.301 8.313   1.00 19.39 ? 94  TYR A CD1 1 
ATOM   161  C CD2 . TYR A 1 20  ? -8.494  -24.227 8.563   1.00 19.21 ? 94  TYR A CD2 1 
ATOM   162  C CE1 . TYR A 1 20  ? -11.136 -24.487 7.757   1.00 19.22 ? 94  TYR A CE1 1 
ATOM   163  C CE2 . TYR A 1 20  ? -8.933  -25.424 8.004   1.00 19.14 ? 94  TYR A CE2 1 
ATOM   164  C CZ  . TYR A 1 20  ? -10.257 -25.543 7.603   1.00 19.33 ? 94  TYR A CZ  1 
ATOM   165  O OH  . TYR A 1 20  ? -10.715 -26.715 7.045   1.00 19.47 ? 94  TYR A OH  1 
ATOM   166  N N   . PHE A 1 21  ? -8.527  -19.452 11.283  1.00 19.84 ? 95  PHE A N   1 
ATOM   167  C CA  . PHE A 1 21  ? -7.655  -18.350 11.698  1.00 19.72 ? 95  PHE A CA  1 
ATOM   168  C C   . PHE A 1 21  ? -7.670  -18.027 13.195  1.00 19.78 ? 95  PHE A C   1 
ATOM   169  O O   . PHE A 1 21  ? -6.837  -17.254 13.672  1.00 19.78 ? 95  PHE A O   1 
ATOM   170  C CB  . PHE A 1 21  ? -7.908  -17.107 10.837  1.00 19.65 ? 95  PHE A CB  1 
ATOM   171  C CG  . PHE A 1 21  ? -7.221  -17.161 9.503   1.00 19.30 ? 95  PHE A CG  1 
ATOM   172  C CD1 . PHE A 1 21  ? -7.794  -17.850 8.436   1.00 18.94 ? 95  PHE A CD1 1 
ATOM   173  C CD2 . PHE A 1 21  ? -5.985  -16.549 9.320   1.00 19.01 ? 95  PHE A CD2 1 
ATOM   174  C CE1 . PHE A 1 21  ? -7.153  -17.918 7.205   1.00 18.80 ? 95  PHE A CE1 1 
ATOM   175  C CE2 . PHE A 1 21  ? -5.336  -16.609 8.092   1.00 18.90 ? 95  PHE A CE2 1 
ATOM   176  C CZ  . PHE A 1 21  ? -5.922  -17.298 7.033   1.00 18.92 ? 95  PHE A CZ  1 
ATOM   177  N N   . GLN A 1 22  ? -8.601  -18.636 13.930  1.00 19.85 ? 96  GLN A N   1 
ATOM   178  C CA  . GLN A 1 22  ? -8.621  -18.549 15.393  1.00 19.90 ? 96  GLN A CA  1 
ATOM   179  C C   . GLN A 1 22  ? -7.402  -19.258 15.990  1.00 19.92 ? 96  GLN A C   1 
ATOM   180  O O   . GLN A 1 22  ? -7.084  -19.079 17.169  1.00 19.96 ? 96  GLN A O   1 
ATOM   181  C CB  . GLN A 1 22  ? -9.916  -19.148 15.959  1.00 19.91 ? 96  GLN A CB  1 
ATOM   182  C CG  . GLN A 1 22  ? -10.033 -20.674 15.818  1.00 19.97 ? 96  GLN A CG  1 
ATOM   183  C CD  . GLN A 1 22  ? -11.370 -21.233 16.288  1.00 20.05 ? 96  GLN A CD  1 
ATOM   184  O OE1 . GLN A 1 22  ? -11.745 -22.352 15.927  1.00 19.79 ? 96  GLN A OE1 1 
ATOM   185  N NE2 . GLN A 1 22  ? -12.093 -20.461 17.099  1.00 19.83 ? 96  GLN A NE2 1 
ATOM   186  N N   . VAL A 1 23  ? -6.728  -20.051 15.156  1.00 19.94 ? 97  VAL A N   1 
ATOM   187  C CA  . VAL A 1 23  ? -5.548  -20.830 15.536  1.00 20.03 ? 97  VAL A CA  1 
ATOM   188  C C   . VAL A 1 23  ? -4.416  -19.974 16.121  1.00 20.14 ? 97  VAL A C   1 
ATOM   189  O O   . VAL A 1 23  ? -3.519  -20.496 16.786  1.00 20.19 ? 97  VAL A O   1 
ATOM   190  C CB  . VAL A 1 23  ? -5.023  -21.665 14.328  1.00 20.01 ? 97  VAL A CB  1 
ATOM   191  C CG1 . VAL A 1 23  ? -4.119  -20.830 13.417  1.00 19.90 ? 97  VAL A CG1 1 
ATOM   192  C CG2 . VAL A 1 23  ? -4.302  -22.912 14.802  1.00 20.20 ? 97  VAL A CG2 1 
ATOM   193  N N   . GLY A 1 24  ? -4.472  -18.666 15.874  1.00 20.21 ? 98  GLY A N   1 
ATOM   194  C CA  . GLY A 1 24  ? -3.427  -17.744 16.305  1.00 20.26 ? 98  GLY A CA  1 
ATOM   195  C C   . GLY A 1 24  ? -3.771  -16.964 17.559  1.00 20.32 ? 98  GLY A C   1 
ATOM   196  O O   . GLY A 1 24  ? -2.878  -16.476 18.253  1.00 20.33 ? 98  GLY A O   1 
ATOM   197  N N   . GLY A 1 25  ? -5.065  -16.857 17.852  1.00 20.38 ? 99  GLY A N   1 
ATOM   198  C CA  . GLY A 1 25  ? -5.547  -16.077 18.989  1.00 20.53 ? 99  GLY A CA  1 
ATOM   199  C C   . GLY A 1 25  ? -6.870  -15.401 18.677  1.00 20.71 ? 99  GLY A C   1 
ATOM   200  O O   . GLY A 1 25  ? -7.455  -15.653 17.622  1.00 20.74 ? 99  GLY A O   1 
ATOM   201  N N   . PRO A 1 26  ? -7.358  -14.542 19.594  1.00 20.85 ? 100 PRO A N   1 
ATOM   202  C CA  . PRO A 1 26  ? -8.625  -13.826 19.398  1.00 20.96 ? 100 PRO A CA  1 
ATOM   203  C C   . PRO A 1 26  ? -8.616  -12.913 18.167  1.00 21.11 ? 100 PRO A C   1 
ATOM   204  O O   . PRO A 1 26  ? -7.689  -12.116 17.981  1.00 21.06 ? 100 PRO A O   1 
ATOM   205  C CB  . PRO A 1 26  ? -8.758  -12.996 20.679  1.00 20.90 ? 100 PRO A CB  1 
ATOM   206  C CG  . PRO A 1 26  ? -7.948  -13.727 21.684  1.00 20.88 ? 100 PRO A CG  1 
ATOM   207  C CD  . PRO A 1 26  ? -6.783  -14.271 20.925  1.00 20.83 ? 100 PRO A CD  1 
ATOM   208  N N   . ILE A 1 27  ? -9.647  -13.045 17.337  1.00 21.24 ? 101 ILE A N   1 
ATOM   209  C CA  . ILE A 1 27  ? -9.782  -12.248 16.122  1.00 21.28 ? 101 ILE A CA  1 
ATOM   210  C C   . ILE A 1 27  ? -10.697 -11.054 16.374  1.00 21.52 ? 101 ILE A C   1 
ATOM   211  O O   . ILE A 1 27  ? -11.838 -11.220 16.814  1.00 21.62 ? 101 ILE A O   1 
ATOM   212  C CB  . ILE A 1 27  ? -10.345 -13.084 14.952  1.00 21.16 ? 101 ILE A CB  1 
ATOM   213  C CG1 . ILE A 1 27  ? -9.418  -14.263 14.632  1.00 20.87 ? 101 ILE A CG1 1 
ATOM   214  C CG2 . ILE A 1 27  ? -10.570 -12.203 13.730  1.00 21.12 ? 101 ILE A CG2 1 
ATOM   215  C CD1 . ILE A 1 27  ? -10.073 -15.368 13.819  1.00 20.51 ? 101 ILE A CD1 1 
ATOM   216  N N   . ALA A 1 28  ? -10.191 -9.856  16.087  1.00 21.74 ? 102 ALA A N   1 
ATOM   217  C CA  . ALA A 1 28  ? -10.958 -8.626  16.258  1.00 21.95 ? 102 ALA A CA  1 
ATOM   218  C C   . ALA A 1 28  ? -11.941 -8.401  15.112  1.00 22.21 ? 102 ALA A C   1 
ATOM   219  O O   . ALA A 1 28  ? -13.048 -7.912  15.332  1.00 22.25 ? 102 ALA A O   1 
ATOM   220  C CB  . ALA A 1 28  ? -10.026 -7.436  16.403  1.00 21.92 ? 102 ALA A CB  1 
ATOM   221  N N   . ASN A 1 29  ? -11.533 -8.760  13.895  1.00 22.58 ? 103 ASN A N   1 
ATOM   222  C CA  . ASN A 1 29  ? -12.360 -8.563  12.704  1.00 22.93 ? 103 ASN A CA  1 
ATOM   223  C C   . ASN A 1 29  ? -11.982 -9.483  11.542  1.00 23.08 ? 103 ASN A C   1 
ATOM   224  O O   . ASN A 1 29  ? -10.799 -9.761  11.315  1.00 23.03 ? 103 ASN A O   1 
ATOM   225  C CB  . ASN A 1 29  ? -12.298 -7.099  12.242  1.00 22.97 ? 103 ASN A CB  1 
ATOM   226  C CG  . ASN A 1 29  ? -13.317 -6.780  11.160  1.00 23.35 ? 103 ASN A CG  1 
ATOM   227  O OD1 . ASN A 1 29  ? -14.527 -6.814  11.395  1.00 23.64 ? 103 ASN A OD1 1 
ATOM   228  N ND2 . ASN A 1 29  ? -12.829 -6.460  9.965   1.00 23.52 ? 103 ASN A ND2 1 
ATOM   229  N N   . ILE A 1 30  ? -13.001 -9.954  10.822  1.00 23.28 ? 104 ILE A N   1 
ATOM   230  C CA  . ILE A 1 30  ? -12.819 -10.674 9.561   1.00 23.56 ? 104 ILE A CA  1 
ATOM   231  C C   . ILE A 1 30  ? -13.617 -9.955  8.479   1.00 23.73 ? 104 ILE A C   1 
ATOM   232  O O   . ILE A 1 30  ? -14.782 -9.610  8.688   1.00 23.82 ? 104 ILE A O   1 
ATOM   233  C CB  . ILE A 1 30  ? -13.322 -12.143 9.622   1.00 23.55 ? 104 ILE A CB  1 
ATOM   234  C CG1 . ILE A 1 30  ? -12.843 -12.870 10.887  1.00 23.60 ? 104 ILE A CG1 1 
ATOM   235  C CG2 . ILE A 1 30  ? -12.925 -12.904 8.346   1.00 23.55 ? 104 ILE A CG2 1 
ATOM   236  C CD1 . ILE A 1 30  ? -11.597 -13.715 10.699  1.00 23.72 ? 104 ILE A CD1 1 
ATOM   237  N N   . LYS A 1 31  ? -12.993 -9.738  7.328   1.00 23.98 ? 105 LYS A N   1 
ATOM   238  C CA  . LYS A 1 31  ? -13.668 -9.128  6.188   1.00 24.24 ? 105 LYS A CA  1 
ATOM   239  C C   . LYS A 1 31  ? -13.307 -9.876  4.909   1.00 24.35 ? 105 LYS A C   1 
ATOM   240  O O   . LYS A 1 31  ? -12.162 -9.818  4.455   1.00 24.30 ? 105 LYS A O   1 
ATOM   241  C CB  . LYS A 1 31  ? -13.294 -7.640  6.070   1.00 24.26 ? 105 LYS A CB  1 
ATOM   242  C CG  . LYS A 1 31  ? -14.239 -6.839  5.133   1.00 24.42 ? 105 LYS A CG  1 
ATOM   243  N N   . ILE A 1 32  ? -14.282 -10.589 4.346   1.00 24.54 ? 106 ILE A N   1 
ATOM   244  C CA  . ILE A 1 32  ? -14.100 -11.277 3.068   1.00 24.72 ? 106 ILE A CA  1 
ATOM   245  C C   . ILE A 1 32  ? -14.546 -10.390 1.911   1.00 24.90 ? 106 ILE A C   1 
ATOM   246  O O   . ILE A 1 32  ? -15.637 -9.812  1.935   1.00 24.76 ? 106 ILE A O   1 
ATOM   247  C CB  . ILE A 1 32  ? -14.840 -12.641 3.004   1.00 24.69 ? 106 ILE A CB  1 
ATOM   248  C CG1 . ILE A 1 32  ? -14.224 -13.630 3.994   1.00 24.71 ? 106 ILE A CG1 1 
ATOM   249  C CG2 . ILE A 1 32  ? -14.786 -13.225 1.591   1.00 24.63 ? 106 ILE A CG2 1 
ATOM   250  C CD1 . ILE A 1 32  ? -14.628 -15.089 3.762   1.00 24.94 ? 106 ILE A CD1 1 
ATOM   251  N N   . MET A 1 33  ? -13.685 -10.291 0.902   1.00 25.24 ? 107 MET A N   1 
ATOM   252  C CA  . MET A 1 33  ? -13.976 -9.520  -0.294  1.00 25.64 ? 107 MET A CA  1 
ATOM   253  C C   . MET A 1 33  ? -14.502 -10.439 -1.390  1.00 25.99 ? 107 MET A C   1 
ATOM   254  O O   . MET A 1 33  ? -13.730 -11.117 -2.072  1.00 26.01 ? 107 MET A O   1 
ATOM   255  C CB  . MET A 1 33  ? -12.728 -8.762  -0.755  1.00 25.59 ? 107 MET A CB  1 
ATOM   256  C CG  . MET A 1 33  ? -12.121 -7.864  0.316   1.00 25.57 ? 107 MET A CG  1 
ATOM   257  S SD  . MET A 1 33  ? -13.257 -6.571  0.853   1.00 25.72 ? 107 MET A SD  1 
ATOM   258  C CE  . MET A 1 33  ? -12.265 -5.726  2.078   1.00 25.97 ? 107 MET A CE  1 
ATOM   259  N N   . ILE A 1 34  ? -15.827 -10.464 -1.534  1.00 26.50 ? 108 ILE A N   1 
ATOM   260  C CA  . ILE A 1 34  ? -16.507 -11.312 -2.510  1.00 27.00 ? 108 ILE A CA  1 
ATOM   261  C C   . ILE A 1 34  ? -16.400 -10.700 -3.897  1.00 27.51 ? 108 ILE A C   1 
ATOM   262  O O   . ILE A 1 34  ? -16.796 -9.553  -4.111  1.00 27.57 ? 108 ILE A O   1 
ATOM   263  C CB  . ILE A 1 34  ? -18.019 -11.486 -2.174  1.00 26.97 ? 108 ILE A CB  1 
ATOM   264  C CG1 . ILE A 1 34  ? -18.248 -11.791 -0.682  1.00 26.95 ? 108 ILE A CG1 1 
ATOM   265  C CG2 . ILE A 1 34  ? -18.676 -12.525 -3.097  1.00 26.85 ? 108 ILE A CG2 1 
ATOM   266  C CD1 . ILE A 1 34  ? -17.919 -13.212 -0.251  1.00 26.92 ? 108 ILE A CD1 1 
ATOM   267  N N   . ASP A 1 35  ? -15.858 -11.471 -4.836  1.00 28.22 ? 109 ASP A N   1 
ATOM   268  C CA  . ASP A 1 35  ? -15.807 -11.060 -6.233  1.00 28.93 ? 109 ASP A CA  1 
ATOM   269  C C   . ASP A 1 35  ? -17.206 -11.128 -6.837  1.00 29.31 ? 109 ASP A C   1 
ATOM   270  O O   . ASP A 1 35  ? -17.883 -12.157 -6.745  1.00 29.36 ? 109 ASP A O   1 
ATOM   271  C CB  . ASP A 1 35  ? -14.843 -11.943 -7.023  1.00 29.00 ? 109 ASP A CB  1 
ATOM   272  C CG  . ASP A 1 35  ? -14.732 -11.525 -8.476  1.00 29.58 ? 109 ASP A CG  1 
ATOM   273  O OD1 . ASP A 1 35  ? -15.251 -12.263 -9.351  1.00 30.24 ? 109 ASP A OD1 1 
ATOM   274  O OD2 . ASP A 1 35  ? -14.131 -10.460 -8.743  1.00 30.13 ? 109 ASP A OD2 1 
ATOM   275  N N   . LYS A 1 36  ? -17.628 -10.030 -7.460  1.00 29.81 ? 110 LYS A N   1 
ATOM   276  C CA  . LYS A 1 36  ? -18.996 -9.900  -7.971  1.00 30.32 ? 110 LYS A CA  1 
ATOM   277  C C   . LYS A 1 36  ? -19.194 -10.523 -9.358  1.00 30.64 ? 110 LYS A C   1 
ATOM   278  O O   . LYS A 1 36  ? -20.252 -10.367 -9.969  1.00 30.78 ? 110 LYS A O   1 
ATOM   279  C CB  . LYS A 1 36  ? -19.437 -8.429  -7.971  1.00 30.32 ? 110 LYS A CB  1 
ATOM   280  C CG  . LYS A 1 36  ? -19.188 -7.681  -6.656  1.00 30.56 ? 110 LYS A CG  1 
ATOM   281  C CD  . LYS A 1 36  ? -19.964 -8.280  -5.484  1.00 30.65 ? 110 LYS A CD  1 
ATOM   282  C CE  . LYS A 1 36  ? -19.584 -7.603  -4.176  1.00 30.75 ? 110 LYS A CE  1 
ATOM   283  N NZ  . LYS A 1 36  ? -20.050 -8.424  -2.993  1.00 30.82 ? 110 LYS A NZ  1 
ATOM   284  N N   . ASN A 1 37  ? -18.175 -11.234 -9.842  1.00 31.01 ? 111 ASN A N   1 
ATOM   285  C CA  . ASN A 1 37  ? -18.243 -11.930 -11.125 1.00 31.24 ? 111 ASN A CA  1 
ATOM   286  C C   . ASN A 1 37  ? -17.689 -13.357 -11.018 1.00 31.36 ? 111 ASN A C   1 
ATOM   287  O O   . ASN A 1 37  ? -17.227 -13.946 -12.002 1.00 31.53 ? 111 ASN A O   1 
ATOM   288  C CB  . ASN A 1 37  ? -17.499 -11.132 -12.204 1.00 31.31 ? 111 ASN A CB  1 
ATOM   289  N N   . LYS A 1 39  ? -13.749 -13.489 -11.662 1.00 26.70 ? 113 LYS A N   1 
ATOM   290  C CA  . LYS A 1 39  ? -12.708 -14.139 -10.759 1.00 26.69 ? 113 LYS A CA  1 
ATOM   291  C C   . LYS A 1 39  ? -13.169 -15.491 -10.167 1.00 26.62 ? 113 LYS A C   1 
ATOM   292  O O   . LYS A 1 39  ? -14.379 -15.783 -10.110 1.00 26.76 ? 113 LYS A O   1 
ATOM   293  C CB  . LYS A 1 39  ? -12.312 -13.176 -9.618  1.00 26.70 ? 113 LYS A CB  1 
ATOM   294  N N   . ASN A 1 40  ? -12.182 -16.292 -9.717  0.90 26.34 ? 114 ASN A N   1 
ATOM   295  C CA  . ASN A 1 40  ? -12.430 -17.688 -9.366  0.90 26.02 ? 114 ASN A CA  1 
ATOM   296  C C   . ASN A 1 40  ? -12.253 -17.876 -7.870  0.90 25.51 ? 114 ASN A C   1 
ATOM   297  O O   . ASN A 1 40  ? -12.538 -18.953 -7.306  0.90 25.47 ? 114 ASN A O   1 
ATOM   298  C CB  . ASN A 1 40  ? -11.395 -18.565 -10.106 0.90 26.24 ? 114 ASN A CB  1 
ATOM   299  C CG  . ASN A 1 40  ? -12.019 -19.743 -10.881 0.90 26.75 ? 114 ASN A CG  1 
ATOM   300  O OD1 . ASN A 1 40  ? -11.867 -19.748 -12.099 0.90 27.40 ? 114 ASN A OD1 1 
ATOM   301  N ND2 . ASN A 1 40  ? -12.664 -20.682 -10.150 0.90 27.27 ? 114 ASN A ND2 1 
ATOM   302  N N   . VAL A 1 41  ? -11.775 -16.803 -7.241  1.00 24.80 ? 115 VAL A N   1 
ATOM   303  C CA  . VAL A 1 41  ? -11.337 -16.810 -5.834  1.00 23.96 ? 115 VAL A CA  1 
ATOM   304  C C   . VAL A 1 41  ? -11.609 -15.452 -5.176  1.00 23.34 ? 115 VAL A C   1 
ATOM   305  O O   . VAL A 1 41  ? -11.595 -14.407 -5.842  1.00 23.25 ? 115 VAL A O   1 
ATOM   306  C CB  . VAL A 1 41  ? -9.805  -17.113 -5.690  1.00 24.01 ? 115 VAL A CB  1 
ATOM   307  C CG1 . VAL A 1 41  ? -9.527  -18.586 -5.871  1.00 24.13 ? 115 VAL A CG1 1 
ATOM   308  C CG2 . VAL A 1 41  ? -8.976  -16.281 -6.670  1.00 23.72 ? 115 VAL A CG2 1 
ATOM   309  N N   . ASN A 1 42  ? -11.858 -15.485 -3.868  1.00 22.40 ? 116 ASN A N   1 
ATOM   310  C CA  . ASN A 1 42  ? -11.976 -14.275 -3.073  1.00 21.46 ? 116 ASN A CA  1 
ATOM   311  C C   . ASN A 1 42  ? -10.664 -13.989 -2.349  1.00 20.88 ? 116 ASN A C   1 
ATOM   312  O O   . ASN A 1 42  ? -9.682  -14.722 -2.496  1.00 20.72 ? 116 ASN A O   1 
ATOM   313  C CB  . ASN A 1 42  ? -13.111 -14.411 -2.056  1.00 21.43 ? 116 ASN A CB  1 
ATOM   314  C CG  . ASN A 1 42  ? -14.466 -14.593 -2.708  1.00 21.16 ? 116 ASN A CG  1 
ATOM   315  O OD1 . ASN A 1 42  ? -14.723 -14.082 -3.801  1.00 21.04 ? 116 ASN A OD1 1 
ATOM   316  N ND2 . ASN A 1 42  ? -15.346 -15.322 -2.034  1.00 20.81 ? 116 ASN A ND2 1 
ATOM   317  N N   . TYR A 1 43  ? -10.655 -12.904 -1.584  1.00 20.08 ? 117 TYR A N   1 
ATOM   318  C CA  . TYR A 1 43  ? -9.589  -12.642 -0.634  1.00 19.41 ? 117 TYR A CA  1 
ATOM   319  C C   . TYR A 1 43  ? -10.197 -12.029 0.619   1.00 18.96 ? 117 TYR A C   1 
ATOM   320  O O   . TYR A 1 43  ? -11.340 -11.567 0.599   1.00 18.81 ? 117 TYR A O   1 
ATOM   321  C CB  . TYR A 1 43  ? -8.482  -11.766 -1.241  1.00 19.42 ? 117 TYR A CB  1 
ATOM   322  C CG  . TYR A 1 43  ? -8.914  -10.382 -1.667  1.00 19.22 ? 117 TYR A CG  1 
ATOM   323  C CD1 . TYR A 1 43  ? -8.675  -9.279  -0.850  1.00 19.13 ? 117 TYR A CD1 1 
ATOM   324  C CD2 . TYR A 1 43  ? -9.550  -10.172 -2.891  1.00 19.14 ? 117 TYR A CD2 1 
ATOM   325  C CE1 . TYR A 1 43  ? -9.064  -8.005  -1.236  1.00 19.20 ? 117 TYR A CE1 1 
ATOM   326  C CE2 . TYR A 1 43  ? -9.948  -8.898  -3.284  1.00 19.03 ? 117 TYR A CE2 1 
ATOM   327  C CZ  . TYR A 1 43  ? -9.701  -7.823  -2.452  1.00 19.11 ? 117 TYR A CZ  1 
ATOM   328  O OH  . TYR A 1 43  ? -10.088 -6.562  -2.832  1.00 19.54 ? 117 TYR A OH  1 
ATOM   329  N N   . ALA A 1 44  ? -9.442  -12.046 1.712   1.00 18.43 ? 118 ALA A N   1 
ATOM   330  C CA  . ALA A 1 44  ? -9.959  -11.579 2.988   1.00 17.98 ? 118 ALA A CA  1 
ATOM   331  C C   . ALA A 1 44  ? -8.916  -10.840 3.807   1.00 17.69 ? 118 ALA A C   1 
ATOM   332  O O   . ALA A 1 44  ? -7.717  -10.927 3.533   1.00 17.61 ? 118 ALA A O   1 
ATOM   333  C CB  . ALA A 1 44  ? -10.518 -12.743 3.783   1.00 17.92 ? 118 ALA A CB  1 
ATOM   334  N N   . PHE A 1 45  ? -9.394  -10.107 4.809   1.00 17.36 ? 119 PHE A N   1 
ATOM   335  C CA  . PHE A 1 45  ? -8.534  -9.490  5.807   1.00 17.10 ? 119 PHE A CA  1 
ATOM   336  C C   . PHE A 1 45  ? -8.915  -9.994  7.193   1.00 17.16 ? 119 PHE A C   1 
ATOM   337  O O   . PHE A 1 45  ? -10.074 -9.889  7.605   1.00 17.14 ? 119 PHE A O   1 
ATOM   338  C CB  . PHE A 1 45  ? -8.626  -7.966  5.744   1.00 16.96 ? 119 PHE A CB  1 
ATOM   339  C CG  . PHE A 1 45  ? -8.168  -7.385  4.437   1.00 16.40 ? 119 PHE A CG  1 
ATOM   340  C CD1 . PHE A 1 45  ? -9.093  -6.979  3.482   1.00 15.98 ? 119 PHE A CD1 1 
ATOM   341  C CD2 . PHE A 1 45  ? -6.811  -7.240  4.162   1.00 15.87 ? 119 PHE A CD2 1 
ATOM   342  C CE1 . PHE A 1 45  ? -8.676  -6.438  2.268   1.00 15.76 ? 119 PHE A CE1 1 
ATOM   343  C CE2 . PHE A 1 45  ? -6.383  -6.701  2.953   1.00 15.74 ? 119 PHE A CE2 1 
ATOM   344  C CZ  . PHE A 1 45  ? -7.319  -6.299  2.004   1.00 15.79 ? 119 PHE A CZ  1 
ATOM   345  N N   . VAL A 1 46  ? -7.935  -10.557 7.894   1.00 17.23 ? 120 VAL A N   1 
ATOM   346  C CA  . VAL A 1 46  ? -8.129  -11.059 9.253   1.00 17.37 ? 120 VAL A CA  1 
ATOM   347  C C   . VAL A 1 46  ? -7.282  -10.233 10.219  1.00 17.56 ? 120 VAL A C   1 
ATOM   348  O O   . VAL A 1 46  ? -6.059  -10.166 10.086  1.00 17.58 ? 120 VAL A O   1 
ATOM   349  C CB  . VAL A 1 46  ? -7.773  -12.564 9.368   1.00 17.32 ? 120 VAL A CB  1 
ATOM   350  C CG1 . VAL A 1 46  ? -8.048  -13.081 10.776  1.00 17.18 ? 120 VAL A CG1 1 
ATOM   351  C CG2 . VAL A 1 46  ? -8.548  -13.384 8.340   1.00 17.29 ? 120 VAL A CG2 1 
ATOM   352  N N   . GLU A 1 47  ? -7.944  -9.603  11.184  1.00 17.83 ? 121 GLU A N   1 
ATOM   353  C CA  . GLU A 1 47  ? -7.283  -8.699  12.121  1.00 18.19 ? 121 GLU A CA  1 
ATOM   354  C C   . GLU A 1 47  ? -7.292  -9.255  13.547  1.00 18.44 ? 121 GLU A C   1 
ATOM   355  O O   . GLU A 1 47  ? -8.339  -9.654  14.065  1.00 18.46 ? 121 GLU A O   1 
ATOM   356  C CB  . GLU A 1 47  ? -7.955  -7.324  12.071  1.00 18.22 ? 121 GLU A CB  1 
ATOM   357  C CG  . GLU A 1 47  ? -7.361  -6.280  13.017  1.00 18.58 ? 121 GLU A CG  1 
ATOM   358  C CD  . GLU A 1 47  ? -8.188  -5.001  13.076  1.00 19.12 ? 121 GLU A CD  1 
ATOM   359  O OE1 . GLU A 1 47  ? -9.159  -4.859  12.297  1.00 19.33 ? 121 GLU A OE1 1 
ATOM   360  O OE2 . GLU A 1 47  ? -7.861  -4.131  13.909  1.00 19.42 ? 121 GLU A OE2 1 
ATOM   361  N N   . TYR A 1 48  ? -6.115  -9.272  14.171  1.00 18.71 ? 122 TYR A N   1 
ATOM   362  C CA  . TYR A 1 48  ? -5.956  -9.762  15.539  1.00 18.97 ? 122 TYR A CA  1 
ATOM   363  C C   . TYR A 1 48  ? -5.714  -8.609  16.507  1.00 19.21 ? 122 TYR A C   1 
ATOM   364  O O   . TYR A 1 48  ? -5.514  -7.468  16.086  1.00 19.32 ? 122 TYR A O   1 
ATOM   365  C CB  . TYR A 1 48  ? -4.806  -10.772 15.612  1.00 18.92 ? 122 TYR A CB  1 
ATOM   366  C CG  . TYR A 1 48  ? -5.020  -11.987 14.743  1.00 18.83 ? 122 TYR A CG  1 
ATOM   367  C CD1 . TYR A 1 48  ? -5.492  -13.181 15.286  1.00 18.58 ? 122 TYR A CD1 1 
ATOM   368  C CD2 . TYR A 1 48  ? -4.767  -11.938 13.371  1.00 18.54 ? 122 TYR A CD2 1 
ATOM   369  C CE1 . TYR A 1 48  ? -5.696  -14.299 14.485  1.00 18.38 ? 122 TYR A CE1 1 
ATOM   370  C CE2 . TYR A 1 48  ? -4.965  -13.046 12.566  1.00 18.38 ? 122 TYR A CE2 1 
ATOM   371  C CZ  . TYR A 1 48  ? -5.432  -14.221 13.127  1.00 18.40 ? 122 TYR A CZ  1 
ATOM   372  O OH  . TYR A 1 48  ? -5.632  -15.314 12.324  1.00 18.62 ? 122 TYR A OH  1 
ATOM   373  N N   . HIS A 1 49  ? -5.748  -8.909  17.803  1.00 19.49 ? 123 HIS A N   1 
ATOM   374  C CA  . HIS A 1 49  ? -5.457  -7.913  18.831  1.00 19.76 ? 123 HIS A CA  1 
ATOM   375  C C   . HIS A 1 49  ? -3.954  -7.740  18.996  1.00 19.79 ? 123 HIS A C   1 
ATOM   376  O O   . HIS A 1 49  ? -3.486  -6.662  19.365  1.00 19.90 ? 123 HIS A O   1 
ATOM   377  C CB  . HIS A 1 49  ? -6.096  -8.301  20.168  1.00 19.79 ? 123 HIS A CB  1 
ATOM   378  C CG  . HIS A 1 49  ? -7.593  -8.325  20.138  1.00 20.32 ? 123 HIS A CG  1 
ATOM   379  N ND1 . HIS A 1 49  ? -8.316  -9.483  19.944  1.00 20.84 ? 123 HIS A ND1 1 
ATOM   380  C CD2 . HIS A 1 49  ? -8.504  -7.333  20.273  1.00 20.76 ? 123 HIS A CD2 1 
ATOM   381  C CE1 . HIS A 1 49  ? -9.607  -9.204  19.962  1.00 20.94 ? 123 HIS A CE1 1 
ATOM   382  N NE2 . HIS A 1 49  ? -9.748  -7.906  20.161  1.00 21.07 ? 123 HIS A NE2 1 
ATOM   383  N N   . GLN A 1 50  ? -3.206  -8.808  18.710  1.00 19.89 ? 124 GLN A N   1 
ATOM   384  C CA  . GLN A 1 50  ? -1.752  -8.808  18.865  1.00 19.89 ? 124 GLN A CA  1 
ATOM   385  C C   . GLN A 1 50  ? -1.028  -9.292  17.613  1.00 19.80 ? 124 GLN A C   1 
ATOM   386  O O   . GLN A 1 50  ? -1.481  -10.218 16.933  1.00 19.83 ? 124 GLN A O   1 
ATOM   387  C CB  . GLN A 1 50  ? -1.335  -9.667  20.065  1.00 20.02 ? 124 GLN A CB  1 
ATOM   388  C CG  . GLN A 1 50  ? -1.578  -9.027  21.424  1.00 20.25 ? 124 GLN A CG  1 
ATOM   389  C CD  . GLN A 1 50  ? -0.887  -9.838  22.559  1.00 20.29 ? 124 GLN A CD  1 
ATOM   390  N N   . SER A 1 51  ? 0.108   -8.657  17.331  1.00 19.69 ? 125 SER A N   1 
ATOM   391  C CA  . SER A 1 51  ? 0.985   -9.016  16.216  1.00 19.53 ? 125 SER A CA  1 
ATOM   392  C C   . SER A 1 51  ? 1.500   -10.453 16.323  1.00 19.40 ? 125 SER A C   1 
ATOM   393  O O   . SER A 1 51  ? 1.654   -11.141 15.311  1.00 19.35 ? 125 SER A O   1 
ATOM   394  C CB  . SER A 1 51  ? 2.165   -8.044  16.149  1.00 19.47 ? 125 SER A CB  1 
ATOM   395  O OG  . SER A 1 51  ? 2.989   -8.307  15.026  1.00 19.79 ? 125 SER A OG  1 
ATOM   396  N N   . HIS A 1 52  ? 1.757   -10.890 17.553  1.00 19.29 ? 126 HIS A N   1 
ATOM   397  C CA  . HIS A 1 52  ? 2.209   -12.250 17.838  1.00 19.16 ? 126 HIS A CA  1 
ATOM   398  C C   . HIS A 1 52  ? 1.179   -13.291 17.392  1.00 18.94 ? 126 HIS A C   1 
ATOM   399  O O   . HIS A 1 52  ? 1.540   -14.335 16.843  1.00 18.83 ? 126 HIS A O   1 
ATOM   400  C CB  . HIS A 1 52  ? 2.520   -12.394 19.332  1.00 19.31 ? 126 HIS A CB  1 
ATOM   401  C CG  . HIS A 1 52  ? 2.802   -13.801 19.762  1.00 19.89 ? 126 HIS A CG  1 
ATOM   402  N ND1 . HIS A 1 52  ? 3.951   -14.474 19.401  1.00 20.43 ? 126 HIS A ND1 1 
ATOM   403  C CD2 . HIS A 1 52  ? 2.084   -14.661 20.523  1.00 20.26 ? 126 HIS A CD2 1 
ATOM   404  C CE1 . HIS A 1 52  ? 3.927   -15.690 19.919  1.00 20.65 ? 126 HIS A CE1 1 
ATOM   405  N NE2 . HIS A 1 52  ? 2.807   -15.828 20.605  1.00 20.89 ? 126 HIS A NE2 1 
ATOM   406  N N   . ASP A 1 53  ? -0.097  -12.986 17.633  1.00 18.69 ? 127 ASP A N   1 
ATOM   407  C CA  . ASP A 1 53  ? -1.212  -13.848 17.243  1.00 18.45 ? 127 ASP A CA  1 
ATOM   408  C C   . ASP A 1 53  ? -1.301  -14.043 15.731  1.00 18.37 ? 127 ASP A C   1 
ATOM   409  O O   . ASP A 1 53  ? -1.450  -15.170 15.252  1.00 18.37 ? 127 ASP A O   1 
ATOM   410  C CB  . ASP A 1 53  ? -2.533  -13.274 17.764  1.00 18.38 ? 127 ASP A CB  1 
ATOM   411  C CG  . ASP A 1 53  ? -2.680  -13.405 19.269  1.00 18.19 ? 127 ASP A CG  1 
ATOM   412  O OD1 . ASP A 1 53  ? -1.749  -13.915 19.932  1.00 18.11 ? 127 ASP A OD1 1 
ATOM   413  O OD2 . ASP A 1 53  ? -3.737  -12.999 19.790  1.00 17.97 ? 127 ASP A OD2 1 
ATOM   414  N N   . ALA A 1 54  ? -1.210  -12.936 14.994  1.00 18.26 ? 128 ALA A N   1 
ATOM   415  C CA  . ALA A 1 54  ? -1.282  -12.940 13.535  1.00 18.14 ? 128 ALA A CA  1 
ATOM   416  C C   . ALA A 1 54  ? -0.155  -13.762 12.922  1.00 18.09 ? 128 ALA A C   1 
ATOM   417  O O   . ALA A 1 54  ? -0.357  -14.479 11.941  1.00 18.07 ? 128 ALA A O   1 
ATOM   418  C CB  . ALA A 1 54  ? -1.250  -11.514 13.005  1.00 18.15 ? 128 ALA A CB  1 
ATOM   419  N N   . ASN A 1 55  ? 1.031   -13.651 13.517  1.00 18.05 ? 129 ASN A N   1 
ATOM   420  C CA  . ASN A 1 55  ? 2.203   -14.390 13.070  1.00 17.97 ? 129 ASN A CA  1 
ATOM   421  C C   . ASN A 1 55  ? 2.026   -15.903 13.203  1.00 17.97 ? 129 ASN A C   1 
ATOM   422  O O   . ASN A 1 55  ? 2.444   -16.656 12.323  1.00 18.10 ? 129 ASN A O   1 
ATOM   423  C CB  . ASN A 1 55  ? 3.446   -13.922 13.831  1.00 17.96 ? 129 ASN A CB  1 
ATOM   424  C CG  . ASN A 1 55  ? 4.737   -14.392 13.192  1.00 17.91 ? 129 ASN A CG  1 
ATOM   425  O OD1 . ASN A 1 55  ? 4.876   -14.405 11.966  1.00 17.68 ? 129 ASN A OD1 1 
ATOM   426  N ND2 . ASN A 1 55  ? 5.695   -14.776 14.026  1.00 17.97 ? 129 ASN A ND2 1 
ATOM   427  N N   . ILE A 1 56  ? 1.404   -16.338 14.300  1.00 17.87 ? 130 ILE A N   1 
ATOM   428  C CA  . ILE A 1 56  ? 1.082   -17.752 14.507  1.00 17.78 ? 130 ILE A CA  1 
ATOM   429  C C   . ILE A 1 56  ? 0.187   -18.256 13.372  1.00 17.76 ? 130 ILE A C   1 
ATOM   430  O O   . ILE A 1 56  ? 0.465   -19.296 12.775  1.00 17.79 ? 130 ILE A O   1 
ATOM   431  C CB  . ILE A 1 56  ? 0.408   -18.002 15.889  1.00 17.77 ? 130 ILE A CB  1 
ATOM   432  C CG1 . ILE A 1 56  ? 1.407   -17.748 17.025  1.00 17.76 ? 130 ILE A CG1 1 
ATOM   433  C CG2 . ILE A 1 56  ? -0.143  -19.428 15.983  1.00 17.69 ? 130 ILE A CG2 1 
ATOM   434  C CD1 . ILE A 1 56  ? 0.759   -17.465 18.371  1.00 17.99 ? 130 ILE A CD1 1 
ATOM   435  N N   . ALA A 1 57  ? -0.868  -17.496 13.071  1.00 17.68 ? 131 ALA A N   1 
ATOM   436  C CA  . ALA A 1 57  ? -1.817  -17.851 12.018  1.00 17.63 ? 131 ALA A CA  1 
ATOM   437  C C   . ALA A 1 57  ? -1.162  -17.919 10.640  1.00 17.69 ? 131 ALA A C   1 
ATOM   438  O O   . ALA A 1 57  ? -1.433  -18.841 9.872   1.00 17.77 ? 131 ALA A O   1 
ATOM   439  C CB  . ALA A 1 57  ? -2.981  -16.885 12.008  1.00 17.60 ? 131 ALA A CB  1 
ATOM   440  N N   . LEU A 1 58  ? -0.305  -16.944 10.335  1.00 17.73 ? 132 LEU A N   1 
ATOM   441  C CA  . LEU A 1 58  ? 0.471   -16.954 9.096   1.00 17.75 ? 132 LEU A CA  1 
ATOM   442  C C   . LEU A 1 58  ? 1.332   -18.214 9.056   1.00 17.89 ? 132 LEU A C   1 
ATOM   443  O O   . LEU A 1 58  ? 1.203   -19.028 8.141   1.00 17.84 ? 132 LEU A O   1 
ATOM   444  C CB  . LEU A 1 58  ? 1.336   -15.690 8.979   1.00 17.65 ? 132 LEU A CB  1 
ATOM   445  C CG  . LEU A 1 58  ? 1.951   -15.316 7.620   1.00 17.60 ? 132 LEU A CG  1 
ATOM   446  C CD1 . LEU A 1 58  ? 2.241   -13.822 7.559   1.00 17.46 ? 132 LEU A CD1 1 
ATOM   447  C CD2 . LEU A 1 58  ? 3.215   -16.114 7.295   1.00 17.39 ? 132 LEU A CD2 1 
ATOM   448  N N   . GLN A 1 59  ? 2.191   -18.368 10.067  1.00 18.13 ? 133 GLN A N   1 
ATOM   449  C CA  . GLN A 1 59  ? 3.054   -19.542 10.232  1.00 18.40 ? 133 GLN A CA  1 
ATOM   450  C C   . GLN A 1 59  ? 2.329   -20.869 10.005  1.00 18.43 ? 133 GLN A C   1 
ATOM   451  O O   . GLN A 1 59  ? 2.790   -21.712 9.230   1.00 18.34 ? 133 GLN A O   1 
ATOM   452  C CB  . GLN A 1 59  ? 3.675   -19.537 11.637  1.00 18.49 ? 133 GLN A CB  1 
ATOM   453  C CG  . GLN A 1 59  ? 5.079   -18.941 11.762  1.00 19.08 ? 133 GLN A CG  1 
ATOM   454  C CD  . GLN A 1 59  ? 5.523   -18.157 10.542  1.00 19.97 ? 133 GLN A CD  1 
ATOM   455  O OE1 . GLN A 1 59  ? 6.131   -18.711 9.623   1.00 20.65 ? 133 GLN A OE1 1 
ATOM   456  N NE2 . GLN A 1 59  ? 5.241   -16.858 10.536  1.00 20.43 ? 133 GLN A NE2 1 
ATOM   457  N N   . THR A 1 60  ? 1.190   -21.028 10.678  1.00 18.53 ? 134 THR A N   1 
ATOM   458  C CA  . THR A 1 60  ? 0.458   -22.291 10.712  1.00 18.63 ? 134 THR A CA  1 
ATOM   459  C C   . THR A 1 60  ? -0.331  -22.570 9.435   1.00 18.80 ? 134 THR A C   1 
ATOM   460  O O   . THR A 1 60  ? -0.323  -23.697 8.937   1.00 18.81 ? 134 THR A O   1 
ATOM   461  C CB  . THR A 1 60  ? -0.491  -22.349 11.932  1.00 18.61 ? 134 THR A CB  1 
ATOM   462  O OG1 . THR A 1 60  ? 0.252   -22.082 13.128  1.00 18.56 ? 134 THR A OG1 1 
ATOM   463  C CG2 . THR A 1 60  ? -1.157  -23.714 12.051  1.00 18.52 ? 134 THR A CG2 1 
ATOM   464  N N   . LEU A 1 61  ? -0.997  -21.546 8.907   1.00 19.00 ? 135 LEU A N   1 
ATOM   465  C CA  . LEU A 1 61  ? -2.002  -21.743 7.858   1.00 19.22 ? 135 LEU A CA  1 
ATOM   466  C C   . LEU A 1 61  ? -1.533  -21.442 6.434   1.00 19.59 ? 135 LEU A C   1 
ATOM   467  O O   . LEU A 1 61  ? -2.179  -21.868 5.475   1.00 19.63 ? 135 LEU A O   1 
ATOM   468  C CB  . LEU A 1 61  ? -3.271  -20.940 8.168   1.00 19.08 ? 135 LEU A CB  1 
ATOM   469  C CG  . LEU A 1 61  ? -3.965  -21.179 9.512   1.00 18.69 ? 135 LEU A CG  1 
ATOM   470  C CD1 . LEU A 1 61  ? -5.001  -20.098 9.748   1.00 18.35 ? 135 LEU A CD1 1 
ATOM   471  C CD2 . LEU A 1 61  ? -4.597  -22.565 9.585   1.00 18.20 ? 135 LEU A CD2 1 
ATOM   472  N N   . ASN A 1 62  ? -0.428  -20.710 6.295   1.00 20.12 ? 136 ASN A N   1 
ATOM   473  C CA  . ASN A 1 62  ? 0.067   -20.324 4.972   1.00 20.59 ? 136 ASN A CA  1 
ATOM   474  C C   . ASN A 1 62  ? 0.444   -21.531 4.120   1.00 21.08 ? 136 ASN A C   1 
ATOM   475  O O   . ASN A 1 62  ? 1.221   -22.388 4.547   1.00 21.03 ? 136 ASN A O   1 
ATOM   476  C CB  . ASN A 1 62  ? 1.245   -19.349 5.084   1.00 20.51 ? 136 ASN A CB  1 
ATOM   477  C CG  . ASN A 1 62  ? 1.683   -18.787 3.736   1.00 20.46 ? 136 ASN A CG  1 
ATOM   478  O OD1 . ASN A 1 62  ? 0.899   -18.714 2.785   1.00 20.20 ? 136 ASN A OD1 1 
ATOM   479  N ND2 . ASN A 1 62  ? 2.943   -18.380 3.654   1.00 20.27 ? 136 ASN A ND2 1 
ATOM   480  N N   . GLY A 1 63  ? -0.130  -21.589 2.920   1.00 21.72 ? 137 GLY A N   1 
ATOM   481  C CA  . GLY A 1 63  ? 0.138   -22.665 1.971   1.00 22.59 ? 137 GLY A CA  1 
ATOM   482  C C   . GLY A 1 63  ? -0.672  -23.925 2.225   1.00 23.23 ? 137 GLY A C   1 
ATOM   483  O O   . GLY A 1 63  ? -0.269  -25.022 1.827   1.00 23.33 ? 137 GLY A O   1 
ATOM   484  N N   . LYS A 1 64  ? -1.826  -23.782 2.878   1.00 23.82 ? 138 LYS A N   1 
ATOM   485  C CA  . LYS A 1 64  ? -2.628  -24.947 3.248   1.00 24.48 ? 138 LYS A CA  1 
ATOM   486  C C   . LYS A 1 64  ? -3.999  -24.963 2.589   1.00 24.79 ? 138 LYS A C   1 
ATOM   487  O O   . LYS A 1 64  ? -4.609  -23.914 2.375   1.00 24.87 ? 138 LYS A O   1 
ATOM   488  C CB  . LYS A 1 64  ? -2.771  -25.047 4.772   1.00 24.54 ? 138 LYS A CB  1 
ATOM   489  C CG  . LYS A 1 64  ? -1.447  -24.886 5.511   1.00 25.08 ? 138 LYS A CG  1 
ATOM   490  C CD  . LYS A 1 64  ? -1.335  -25.853 6.675   1.00 25.61 ? 138 LYS A CD  1 
ATOM   491  C CE  . LYS A 1 64  ? -0.439  -27.045 6.308   1.00 26.20 ? 138 LYS A CE  1 
ATOM   492  N NZ  . LYS A 1 64  ? -1.070  -27.957 5.281   1.00 26.82 ? 138 LYS A NZ  1 
ATOM   493  N N   . GLN A 1 65  ? -4.475  -26.166 2.277   1.00 25.23 ? 139 GLN A N   1 
ATOM   494  C CA  . GLN A 1 65  ? -5.785  -26.342 1.667   1.00 25.67 ? 139 GLN A CA  1 
ATOM   495  C C   . GLN A 1 65  ? -6.919  -26.095 2.649   1.00 25.74 ? 139 GLN A C   1 
ATOM   496  O O   . GLN A 1 65  ? -7.171  -26.899 3.550   1.00 25.86 ? 139 GLN A O   1 
ATOM   497  C CB  . GLN A 1 65  ? -5.929  -27.737 1.058   1.00 25.79 ? 139 GLN A CB  1 
ATOM   498  C CG  . GLN A 1 65  ? -5.708  -27.786 -0.444  1.00 26.57 ? 139 GLN A CG  1 
ATOM   499  C CD  . GLN A 1 65  ? -6.502  -28.890 -1.128  1.00 27.59 ? 139 GLN A CD  1 
ATOM   500  O OE1 . GLN A 1 65  ? -6.716  -28.849 -2.342  1.00 28.22 ? 139 GLN A OE1 1 
ATOM   501  N NE2 . GLN A 1 65  ? -6.951  -29.876 -0.354  1.00 27.69 ? 139 GLN A NE2 1 
ATOM   502  N N   . ILE A 1 66  ? -7.587  -24.962 2.476   1.00 25.85 ? 140 ILE A N   1 
ATOM   503  C CA  . ILE A 1 66  ? -8.885  -24.747 3.087   1.00 25.92 ? 140 ILE A CA  1 
ATOM   504  C C   . ILE A 1 66  ? -9.884  -24.977 1.955   1.00 26.02 ? 140 ILE A C   1 
ATOM   505  O O   . ILE A 1 66  ? -9.993  -24.154 1.025   1.00 26.06 ? 140 ILE A O   1 
ATOM   506  C CB  . ILE A 1 66  ? -9.024  -23.340 3.715   1.00 25.88 ? 140 ILE A CB  1 
ATOM   507  C CG1 . ILE A 1 66  ? -7.882  -23.088 4.708   1.00 25.83 ? 140 ILE A CG1 1 
ATOM   508  C CG2 . ILE A 1 66  ? -10.375 -23.210 4.426   1.00 25.90 ? 140 ILE A CG2 1 
ATOM   509  C CD1 . ILE A 1 66  ? -7.874  -21.697 5.323   1.00 25.63 ? 140 ILE A CD1 1 
ATOM   510  N N   . GLU A 1 67  ? -10.563 -26.127 2.027   1.00 26.04 ? 141 GLU A N   1 
ATOM   511  C CA  . GLU A 1 67  ? -11.448 -26.615 0.955   1.00 26.08 ? 141 GLU A CA  1 
ATOM   512  C C   . GLU A 1 67  ? -10.697 -26.919 -0.354  1.00 26.08 ? 141 GLU A C   1 
ATOM   513  O O   . GLU A 1 67  ? -9.823  -27.794 -0.375  1.00 26.19 ? 141 GLU A O   1 
ATOM   514  C CB  . GLU A 1 67  ? -12.637 -25.671 0.735   0.70 26.12 ? 141 GLU A CB  1 
ATOM   515  C CG  . GLU A 1 67  ? -13.514 -25.514 1.969   0.70 26.15 ? 141 GLU A CG  1 
ATOM   516  C CD  . GLU A 1 67  ? -14.866 -24.905 1.664   0.70 26.15 ? 141 GLU A CD  1 
ATOM   517  O OE1 . GLU A 1 67  ? -15.226 -24.684 0.495   0.70 26.22 ? 141 GLU A OE1 1 
ATOM   518  O OE2 . GLU A 1 67  ? -15.627 -24.635 2.716   0.70 26.11 ? 141 GLU A OE2 1 
ATOM   519  N N   . ASN A 1 68  ? -11.032 -26.190 -1.426  1.00 26.09 ? 142 ASN A N   1 
ATOM   520  C CA  . ASN A 1 68  ? -10.512 -26.516 -2.772  1.00 26.08 ? 142 ASN A CA  1 
ATOM   521  C C   . ASN A 1 68  ? -9.174  -25.885 -3.157  1.00 25.82 ? 142 ASN A C   1 
ATOM   522  O O   . ASN A 1 68  ? -8.387  -26.483 -3.903  1.00 25.88 ? 142 ASN A O   1 
ATOM   523  C CB  . ASN A 1 68  ? -11.551 -26.172 -3.841  1.00 26.22 ? 142 ASN A CB  1 
ATOM   524  C CG  . ASN A 1 68  ? -12.232 -27.412 -4.409  1.00 26.98 ? 142 ASN A CG  1 
ATOM   525  O OD1 . ASN A 1 68  ? -11.956 -28.541 -3.988  1.00 27.68 ? 142 ASN A OD1 1 
ATOM   526  N ND2 . ASN A 1 68  ? -13.131 -27.206 -5.379  1.00 27.74 ? 142 ASN A ND2 1 
ATOM   527  N N   . ASN A 1 69  ? -8.924  -24.673 -2.670  1.00 25.47 ? 143 ASN A N   1 
ATOM   528  C CA  . ASN A 1 69  ? -7.722  -23.937 -3.044  1.00 25.03 ? 143 ASN A CA  1 
ATOM   529  C C   . ASN A 1 69  ? -6.735  -23.855 -1.891  1.00 24.62 ? 143 ASN A C   1 
ATOM   530  O O   . ASN A 1 69  ? -7.136  -23.874 -0.723  1.00 24.59 ? 143 ASN A O   1 
ATOM   531  C CB  . ASN A 1 69  ? -8.090  -22.531 -3.517  1.00 25.12 ? 143 ASN A CB  1 
ATOM   532  C CG  . ASN A 1 69  ? -8.949  -22.533 -4.771  1.00 25.24 ? 143 ASN A CG  1 
ATOM   533  O OD1 . ASN A 1 69  ? -9.722  -23.462 -5.015  1.00 25.51 ? 143 ASN A OD1 1 
ATOM   534  N ND2 . ASN A 1 69  ? -8.819  -21.480 -5.571  1.00 25.67 ? 143 ASN A ND2 1 
ATOM   535  N N   . ILE A 1 70  ? -5.446  -23.773 -2.214  1.00 24.08 ? 144 ILE A N   1 
ATOM   536  C CA  . ILE A 1 70  ? -4.445  -23.573 -1.171  1.00 23.60 ? 144 ILE A CA  1 
ATOM   537  C C   . ILE A 1 70  ? -4.290  -22.081 -0.868  1.00 23.04 ? 144 ILE A C   1 
ATOM   538  O O   . ILE A 1 70  ? -4.250  -21.242 -1.772  1.00 23.03 ? 144 ILE A O   1 
ATOM   539  C CB  . ILE A 1 70  ? -3.075  -24.284 -1.449  1.00 23.75 ? 144 ILE A CB  1 
ATOM   540  C CG1 . ILE A 1 70  ? -2.083  -23.361 -2.158  1.00 23.95 ? 144 ILE A CG1 1 
ATOM   541  C CG2 . ILE A 1 70  ? -3.266  -25.611 -2.197  1.00 23.70 ? 144 ILE A CG2 1 
ATOM   542  C CD1 . ILE A 1 70  ? -0.659  -23.538 -1.664  1.00 24.34 ? 144 ILE A CD1 1 
ATOM   543  N N   . VAL A 1 71  ? -4.219  -21.771 0.420   1.00 22.30 ? 145 VAL A N   1 
ATOM   544  C CA  . VAL A 1 71  ? -4.330  -20.406 0.915   1.00 21.58 ? 145 VAL A CA  1 
ATOM   545  C C   . VAL A 1 71  ? -2.994  -19.654 0.915   1.00 21.03 ? 145 VAL A C   1 
ATOM   546  O O   . VAL A 1 71  ? -1.959  -20.212 1.287   1.00 20.97 ? 145 VAL A O   1 
ATOM   547  C CB  . VAL A 1 71  ? -5.033  -20.416 2.309   1.00 21.64 ? 145 VAL A CB  1 
ATOM   548  C CG1 . VAL A 1 71  ? -4.446  -19.397 3.272   1.00 21.67 ? 145 VAL A CG1 1 
ATOM   549  C CG2 . VAL A 1 71  ? -6.532  -20.219 2.139   1.00 21.60 ? 145 VAL A CG2 1 
ATOM   550  N N   . LYS A 1 72  ? -3.028  -18.395 0.476   1.00 20.30 ? 146 LYS A N   1 
ATOM   551  C CA  . LYS A 1 72  ? -1.839  -17.539 0.424   1.00 19.64 ? 146 LYS A CA  1 
ATOM   552  C C   . LYS A 1 72  ? -1.959  -16.365 1.387   1.00 19.02 ? 146 LYS A C   1 
ATOM   553  O O   . LYS A 1 72  ? -2.794  -15.481 1.194   1.00 19.05 ? 146 LYS A O   1 
ATOM   554  C CB  . LYS A 1 72  ? -1.606  -17.017 -0.997  1.00 19.70 ? 146 LYS A CB  1 
ATOM   555  C CG  . LYS A 1 72  ? -0.880  -17.981 -1.921  1.00 20.17 ? 146 LYS A CG  1 
ATOM   556  C CD  . LYS A 1 72  ? -1.809  -19.056 -2.460  1.00 21.01 ? 146 LYS A CD  1 
ATOM   557  C CE  . LYS A 1 72  ? -1.118  -19.925 -3.493  1.00 21.47 ? 146 LYS A CE  1 
ATOM   558  N NZ  . LYS A 1 72  ? 0.109   -20.583 -2.962  1.00 21.77 ? 146 LYS A NZ  1 
ATOM   559  N N   . ILE A 1 73  ? -1.117  -16.356 2.417   1.00 18.21 ? 147 ILE A N   1 
ATOM   560  C CA  . ILE A 1 73  ? -1.197  -15.337 3.464   1.00 17.48 ? 147 ILE A CA  1 
ATOM   561  C C   . ILE A 1 73  ? -0.020  -14.357 3.430   1.00 17.02 ? 147 ILE A C   1 
ATOM   562  O O   . ILE A 1 73  ? 1.136   -14.764 3.313   1.00 16.91 ? 147 ILE A O   1 
ATOM   563  C CB  . ILE A 1 73  ? -1.330  -15.971 4.878   1.00 17.50 ? 147 ILE A CB  1 
ATOM   564  C CG1 . ILE A 1 73  ? -2.487  -16.973 4.906   1.00 17.26 ? 147 ILE A CG1 1 
ATOM   565  C CG2 . ILE A 1 73  ? -1.542  -14.892 5.948   1.00 17.26 ? 147 ILE A CG2 1 
ATOM   566  C CD1 . ILE A 1 73  ? -2.481  -17.898 6.105   1.00 17.22 ? 147 ILE A CD1 1 
ATOM   567  N N   . ASN A 1 74  ? -0.343  -13.067 3.514   1.00 16.41 ? 148 ASN A N   1 
ATOM   568  C CA  . ASN A 1 74  ? 0.643   -11.998 3.655   1.00 15.85 ? 148 ASN A CA  1 
ATOM   569  C C   . ASN A 1 74  ? 0.322   -11.137 4.866   1.00 15.48 ? 148 ASN A C   1 
ATOM   570  O O   . ASN A 1 74  ? -0.804  -11.148 5.363   1.00 15.44 ? 148 ASN A O   1 
ATOM   571  C CB  . ASN A 1 74  ? 0.620   -11.068 2.435   1.00 15.83 ? 148 ASN A CB  1 
ATOM   572  C CG  . ASN A 1 74  ? 1.135   -11.719 1.173   1.00 15.76 ? 148 ASN A CG  1 
ATOM   573  O OD1 . ASN A 1 74  ? 0.979   -11.166 0.083   1.00 15.93 ? 148 ASN A OD1 1 
ATOM   574  N ND2 . ASN A 1 74  ? 1.755   -12.885 1.301   1.00 15.62 ? 148 ASN A ND2 1 
ATOM   575  N N   . TRP A 1 75  ? 1.316   -10.385 5.332   1.00 15.02 ? 149 TRP A N   1 
ATOM   576  C CA  . TRP A 1 75  ? 1.058   -9.216  6.155   1.00 14.55 ? 149 TRP A CA  1 
ATOM   577  C C   . TRP A 1 75  ? 0.493   -8.162  5.210   1.00 14.50 ? 149 TRP A C   1 
ATOM   578  O O   . TRP A 1 75  ? 1.107   -7.848  4.187   1.00 14.46 ? 149 TRP A O   1 
ATOM   579  C CB  . TRP A 1 75  ? 2.342   -8.709  6.810   1.00 14.35 ? 149 TRP A CB  1 
ATOM   580  C CG  . TRP A 1 75  ? 2.947   -9.684  7.768   1.00 13.88 ? 149 TRP A CG  1 
ATOM   581  C CD1 . TRP A 1 75  ? 3.972   -10.551 7.519   1.00 13.53 ? 149 TRP A CD1 1 
ATOM   582  C CD2 . TRP A 1 75  ? 2.559   -9.900  9.132   1.00 13.46 ? 149 TRP A CD2 1 
ATOM   583  N NE1 . TRP A 1 75  ? 4.249   -11.293 8.641   1.00 13.24 ? 149 TRP A NE1 1 
ATOM   584  C CE2 . TRP A 1 75  ? 3.396   -10.917 9.646   1.00 13.37 ? 149 TRP A CE2 1 
ATOM   585  C CE3 . TRP A 1 75  ? 1.586   -9.336  9.969   1.00 13.16 ? 149 TRP A CE3 1 
ATOM   586  C CZ2 . TRP A 1 75  ? 3.290   -11.381 10.964  1.00 13.17 ? 149 TRP A CZ2 1 
ATOM   587  C CZ3 . TRP A 1 75  ? 1.482   -9.798  11.278  1.00 12.97 ? 149 TRP A CZ3 1 
ATOM   588  C CH2 . TRP A 1 75  ? 2.330   -10.810 11.761  1.00 12.96 ? 149 TRP A CH2 1 
ATOM   589  N N   . ALA A 1 76  ? -0.686  -7.641  5.530   1.00 14.41 ? 150 ALA A N   1 
ATOM   590  C CA  . ALA A 1 76  ? -1.340  -6.669  4.663   1.00 14.35 ? 150 ALA A CA  1 
ATOM   591  C C   . ALA A 1 76  ? -0.654  -5.307  4.744   1.00 14.43 ? 150 ALA A C   1 
ATOM   592  O O   . ALA A 1 76  ? -0.500  -4.741  5.830   1.00 14.51 ? 150 ALA A O   1 
ATOM   593  C CB  . ALA A 1 76  ? -2.815  -6.552  5.010   1.00 14.19 ? 150 ALA A CB  1 
ATOM   594  N N   . PHE A 1 77  ? -0.220  -4.803  3.591   1.00 14.48 ? 151 PHE A N   1 
ATOM   595  C CA  . PHE A 1 77  ? 0.258   -3.429  3.477   1.00 14.57 ? 151 PHE A CA  1 
ATOM   596  C C   . PHE A 1 77  ? -0.967  -2.518  3.557   1.00 14.79 ? 151 PHE A C   1 
ATOM   597  O O   . PHE A 1 77  ? -1.898  -2.661  2.763   1.00 14.86 ? 151 PHE A O   1 
ATOM   598  C CB  . PHE A 1 77  ? 0.982   -3.209  2.140   1.00 14.48 ? 151 PHE A CB  1 
ATOM   599  C CG  . PHE A 1 77  ? 2.429   -3.654  2.131   1.00 14.12 ? 151 PHE A CG  1 
ATOM   600  C CD1 . PHE A 1 77  ? 2.861   -4.748  2.882   1.00 13.85 ? 151 PHE A CD1 1 
ATOM   601  C CD2 . PHE A 1 77  ? 3.357   -2.989  1.330   1.00 13.67 ? 151 PHE A CD2 1 
ATOM   602  C CE1 . PHE A 1 77  ? 4.197   -5.153  2.852   1.00 13.65 ? 151 PHE A CE1 1 
ATOM   603  C CE2 . PHE A 1 77  ? 4.694   -3.390  1.291   1.00 13.39 ? 151 PHE A CE2 1 
ATOM   604  C CZ  . PHE A 1 77  ? 5.114   -4.474  2.051   1.00 13.47 ? 151 PHE A CZ  1 
ATOM   605  N N   . GLN A 1 78  ? -0.974  -1.604  4.521   1.00 15.01 ? 152 GLN A N   1 
ATOM   606  C CA  . GLN A 1 78  ? -2.084  -0.663  4.681   1.00 15.26 ? 152 GLN A CA  1 
ATOM   607  C C   . GLN A 1 78  ? -1.569  0.764   4.779   1.00 15.40 ? 152 GLN A C   1 
ATOM   608  O O   . GLN A 1 78  ? -0.497  1.000   5.328   1.00 15.41 ? 152 GLN A O   1 
ATOM   609  C CB  . GLN A 1 78  ? -2.894  -0.991  5.934   1.00 15.33 ? 152 GLN A CB  1 
ATOM   610  C CG  . GLN A 1 78  ? -3.675  -2.296  5.881   1.00 15.68 ? 152 GLN A CG  1 
ATOM   611  C CD  . GLN A 1 78  ? -4.252  -2.671  7.236   1.00 16.45 ? 152 GLN A CD  1 
ATOM   612  O OE1 . GLN A 1 78  ? -3.561  -2.624  8.258   1.00 16.71 ? 152 GLN A OE1 1 
ATOM   613  N NE2 . GLN A 1 78  ? -5.525  -3.049  7.251   1.00 16.43 ? 152 GLN A NE2 1 
ATOM   614  N N   . SER A 1 79  ? -2.337  1.717   4.253   1.00 15.59 ? 153 SER A N   1 
ATOM   615  C CA  . SER A 1 79  ? -1.953  3.125   4.331   1.00 15.81 ? 153 SER A CA  1 
ATOM   616  C C   . SER A 1 79  ? -3.121  4.064   4.615   1.00 16.08 ? 153 SER A C   1 
ATOM   617  O O   . SER A 1 79  ? -4.287  3.716   4.405   1.00 16.09 ? 153 SER A O   1 
ATOM   618  C CB  . SER A 1 79  ? -1.236  3.564   3.051   1.00 15.72 ? 153 SER A CB  1 
ATOM   619  O OG  . SER A 1 79  ? -2.162  3.840   2.013   1.00 15.66 ? 153 SER A OG  1 
ATOM   620  N N   . GLN A 1 80  ? -2.786  5.255   5.102   1.00 16.35 ? 154 GLN A N   1 
ATOM   621  C CA  . GLN A 1 80  ? -3.738  6.347   5.232   1.00 16.71 ? 154 GLN A CA  1 
ATOM   622  C C   . GLN A 1 80  ? -3.261  7.511   4.380   1.00 16.80 ? 154 GLN A C   1 
ATOM   623  O O   . GLN A 1 80  ? -2.172  8.047   4.603   1.00 16.88 ? 154 GLN A O   1 
ATOM   624  C CB  . GLN A 1 80  ? -3.884  6.784   6.688   1.00 16.77 ? 154 GLN A CB  1 
ATOM   625  C CG  . GLN A 1 80  ? -4.366  5.684   7.611   1.00 17.53 ? 154 GLN A CG  1 
ATOM   626  C CD  . GLN A 1 80  ? -5.404  6.183   8.592   1.00 18.63 ? 154 GLN A CD  1 
ATOM   627  O OE1 . GLN A 1 80  ? -5.176  6.202   9.803   1.00 19.09 ? 154 GLN A OE1 1 
ATOM   628  N NE2 . GLN A 1 80  ? -6.559  6.597   8.073   1.00 19.46 ? 154 GLN A NE2 1 
ATOM   629  N N   . GLN A 1 81  ? -4.069  7.885   3.395   1.00 16.89 ? 155 GLN A N   1 
ATOM   630  C CA  . GLN A 1 81  ? -3.693  8.939   2.462   1.00 17.09 ? 155 GLN A CA  1 
ATOM   631  C C   . GLN A 1 81  ? -4.869  9.857   2.202   1.00 17.40 ? 155 GLN A C   1 
ATOM   632  O O   . GLN A 1 81  ? -5.980  9.395   1.936   1.00 17.43 ? 155 GLN A O   1 
ATOM   633  C CB  . GLN A 1 81  ? -3.223  8.348   1.128   1.00 16.99 ? 155 GLN A CB  1 
ATOM   634  C CG  . GLN A 1 81  ? -2.298  7.140   1.254   1.00 16.57 ? 155 GLN A CG  1 
ATOM   635  C CD  . GLN A 1 81  ? -1.885  6.576   -0.089  1.00 15.99 ? 155 GLN A CD  1 
ATOM   636  O OE1 . GLN A 1 81  ? -1.320  5.487   -0.161  1.00 15.82 ? 155 GLN A OE1 1 
ATOM   637  N NE2 . GLN A 1 81  ? -2.159  7.312   -1.162  1.00 15.82 ? 155 GLN A NE2 1 
ATOM   638  N N   . SER A 1 82  ? -4.617  11.160  2.281   1.00 17.81 ? 156 SER A N   1 
ATOM   639  C CA  . SER A 1 82  ? -5.588  12.147  1.837   1.00 18.22 ? 156 SER A CA  1 
ATOM   640  C C   . SER A 1 82  ? -5.603  12.139  0.313   1.00 18.60 ? 156 SER A C   1 
ATOM   641  O O   . SER A 1 82  ? -4.639  11.697  -0.321  1.00 18.67 ? 156 SER A O   1 
ATOM   642  C CB  . SER A 1 82  ? -5.244  13.535  2.376   1.00 18.13 ? 156 SER A CB  1 
ATOM   643  O OG  . SER A 1 82  ? -3.984  13.974  1.903   1.00 18.08 ? 156 SER A OG  1 
ATOM   644  N N   . SER A 1 83  ? -6.701  12.609  -0.272  1.00 19.06 ? 157 SER A N   1 
ATOM   645  C CA  . SER A 1 83  ? -6.840  12.623  -1.723  1.00 19.55 ? 157 SER A CA  1 
ATOM   646  C C   . SER A 1 83  ? -7.592  13.855  -2.208  1.00 19.88 ? 157 SER A C   1 
ATOM   647  O O   . SER A 1 83  ? -8.270  14.535  -1.430  1.00 19.89 ? 157 SER A O   1 
ATOM   648  C CB  . SER A 1 83  ? -7.535  11.346  -2.207  1.00 19.53 ? 157 SER A CB  1 
ATOM   649  O OG  . SER A 1 83  ? -8.823  11.216  -1.630  1.00 19.74 ? 157 SER A OG  1 
ATOM   650  N N   . SER A 1 84  ? -7.459  14.131  -3.503  1.00 20.25 ? 158 SER A N   1 
ATOM   651  C CA  . SER A 1 84  ? -8.109  15.276  -4.124  1.00 20.63 ? 158 SER A CA  1 
ATOM   652  C C   . SER A 1 84  ? -8.640  14.883  -5.501  1.00 20.75 ? 158 SER A C   1 
ATOM   653  O O   . SER A 1 84  ? -7.930  14.254  -6.292  1.00 20.82 ? 158 SER A O   1 
ATOM   654  C CB  . SER A 1 84  ? -7.123  16.440  -4.229  1.00 20.64 ? 158 SER A CB  1 
ATOM   655  O OG  . SER A 1 84  ? -7.715  17.639  -3.763  1.00 21.22 ? 158 SER A OG  1 
ATOM   656  N N   . ASP A 1 85  ? -9.891  15.248  -5.774  1.00 20.88 ? 159 ASP A N   1 
ATOM   657  C CA  . ASP A 1 85  ? -10.569 14.865  -7.014  1.00 21.01 ? 159 ASP A CA  1 
ATOM   658  C C   . ASP A 1 85  ? -9.920  15.479  -8.249  1.00 21.01 ? 159 ASP A C   1 
ATOM   659  O O   . ASP A 1 85  ? -9.421  16.607  -8.200  1.00 21.14 ? 159 ASP A O   1 
ATOM   660  C CB  . ASP A 1 85  ? -12.050 15.252  -6.958  1.00 21.07 ? 159 ASP A CB  1 
ATOM   661  C CG  . ASP A 1 85  ? -12.827 14.460  -5.916  1.00 21.49 ? 159 ASP A CG  1 
ATOM   662  O OD1 . ASP A 1 85  ? -12.300 13.446  -5.402  1.00 21.81 ? 159 ASP A OD1 1 
ATOM   663  O OD2 . ASP A 1 85  ? -13.974 14.852  -5.609  1.00 22.01 ? 159 ASP A OD2 1 
ATOM   664  N N   . ASP A 1 86  ? -9.929  14.719  -9.346  1.00 20.87 ? 160 ASP A N   1 
ATOM   665  C CA  . ASP A 1 86  ? -9.451  15.181  -10.657 1.00 20.71 ? 160 ASP A CA  1 
ATOM   666  C C   . ASP A 1 86  ? -7.975  15.593  -10.663 1.00 20.31 ? 160 ASP A C   1 
ATOM   667  O O   . ASP A 1 86  ? -7.598  16.595  -11.279 1.00 20.42 ? 160 ASP A O   1 
ATOM   668  C CB  . ASP A 1 86  ? -10.337 16.320  -11.197 1.00 20.89 ? 160 ASP A CB  1 
ATOM   669  C CG  . ASP A 1 86  ? -11.821 15.980  -11.161 1.00 21.64 ? 160 ASP A CG  1 
ATOM   670  O OD1 . ASP A 1 86  ? -12.191 14.827  -11.486 1.00 22.13 ? 160 ASP A OD1 1 
ATOM   671  O OD2 . ASP A 1 86  ? -12.618 16.878  -10.810 1.00 22.58 ? 160 ASP A OD2 1 
ATOM   672  N N   . THR A 1 87  ? -7.143  14.814  -9.978  1.00 19.72 ? 161 THR A N   1 
ATOM   673  C CA  . THR A 1 87  ? -5.706  15.082  -9.945  1.00 19.08 ? 161 THR A CA  1 
ATOM   674  C C   . THR A 1 87  ? -4.917  13.954  -10.598 1.00 18.58 ? 161 THR A C   1 
ATOM   675  O O   . THR A 1 87  ? -5.395  12.823  -10.702 1.00 18.54 ? 161 THR A O   1 
ATOM   676  C CB  . THR A 1 87  ? -5.192  15.325  -8.509  1.00 19.07 ? 161 THR A CB  1 
ATOM   677  O OG1 . THR A 1 87  ? -5.556  14.221  -7.671  1.00 19.36 ? 161 THR A OG1 1 
ATOM   678  C CG2 . THR A 1 87  ? -5.788  16.603  -7.938  1.00 19.12 ? 161 THR A CG2 1 
ATOM   679  N N   . PHE A 1 88  ? -3.708  14.280  -11.045 1.00 17.98 ? 162 PHE A N   1 
ATOM   680  C CA  . PHE A 1 88  ? -2.835  13.321  -11.707 1.00 17.30 ? 162 PHE A CA  1 
ATOM   681  C C   . PHE A 1 88  ? -1.582  13.137  -10.868 1.00 16.70 ? 162 PHE A C   1 
ATOM   682  O O   . PHE A 1 88  ? -0.738  14.032  -10.780 1.00 16.61 ? 162 PHE A O   1 
ATOM   683  C CB  . PHE A 1 88  ? -2.517  13.787  -13.130 1.00 17.33 ? 162 PHE A CB  1 
ATOM   684  C CG  . PHE A 1 88  ? -3.741  14.066  -13.953 1.00 17.58 ? 162 PHE A CG  1 
ATOM   685  C CD1 . PHE A 1 88  ? -4.302  13.071  -14.746 1.00 17.89 ? 162 PHE A CD1 1 
ATOM   686  C CD2 . PHE A 1 88  ? -4.354  15.319  -13.913 1.00 18.00 ? 162 PHE A CD2 1 
ATOM   687  C CE1 . PHE A 1 88  ? -5.447  13.323  -15.503 1.00 18.01 ? 162 PHE A CE1 1 
ATOM   688  C CE2 . PHE A 1 88  ? -5.498  15.583  -14.664 1.00 17.96 ? 162 PHE A CE2 1 
ATOM   689  C CZ  . PHE A 1 88  ? -6.046  14.582  -15.461 1.00 18.04 ? 162 PHE A CZ  1 
ATOM   690  N N   . ASN A 1 89  ? -1.484  11.968  -10.243 1.00 16.06 ? 163 ASN A N   1 
ATOM   691  C CA  . ASN A 1 89  ? -0.483  11.719  -9.216  1.00 15.48 ? 163 ASN A CA  1 
ATOM   692  C C   . ASN A 1 89  ? 0.710   10.904  -9.683  1.00 14.90 ? 163 ASN A C   1 
ATOM   693  O O   . ASN A 1 89  ? 0.565   9.922   -10.418 1.00 14.86 ? 163 ASN A O   1 
ATOM   694  C CB  . ASN A 1 89  ? -1.129  11.057  -8.000  1.00 15.58 ? 163 ASN A CB  1 
ATOM   695  C CG  . ASN A 1 89  ? -2.176  11.943  -7.349  1.00 16.15 ? 163 ASN A CG  1 
ATOM   696  O OD1 . ASN A 1 89  ? -3.318  12.019  -7.804  1.00 16.44 ? 163 ASN A OD1 1 
ATOM   697  N ND2 . ASN A 1 89  ? -1.788  12.621  -6.276  1.00 17.11 ? 163 ASN A ND2 1 
ATOM   698  N N   . LEU A 1 90  ? 1.890   11.325  -9.241  1.00 14.15 ? 164 LEU A N   1 
ATOM   699  C CA  . LEU A 1 90  ? 3.127   10.628  -9.553  1.00 13.42 ? 164 LEU A CA  1 
ATOM   700  C C   . LEU A 1 90  ? 3.710   10.004  -8.297  1.00 12.90 ? 164 LEU A C   1 
ATOM   701  O O   . LEU A 1 90  ? 3.759   10.638  -7.242  1.00 12.89 ? 164 LEU A O   1 
ATOM   702  C CB  . LEU A 1 90  ? 4.156   11.583  -10.169 1.00 13.42 ? 164 LEU A CB  1 
ATOM   703  C CG  . LEU A 1 90  ? 3.746   12.536  -11.296 1.00 13.21 ? 164 LEU A CG  1 
ATOM   704  C CD1 . LEU A 1 90  ? 4.879   13.500  -11.604 1.00 12.86 ? 164 LEU A CD1 1 
ATOM   705  C CD2 . LEU A 1 90  ? 3.336   11.778  -12.545 1.00 12.98 ? 164 LEU A CD2 1 
ATOM   706  N N   . PHE A 1 91  ? 4.133   8.752   -8.421  1.00 12.23 ? 165 PHE A N   1 
ATOM   707  C CA  . PHE A 1 91  ? 4.951   8.113   -7.404  1.00 11.61 ? 165 PHE A CA  1 
ATOM   708  C C   . PHE A 1 91  ? 6.353   8.703   -7.477  1.00 11.61 ? 165 PHE A C   1 
ATOM   709  O O   . PHE A 1 91  ? 6.883   8.917   -8.568  1.00 11.66 ? 165 PHE A O   1 
ATOM   710  C CB  . PHE A 1 91  ? 5.004   6.608   -7.646  1.00 11.27 ? 165 PHE A CB  1 
ATOM   711  C CG  . PHE A 1 91  ? 6.070   5.901   -6.864  1.00 10.19 ? 165 PHE A CG  1 
ATOM   712  C CD1 . PHE A 1 91  ? 7.278   5.558   -7.464  1.00 9.39  ? 165 PHE A CD1 1 
ATOM   713  C CD2 . PHE A 1 91  ? 5.868   5.576   -5.526  1.00 9.32  ? 165 PHE A CD2 1 
ATOM   714  C CE1 . PHE A 1 91  ? 8.268   4.897   -6.745  1.00 8.87  ? 165 PHE A CE1 1 
ATOM   715  C CE2 . PHE A 1 91  ? 6.848   4.914   -4.801  1.00 8.77  ? 165 PHE A CE2 1 
ATOM   716  C CZ  . PHE A 1 91  ? 8.052   4.575   -5.409  1.00 8.78  ? 165 PHE A CZ  1 
ATOM   717  N N   . VAL A 1 92  ? 6.943   8.976   -6.317  1.00 11.38 ? 166 VAL A N   1 
ATOM   718  C CA  . VAL A 1 92  ? 8.318   9.455   -6.251  1.00 11.13 ? 166 VAL A CA  1 
ATOM   719  C C   . VAL A 1 92  ? 9.079   8.592   -5.248  1.00 11.07 ? 166 VAL A C   1 
ATOM   720  O O   . VAL A 1 92  ? 8.899   8.727   -4.036  1.00 11.05 ? 166 VAL A O   1 
ATOM   721  C CB  . VAL A 1 92  ? 8.396   10.961  -5.871  1.00 11.12 ? 166 VAL A CB  1 
ATOM   722  C CG1 . VAL A 1 92  ? 9.837   11.432  -5.839  1.00 11.06 ? 166 VAL A CG1 1 
ATOM   723  C CG2 . VAL A 1 92  ? 7.595   11.815  -6.853  1.00 11.00 ? 166 VAL A CG2 1 
ATOM   724  N N   . GLY A 1 93  ? 9.918   7.696   -5.766  1.00 10.93 ? 167 GLY A N   1 
ATOM   725  C CA  . GLY A 1 93  ? 10.667  6.762   -4.930  1.00 10.76 ? 167 GLY A CA  1 
ATOM   726  C C   . GLY A 1 93  ? 12.148  7.056   -4.823  1.00 10.75 ? 167 GLY A C   1 
ATOM   727  O O   . GLY A 1 93  ? 12.648  8.014   -5.425  1.00 10.68 ? 167 GLY A O   1 
ATOM   728  N N   . ASP A 1 94  ? 12.840  6.215   -4.052  1.00 10.70 ? 168 ASP A N   1 
ATOM   729  C CA  . ASP A 1 94  ? 14.270  6.355   -3.754  1.00 10.68 ? 168 ASP A CA  1 
ATOM   730  C C   . ASP A 1 94  ? 14.589  7.696   -3.086  1.00 10.80 ? 168 ASP A C   1 
ATOM   731  O O   . ASP A 1 94  ? 15.625  8.317   -3.348  1.00 10.87 ? 168 ASP A O   1 
ATOM   732  C CB  . ASP A 1 94  ? 15.121  6.136   -5.012  1.00 10.59 ? 168 ASP A CB  1 
ATOM   733  C CG  . ASP A 1 94  ? 16.614  6.100   -4.716  1.00 10.48 ? 168 ASP A CG  1 
ATOM   734  O OD1 . ASP A 1 94  ? 17.022  5.461   -3.722  1.00 9.91  ? 168 ASP A OD1 1 
ATOM   735  O OD2 . ASP A 1 94  ? 17.383  6.709   -5.485  1.00 10.38 ? 168 ASP A OD2 1 
ATOM   736  N N   . LEU A 1 95  ? 13.680  8.133   -2.219  1.00 10.83 ? 169 LEU A N   1 
ATOM   737  C CA  . LEU A 1 95  ? 13.856  9.365   -1.469  1.00 10.81 ? 169 LEU A CA  1 
ATOM   738  C C   . LEU A 1 95  ? 14.830  9.136   -0.329  1.00 10.94 ? 169 LEU A C   1 
ATOM   739  O O   . LEU A 1 95  ? 14.720  8.147   0.394   1.00 10.85 ? 169 LEU A O   1 
ATOM   740  C CB  . LEU A 1 95  ? 12.519  9.866   -0.915  1.00 10.70 ? 169 LEU A CB  1 
ATOM   741  C CG  . LEU A 1 95  ? 11.445  10.365  -1.889  1.00 10.56 ? 169 LEU A CG  1 
ATOM   742  C CD1 . LEU A 1 95  ? 10.202  10.793  -1.119  1.00 10.45 ? 169 LEU A CD1 1 
ATOM   743  C CD2 . LEU A 1 95  ? 11.959  11.517  -2.743  1.00 10.08 ? 169 LEU A CD2 1 
ATOM   744  N N   . ASN A 1 96  ? 15.788  10.049  -0.185  1.00 11.19 ? 170 ASN A N   1 
ATOM   745  C CA  . ASN A 1 96  ? 16.662  10.081  0.980   1.00 11.43 ? 170 ASN A CA  1 
ATOM   746  C C   . ASN A 1 96  ? 15.804  10.151  2.232   1.00 11.60 ? 170 ASN A C   1 
ATOM   747  O O   . ASN A 1 96  ? 14.838  10.914  2.291   1.00 11.60 ? 170 ASN A O   1 
ATOM   748  C CB  . ASN A 1 96  ? 17.595  11.296  0.909   1.00 11.51 ? 170 ASN A CB  1 
ATOM   749  C CG  . ASN A 1 96  ? 18.784  11.201  1.864   1.00 11.60 ? 170 ASN A CG  1 
ATOM   750  O OD1 . ASN A 1 96  ? 19.922  11.434  1.465   1.00 11.63 ? 170 ASN A OD1 1 
ATOM   751  N ND2 . ASN A 1 96  ? 18.524  10.878  3.126   1.00 11.74 ? 170 ASN A ND2 1 
ATOM   752  N N   . VAL A 1 97  ? 16.153  9.342   3.225   1.00 11.85 ? 171 VAL A N   1 
ATOM   753  C CA  . VAL A 1 97  ? 15.422  9.294   4.493   1.00 12.11 ? 171 VAL A CA  1 
ATOM   754  C C   . VAL A 1 97  ? 15.247  10.673  5.173   1.00 12.13 ? 171 VAL A C   1 
ATOM   755  O O   . VAL A 1 97  ? 14.296  10.875  5.935   1.00 12.11 ? 171 VAL A O   1 
ATOM   756  C CB  . VAL A 1 97  ? 16.034  8.204   5.432   1.00 12.17 ? 171 VAL A CB  1 
ATOM   757  C CG1 . VAL A 1 97  ? 16.166  8.684   6.877   1.00 12.39 ? 171 VAL A CG1 1 
ATOM   758  C CG2 . VAL A 1 97  ? 15.224  6.910   5.331   1.00 12.22 ? 171 VAL A CG2 1 
ATOM   759  N N   . ASN A 1 98  ? 16.137  11.617  4.862   1.00 12.22 ? 172 ASN A N   1 
ATOM   760  C CA  . ASN A 1 98  ? 16.032  12.989  5.377   1.00 12.28 ? 172 ASN A CA  1 
ATOM   761  C C   . ASN A 1 98  ? 15.077  13.900  4.594   1.00 12.25 ? 172 ASN A C   1 
ATOM   762  O O   . ASN A 1 98  ? 14.927  15.079  4.923   1.00 12.29 ? 172 ASN A O   1 
ATOM   763  C CB  . ASN A 1 98  ? 17.422  13.644  5.526   1.00 12.32 ? 172 ASN A CB  1 
ATOM   764  C CG  . ASN A 1 98  ? 18.140  13.870  4.190   1.00 12.67 ? 172 ASN A CG  1 
ATOM   765  O OD1 . ASN A 1 98  ? 19.344  14.122  4.169   1.00 13.46 ? 172 ASN A OD1 1 
ATOM   766  N ND2 . ASN A 1 98  ? 17.411  13.792  3.082   1.00 12.69 ? 172 ASN A ND2 1 
ATOM   767  N N   . VAL A 1 99  ? 14.437  13.351  3.564   1.00 12.25 ? 173 VAL A N   1 
ATOM   768  C CA  . VAL A 1 99  ? 13.479  14.106  2.760   1.00 12.35 ? 173 VAL A CA  1 
ATOM   769  C C   . VAL A 1 99  ? 12.085  14.022  3.384   1.00 12.51 ? 173 VAL A C   1 
ATOM   770  O O   . VAL A 1 99  ? 11.526  12.934  3.533   1.00 12.51 ? 173 VAL A O   1 
ATOM   771  C CB  . VAL A 1 99  ? 13.456  13.618  1.282   1.00 12.30 ? 173 VAL A CB  1 
ATOM   772  C CG1 . VAL A 1 99  ? 12.339  14.291  0.492   1.00 12.07 ? 173 VAL A CG1 1 
ATOM   773  C CG2 . VAL A 1 99  ? 14.804  13.864  0.618   1.00 12.18 ? 173 VAL A CG2 1 
ATOM   774  N N   . ASP A 1 100 ? 11.544  15.176  3.767   1.00 12.73 ? 174 ASP A N   1 
ATOM   775  C CA  . ASP A 1 100 ? 10.181  15.268  4.288   1.00 13.11 ? 174 ASP A CA  1 
ATOM   776  C C   . ASP A 1 100 ? 9.271   15.961  3.271   1.00 13.40 ? 174 ASP A C   1 
ATOM   777  O O   . ASP A 1 100 ? 9.748   16.417  2.230   1.00 13.54 ? 174 ASP A O   1 
ATOM   778  C CB  . ASP A 1 100 ? 10.160  15.980  5.651   1.00 13.11 ? 174 ASP A CB  1 
ATOM   779  C CG  . ASP A 1 100 ? 10.552  17.456  5.567   1.00 13.23 ? 174 ASP A CG  1 
ATOM   780  O OD1 . ASP A 1 100 ? 11.434  17.823  4.757   1.00 13.61 ? 174 ASP A OD1 1 
ATOM   781  O OD2 . ASP A 1 100 ? 9.983   18.256  6.339   1.00 13.02 ? 174 ASP A OD2 1 
ATOM   782  N N   . ASP A 1 101 ? 7.972   16.035  3.566   1.00 13.72 ? 175 ASP A N   1 
ATOM   783  C CA  . ASP A 1 101 ? 6.998   16.665  2.661   1.00 14.09 ? 175 ASP A CA  1 
ATOM   784  C C   . ASP A 1 101 ? 7.460   18.025  2.133   1.00 14.43 ? 175 ASP A C   1 
ATOM   785  O O   . ASP A 1 101 ? 7.250   18.339  0.959   1.00 14.59 ? 175 ASP A O   1 
ATOM   786  C CB  . ASP A 1 101 ? 5.638   16.854  3.344   1.00 14.11 ? 175 ASP A CB  1 
ATOM   787  C CG  . ASP A 1 101 ? 5.005   15.550  3.802   1.00 14.21 ? 175 ASP A CG  1 
ATOM   788  O OD1 . ASP A 1 101 ? 3.765   15.537  3.948   1.00 14.24 ? 175 ASP A OD1 1 
ATOM   789  O OD2 . ASP A 1 101 ? 5.724   14.552  4.027   1.00 14.75 ? 175 ASP A OD2 1 
ATOM   790  N N   . GLU A 1 102 ? 8.080   18.824  3.004   1.00 14.75 ? 176 GLU A N   1 
ATOM   791  C CA  . GLU A 1 102 ? 8.523   20.178  2.654   1.00 15.02 ? 176 GLU A CA  1 
ATOM   792  C C   . GLU A 1 102 ? 9.700   20.181  1.675   1.00 14.99 ? 176 GLU A C   1 
ATOM   793  O O   . GLU A 1 102 ? 9.738   20.995  0.749   1.00 14.96 ? 176 GLU A O   1 
ATOM   794  C CB  . GLU A 1 102 ? 8.849   20.984  3.923   1.00 15.14 ? 176 GLU A CB  1 
ATOM   795  C CG  . GLU A 1 102 ? 9.380   22.407  3.692   1.00 15.85 ? 176 GLU A CG  1 
ATOM   796  C CD  . GLU A 1 102 ? 8.377   23.349  3.033   1.00 17.08 ? 176 GLU A CD  1 
ATOM   797  O OE1 . GLU A 1 102 ? 8.785   24.475  2.675   1.00 17.99 ? 176 GLU A OE1 1 
ATOM   798  O OE2 . GLU A 1 102 ? 7.189   22.983  2.869   1.00 17.34 ? 176 GLU A OE2 1 
ATOM   799  N N   . THR A 1 103 ? 10.650  19.270  1.883   1.00 15.03 ? 177 THR A N   1 
ATOM   800  C CA  . THR A 1 103 ? 11.770  19.084  0.962   1.00 15.10 ? 177 THR A CA  1 
ATOM   801  C C   . THR A 1 103 ? 11.251  18.652  -0.409  1.00 15.28 ? 177 THR A C   1 
ATOM   802  O O   . THR A 1 103 ? 11.687  19.170  -1.438  1.00 15.35 ? 177 THR A O   1 
ATOM   803  C CB  . THR A 1 103 ? 12.780  18.051  1.506   1.00 14.97 ? 177 THR A CB  1 
ATOM   804  O OG1 . THR A 1 103 ? 13.339  18.540  2.728   1.00 15.20 ? 177 THR A OG1 1 
ATOM   805  C CG2 . THR A 1 103 ? 13.910  17.801  0.517   1.00 14.83 ? 177 THR A CG2 1 
ATOM   806  N N   . LEU A 1 104 ? 10.307  17.713  -0.402  1.00 15.54 ? 178 LEU A N   1 
ATOM   807  C CA  . LEU A 1 104 ? 9.687   17.209  -1.622  1.00 15.78 ? 178 LEU A CA  1 
ATOM   808  C C   . LEU A 1 104 ? 8.931   18.321  -2.350  1.00 16.02 ? 178 LEU A C   1 
ATOM   809  O O   . LEU A 1 104 ? 9.033   18.449  -3.576  1.00 16.09 ? 178 LEU A O   1 
ATOM   810  C CB  . LEU A 1 104 ? 8.756   16.037  -1.291  1.00 15.70 ? 178 LEU A CB  1 
ATOM   811  C CG  . LEU A 1 104 ? 8.098   15.254  -2.430  1.00 15.61 ? 178 LEU A CG  1 
ATOM   812  C CD1 . LEU A 1 104 ? 9.133   14.606  -3.343  1.00 15.46 ? 178 LEU A CD1 1 
ATOM   813  C CD2 . LEU A 1 104 ? 7.155   14.208  -1.857  1.00 15.42 ? 178 LEU A CD2 1 
ATOM   814  N N   . ARG A 1 105 ? 8.187   19.119  -1.582  1.00 16.22 ? 179 ARG A N   1 
ATOM   815  C CA  . ARG A 1 105 ? 7.455   20.284  -2.083  1.00 16.50 ? 179 ARG A CA  1 
ATOM   816  C C   . ARG A 1 105 ? 8.382   21.248  -2.820  1.00 16.47 ? 179 ARG A C   1 
ATOM   817  O O   . ARG A 1 105 ? 8.101   21.646  -3.952  1.00 16.47 ? 179 ARG A O   1 
ATOM   818  C CB  . ARG A 1 105 ? 6.782   21.009  -0.914  1.00 16.57 ? 179 ARG A CB  1 
ATOM   819  C CG  . ARG A 1 105 ? 5.386   21.527  -1.204  1.00 17.27 ? 179 ARG A CG  1 
ATOM   820  C CD  . ARG A 1 105 ? 5.342   23.048  -1.418  1.00 18.44 ? 179 ARG A CD  1 
ATOM   821  N NE  . ARG A 1 105 ? 6.032   23.758  -0.341  1.00 19.28 ? 179 ARG A NE  1 
ATOM   822  C CZ  . ARG A 1 105 ? 6.107   25.084  -0.239  1.00 19.67 ? 179 ARG A CZ  1 
ATOM   823  N NH1 . ARG A 1 105 ? 5.520   25.858  -1.144  1.00 19.53 ? 179 ARG A NH1 1 
ATOM   824  N NH2 . ARG A 1 105 ? 6.769   25.637  0.774   1.00 19.81 ? 179 ARG A NH2 1 
ATOM   825  N N   . ASN A 1 106 ? 9.493   21.600  -2.174  1.00 16.49 ? 180 ASN A N   1 
ATOM   826  C CA  . ASN A 1 106 ? 10.470  22.539  -2.729  1.00 16.55 ? 180 ASN A CA  1 
ATOM   827  C C   . ASN A 1 106 ? 11.150  22.042  -4.003  1.00 16.50 ? 180 ASN A C   1 
ATOM   828  O O   . ASN A 1 106 ? 11.798  22.818  -4.708  1.00 16.61 ? 180 ASN A O   1 
ATOM   829  C CB  . ASN A 1 106 ? 11.528  22.899  -1.677  1.00 16.55 ? 180 ASN A CB  1 
ATOM   830  C CG  . ASN A 1 106 ? 10.970  23.750  -0.539  1.00 16.95 ? 180 ASN A CG  1 
ATOM   831  O OD1 . ASN A 1 106 ? 11.502  23.733  0.573   1.00 17.51 ? 180 ASN A OD1 1 
ATOM   832  N ND2 . ASN A 1 106 ? 9.902   24.499  -0.810  1.00 16.95 ? 180 ASN A ND2 1 
ATOM   833  N N   . ALA A 1 107 ? 10.997  20.752  -4.295  1.00 16.38 ? 181 ALA A N   1 
ATOM   834  C CA  . ALA A 1 107 ? 11.606  20.146  -5.472  1.00 16.27 ? 181 ALA A CA  1 
ATOM   835  C C   . ALA A 1 107 ? 10.680  20.165  -6.691  1.00 16.24 ? 181 ALA A C   1 
ATOM   836  O O   . ALA A 1 107 ? 11.148  20.115  -7.830  1.00 16.23 ? 181 ALA A O   1 
ATOM   837  C CB  . ALA A 1 107 ? 12.056  18.722  -5.159  1.00 16.18 ? 181 ALA A CB  1 
ATOM   838  N N   . PHE A 1 108 ? 9.372   20.249  -6.449  1.00 16.23 ? 182 PHE A N   1 
ATOM   839  C CA  . PHE A 1 108 ? 8.371   20.139  -7.516  1.00 16.23 ? 182 PHE A CA  1 
ATOM   840  C C   . PHE A 1 108 ? 7.457   21.360  -7.677  1.00 16.36 ? 182 PHE A C   1 
ATOM   841  O O   . PHE A 1 108 ? 6.754   21.472  -8.684  1.00 16.44 ? 182 PHE A O   1 
ATOM   842  C CB  . PHE A 1 108 ? 7.513   18.885  -7.308  1.00 16.10 ? 182 PHE A CB  1 
ATOM   843  C CG  . PHE A 1 108 ? 8.232   17.597  -7.591  1.00 15.86 ? 182 PHE A CG  1 
ATOM   844  C CD1 . PHE A 1 108 ? 8.883   16.907  -6.569  1.00 15.58 ? 182 PHE A CD1 1 
ATOM   845  C CD2 . PHE A 1 108 ? 8.254   17.067  -8.878  1.00 15.44 ? 182 PHE A CD2 1 
ATOM   846  C CE1 . PHE A 1 108 ? 9.549   15.713  -6.826  1.00 15.16 ? 182 PHE A CE1 1 
ATOM   847  C CE2 . PHE A 1 108 ? 8.917   15.874  -9.145  1.00 15.41 ? 182 PHE A CE2 1 
ATOM   848  C CZ  . PHE A 1 108 ? 9.567   15.196  -8.115  1.00 15.36 ? 182 PHE A CZ  1 
ATOM   849  N N   . LYS A 1 109 ? 7.475   22.266  -6.698  1.00 16.42 ? 183 LYS A N   1 
ATOM   850  C CA  . LYS A 1 109 ? 6.518   23.381  -6.629  1.00 16.60 ? 183 LYS A CA  1 
ATOM   851  C C   . LYS A 1 109 ? 6.545   24.357  -7.816  1.00 16.56 ? 183 LYS A C   1 
ATOM   852  O O   . LYS A 1 109 ? 5.517   24.951  -8.149  1.00 16.58 ? 183 LYS A O   1 
ATOM   853  C CB  . LYS A 1 109 ? 6.673   24.155  -5.310  1.00 16.71 ? 183 LYS A CB  1 
ATOM   854  C CG  . LYS A 1 109 ? 8.048   24.772  -5.110  1.00 17.31 ? 183 LYS A CG  1 
ATOM   855  C CD  . LYS A 1 109 ? 8.128   25.616  -3.858  1.00 18.21 ? 183 LYS A CD  1 
ATOM   856  C CE  . LYS A 1 109 ? 9.509   26.249  -3.750  1.00 18.92 ? 183 LYS A CE  1 
ATOM   857  N NZ  . LYS A 1 109 ? 9.648   27.102  -2.543  1.00 19.54 ? 183 LYS A NZ  1 
ATOM   858  N N   . ASP A 1 110 ? 7.710   24.516  -8.445  1.00 16.50 ? 184 ASP A N   1 
ATOM   859  C CA  . ASP A 1 110 ? 7.868   25.469  -9.552  1.00 16.49 ? 184 ASP A CA  1 
ATOM   860  C C   . ASP A 1 110 ? 7.377   24.930  -10.899 1.00 16.30 ? 184 ASP A C   1 
ATOM   861  O O   . ASP A 1 110 ? 7.298   25.678  -11.881 1.00 16.34 ? 184 ASP A O   1 
ATOM   862  C CB  . ASP A 1 110 ? 9.320   25.953  -9.664  1.00 16.57 ? 184 ASP A CB  1 
ATOM   863  C CG  . ASP A 1 110 ? 9.786   26.703  -8.424  1.00 17.06 ? 184 ASP A CG  1 
ATOM   864  O OD1 . ASP A 1 110 ? 8.952   27.356  -7.755  1.00 18.07 ? 184 ASP A OD1 1 
ATOM   865  O OD2 . ASP A 1 110 ? 10.994  26.642  -8.118  1.00 17.29 ? 184 ASP A OD2 1 
ATOM   866  N N   . PHE A 1 111 ? 7.053   23.638  -10.942 1.00 16.01 ? 185 PHE A N   1 
ATOM   867  C CA  . PHE A 1 111 ? 6.432   23.039  -12.119 1.00 15.70 ? 185 PHE A CA  1 
ATOM   868  C C   . PHE A 1 111 ? 4.970   23.461  -12.219 1.00 15.55 ? 185 PHE A C   1 
ATOM   869  O O   . PHE A 1 111 ? 4.251   23.447  -11.214 1.00 15.52 ? 185 PHE A O   1 
ATOM   870  C CB  . PHE A 1 111 ? 6.546   21.512  -12.085 1.00 15.62 ? 185 PHE A CB  1 
ATOM   871  C CG  . PHE A 1 111 ? 7.935   21.008  -12.344 1.00 15.60 ? 185 PHE A CG  1 
ATOM   872  C CD1 . PHE A 1 111 ? 8.423   20.915  -13.644 1.00 15.55 ? 185 PHE A CD1 1 
ATOM   873  C CD2 . PHE A 1 111 ? 8.758   20.627  -11.290 1.00 15.62 ? 185 PHE A CD2 1 
ATOM   874  C CE1 . PHE A 1 111 ? 9.710   20.453  -13.891 1.00 15.53 ? 185 PHE A CE1 1 
ATOM   875  C CE2 . PHE A 1 111 ? 10.048  20.162  -11.527 1.00 15.57 ? 185 PHE A CE2 1 
ATOM   876  C CZ  . PHE A 1 111 ? 10.525  20.075  -12.831 1.00 15.59 ? 185 PHE A CZ  1 
ATOM   877  N N   . PRO A 1 112 ? 4.531   23.858  -13.429 1.00 15.42 ? 186 PRO A N   1 
ATOM   878  C CA  . PRO A 1 112 ? 3.133   24.220  -13.674 1.00 15.33 ? 186 PRO A CA  1 
ATOM   879  C C   . PRO A 1 112 ? 2.166   23.159  -13.155 1.00 15.30 ? 186 PRO A C   1 
ATOM   880  O O   . PRO A 1 112 ? 2.410   21.961  -13.328 1.00 15.33 ? 186 PRO A O   1 
ATOM   881  C CB  . PRO A 1 112 ? 3.061   24.303  -15.199 1.00 15.31 ? 186 PRO A CB  1 
ATOM   882  C CG  . PRO A 1 112 ? 4.430   24.717  -15.605 1.00 15.37 ? 186 PRO A CG  1 
ATOM   883  C CD  . PRO A 1 112 ? 5.370   24.074  -14.622 1.00 15.30 ? 186 PRO A CD  1 
ATOM   884  N N   . SER A 1 113 ? 1.098   23.613  -12.499 1.00 15.22 ? 187 SER A N   1 
ATOM   885  C CA  . SER A 1 113 ? 0.008   22.754  -12.007 1.00 15.05 ? 187 SER A CA  1 
ATOM   886  C C   . SER A 1 113 ? 0.318   21.893  -10.778 1.00 14.97 ? 187 SER A C   1 
ATOM   887  O O   . SER A 1 113 ? -0.476  21.017  -10.430 1.00 14.98 ? 187 SER A O   1 
ATOM   888  C CB  . SER A 1 113 ? -0.564  21.879  -13.133 1.00 15.01 ? 187 SER A CB  1 
ATOM   889  O OG  . SER A 1 113 ? -1.053  22.676  -14.193 1.00 15.01 ? 187 SER A OG  1 
ATOM   890  N N   . TYR A 1 114 ? 1.454   22.137  -10.120 1.00 14.83 ? 188 TYR A N   1 
ATOM   891  C CA  . TYR A 1 114 ? 1.778   21.426  -8.880  1.00 14.71 ? 188 TYR A CA  1 
ATOM   892  C C   . TYR A 1 114 ? 0.693   21.658  -7.826  1.00 14.76 ? 188 TYR A C   1 
ATOM   893  O O   . TYR A 1 114 ? 0.254   22.791  -7.626  1.00 14.85 ? 188 TYR A O   1 
ATOM   894  C CB  . TYR A 1 114 ? 3.148   21.846  -8.329  1.00 14.63 ? 188 TYR A CB  1 
ATOM   895  C CG  . TYR A 1 114 ? 3.452   21.242  -6.973  1.00 14.41 ? 188 TYR A CG  1 
ATOM   896  C CD1 . TYR A 1 114 ? 3.996   19.963  -6.865  1.00 14.05 ? 188 TYR A CD1 1 
ATOM   897  C CD2 . TYR A 1 114 ? 3.170   21.940  -5.797  1.00 14.20 ? 188 TYR A CD2 1 
ATOM   898  C CE1 . TYR A 1 114 ? 4.261   19.398  -5.626  1.00 13.81 ? 188 TYR A CE1 1 
ATOM   899  C CE2 . TYR A 1 114 ? 3.432   21.381  -4.551  1.00 13.90 ? 188 TYR A CE2 1 
ATOM   900  C CZ  . TYR A 1 114 ? 3.979   20.112  -4.475  1.00 13.74 ? 188 TYR A CZ  1 
ATOM   901  O OH  . TYR A 1 114 ? 4.246   19.552  -3.249  1.00 13.80 ? 188 TYR A OH  1 
ATOM   902  N N   . LEU A 1 115 ? 0.267   20.586  -7.160  1.00 14.78 ? 189 LEU A N   1 
ATOM   903  C CA  . LEU A 1 115 ? -0.776  20.681  -6.137  1.00 14.80 ? 189 LEU A CA  1 
ATOM   904  C C   . LEU A 1 115 ? -0.260  20.345  -4.737  1.00 14.77 ? 189 LEU A C   1 
ATOM   905  O O   . LEU A 1 115 ? -0.383  21.156  -3.816  1.00 14.83 ? 189 LEU A O   1 
ATOM   906  C CB  . LEU A 1 115 ? -1.968  19.779  -6.479  1.00 14.87 ? 189 LEU A CB  1 
ATOM   907  C CG  . LEU A 1 115 ? -3.398  20.216  -6.106  1.00 14.97 ? 189 LEU A CG  1 
ATOM   908  C CD1 . LEU A 1 115 ? -4.208  19.031  -5.587  1.00 14.44 ? 189 LEU A CD1 1 
ATOM   909  C CD2 . LEU A 1 115 ? -3.468  21.402  -5.126  1.00 14.99 ? 189 LEU A CD2 1 
ATOM   910  N N   . SER A 1 116 ? 0.302   19.148  -4.579  1.00 14.62 ? 190 SER A N   1 
ATOM   911  C CA  . SER A 1 116 ? 0.781   18.688  -3.278  1.00 14.45 ? 190 SER A CA  1 
ATOM   912  C C   . SER A 1 116 ? 1.848   17.611  -3.396  1.00 14.29 ? 190 SER A C   1 
ATOM   913  O O   . SER A 1 116 ? 1.987   16.970  -4.437  1.00 14.36 ? 190 SER A O   1 
ATOM   914  C CB  . SER A 1 116 ? -0.380  18.174  -2.423  1.00 14.51 ? 190 SER A CB  1 
ATOM   915  O OG  . SER A 1 116 ? -1.102  17.162  -3.107  1.00 14.76 ? 190 SER A OG  1 
ATOM   916  N N   . GLY A 1 117 ? 2.611   17.441  -2.320  1.00 14.04 ? 191 GLY A N   1 
ATOM   917  C CA  . GLY A 1 117 ? 3.596   16.377  -2.207  1.00 13.79 ? 191 GLY A CA  1 
ATOM   918  C C   . GLY A 1 117 ? 3.562   15.800  -0.808  1.00 13.73 ? 191 GLY A C   1 
ATOM   919  O O   . GLY A 1 117 ? 3.537   16.543  0.177   1.00 13.81 ? 191 GLY A O   1 
ATOM   920  N N   . HIS A 1 118 ? 3.541   14.474  -0.714  1.00 13.62 ? 192 HIS A N   1 
ATOM   921  C CA  . HIS A 1 118 ? 3.556   13.794  0.579   1.00 13.42 ? 192 HIS A CA  1 
ATOM   922  C C   . HIS A 1 118 ? 4.582   12.679  0.591   1.00 13.44 ? 192 HIS A C   1 
ATOM   923  O O   . HIS A 1 118 ? 4.622   11.859  -0.325  1.00 13.50 ? 192 HIS A O   1 
ATOM   924  C CB  . HIS A 1 118 ? 2.188   13.195  0.897   1.00 13.31 ? 192 HIS A CB  1 
ATOM   925  C CG  . HIS A 1 118 ? 1.095   14.204  1.029   1.00 12.83 ? 192 HIS A CG  1 
ATOM   926  N ND1 . HIS A 1 118 ? 0.375   14.665  -0.051  1.00 12.66 ? 192 HIS A ND1 1 
ATOM   927  C CD2 . HIS A 1 118 ? 0.582   14.825  2.118   1.00 12.43 ? 192 HIS A CD2 1 
ATOM   928  C CE1 . HIS A 1 118 ? -0.530  15.533  0.364   1.00 12.51 ? 192 HIS A CE1 1 
ATOM   929  N NE2 . HIS A 1 118 ? -0.426  15.647  1.677   1.00 12.25 ? 192 HIS A NE2 1 
ATOM   930  N N   . VAL A 1 119 ? 5.409   12.658  1.632   1.00 13.36 ? 193 VAL A N   1 
ATOM   931  C CA  . VAL A 1 119 ? 6.287   11.526  1.895   1.00 13.29 ? 193 VAL A CA  1 
ATOM   932  C C   . VAL A 1 119 ? 5.476   10.482  2.665   1.00 13.35 ? 193 VAL A C   1 
ATOM   933  O O   . VAL A 1 119 ? 4.689   10.835  3.543   1.00 13.31 ? 193 VAL A O   1 
ATOM   934  C CB  . VAL A 1 119 ? 7.539   11.966  2.694   1.00 13.31 ? 193 VAL A CB  1 
ATOM   935  C CG1 . VAL A 1 119 ? 8.276   10.765  3.291   1.00 13.21 ? 193 VAL A CG1 1 
ATOM   936  C CG2 . VAL A 1 119 ? 8.472   12.781  1.807   1.00 12.96 ? 193 VAL A CG2 1 
ATOM   937  N N   . MET A 1 120 ? 5.643   9.208   2.315   1.00 13.43 ? 194 MET A N   1 
ATOM   938  C CA  . MET A 1 120 ? 4.974   8.128   3.044   1.00 13.61 ? 194 MET A CA  1 
ATOM   939  C C   . MET A 1 120 ? 5.715   7.851   4.350   1.00 13.93 ? 194 MET A C   1 
ATOM   940  O O   . MET A 1 120 ? 6.901   7.517   4.343   1.00 14.00 ? 194 MET A O   1 
ATOM   941  C CB  . MET A 1 120 ? 4.867   6.858   2.189   1.00 13.43 ? 194 MET A CB  1 
ATOM   942  C CG  . MET A 1 120 ? 4.040   5.737   2.823   1.00 12.68 ? 194 MET A CG  1 
ATOM   943  S SD  . MET A 1 120 ? 2.304   6.163   3.111   1.00 11.69 ? 194 MET A SD  1 
ATOM   944  C CE  . MET A 1 120 ? 1.615   5.988   1.465   1.00 12.12 ? 194 MET A CE  1 
ATOM   945  N N   . TRP A 1 121 ? 5.008   8.000   5.466   1.00 14.31 ? 195 TRP A N   1 
ATOM   946  C CA  . TRP A 1 121 ? 5.619   7.891   6.788   1.00 14.74 ? 195 TRP A CA  1 
ATOM   947  C C   . TRP A 1 121 ? 5.299   6.568   7.466   1.00 15.33 ? 195 TRP A C   1 
ATOM   948  O O   . TRP A 1 121 ? 4.198   6.032   7.311   1.00 15.41 ? 195 TRP A O   1 
ATOM   949  C CB  . TRP A 1 121 ? 5.180   9.057   7.682   1.00 14.42 ? 195 TRP A CB  1 
ATOM   950  C CG  . TRP A 1 121 ? 5.559   10.398  7.132   1.00 13.73 ? 195 TRP A CG  1 
ATOM   951  C CD1 . TRP A 1 121 ? 4.728   11.308  6.547   1.00 13.25 ? 195 TRP A CD1 1 
ATOM   952  C CD2 . TRP A 1 121 ? 6.871   10.974  7.101   1.00 13.21 ? 195 TRP A CD2 1 
ATOM   953  N NE1 . TRP A 1 121 ? 5.439   12.420  6.156   1.00 12.90 ? 195 TRP A NE1 1 
ATOM   954  C CE2 . TRP A 1 121 ? 6.756   12.241  6.486   1.00 12.88 ? 195 TRP A CE2 1 
ATOM   955  C CE3 . TRP A 1 121 ? 8.132   10.547  7.540   1.00 12.82 ? 195 TRP A CE3 1 
ATOM   956  C CZ2 . TRP A 1 121 ? 7.856   13.085  6.294   1.00 12.65 ? 195 TRP A CZ2 1 
ATOM   957  C CZ3 . TRP A 1 121 ? 9.226   11.388  7.350   1.00 12.43 ? 195 TRP A CZ3 1 
ATOM   958  C CH2 . TRP A 1 121 ? 9.079   12.641  6.733   1.00 12.30 ? 195 TRP A CH2 1 
ATOM   959  N N   . ASP A 1 122 ? 6.271   6.044   8.209   1.00 16.03 ? 196 ASP A N   1 
ATOM   960  C CA  . ASP A 1 122 ? 6.046   4.887   9.064   1.00 16.80 ? 196 ASP A CA  1 
ATOM   961  C C   . ASP A 1 122 ? 5.062   5.297   10.156  1.00 17.35 ? 196 ASP A C   1 
ATOM   962  O O   . ASP A 1 122 ? 5.271   6.287   10.864  1.00 17.36 ? 196 ASP A O   1 
ATOM   963  C CB  . ASP A 1 122 ? 7.363   4.388   9.664   1.00 16.84 ? 196 ASP A CB  1 
ATOM   964  C CG  . ASP A 1 122 ? 7.218   3.051   10.379  1.00 17.10 ? 196 ASP A CG  1 
ATOM   965  O OD1 . ASP A 1 122 ? 6.535   2.988   11.425  1.00 17.58 ? 196 ASP A OD1 1 
ATOM   966  O OD2 . ASP A 1 122 ? 7.808   2.060   9.902   1.00 17.47 ? 196 ASP A OD2 1 
ATOM   967  N N   . MET A 1 123 ? 3.984   4.527   10.273  1.00 18.04 ? 197 MET A N   1 
ATOM   968  C CA  . MET A 1 123 ? 2.855   4.884   11.123  1.00 18.77 ? 197 MET A CA  1 
ATOM   969  C C   . MET A 1 123 ? 3.156   4.853   12.622  1.00 19.14 ? 197 MET A C   1 
ATOM   970  O O   . MET A 1 123 ? 2.422   5.444   13.419  1.00 19.25 ? 197 MET A O   1 
ATOM   971  C CB  . MET A 1 123 ? 1.668   3.977   10.817  1.00 18.83 ? 197 MET A CB  1 
ATOM   972  C CG  . MET A 1 123 ? 0.348   4.676   11.002  1.00 19.44 ? 197 MET A CG  1 
ATOM   973  S SD  . MET A 1 123 ? -1.036  3.536   11.038  1.00 20.40 ? 197 MET A SD  1 
ATOM   974  C CE  . MET A 1 123 ? -2.329  4.680   10.518  1.00 20.39 ? 197 MET A CE  1 
ATOM   975  N N   . GLN A 1 124 ? 4.233   4.160   13.000  1.00 19.63 ? 198 GLN A N   1 
ATOM   976  C CA  . GLN A 1 124 ? 4.608   4.048   14.407  1.00 20.02 ? 198 GLN A CA  1 
ATOM   977  C C   . GLN A 1 124 ? 5.827   4.893   14.774  1.00 20.04 ? 198 GLN A C   1 
ATOM   978  O O   . GLN A 1 124 ? 5.830   5.567   15.803  1.00 20.24 ? 198 GLN A O   1 
ATOM   979  C CB  . GLN A 1 124 ? 4.847   2.579   14.789  1.00 20.20 ? 198 GLN A CB  1 
ATOM   980  C CG  . GLN A 1 124 ? 3.583   1.861   15.292  1.00 20.83 ? 198 GLN A CG  1 
ATOM   981  C CD  . GLN A 1 124 ? 2.603   1.518   14.174  0.70 21.77 ? 198 GLN A CD  1 
ATOM   982  O OE1 . GLN A 1 124 ? 2.989   1.004   13.119  0.70 22.37 ? 198 GLN A OE1 1 
ATOM   983  N NE2 . GLN A 1 124 ? 1.325   1.799   14.410  0.70 21.97 ? 198 GLN A NE2 1 
ATOM   984  N N   . THR A 1 125 ? 6.849   4.862   13.922  1.00 19.99 ? 199 THR A N   1 
ATOM   985  C CA  . THR A 1 125 ? 8.139   5.480   14.240  1.00 19.88 ? 199 THR A CA  1 
ATOM   986  C C   . THR A 1 125 ? 8.285   6.929   13.767  1.00 19.61 ? 199 THR A C   1 
ATOM   987  O O   . THR A 1 125 ? 9.022   7.709   14.375  1.00 19.70 ? 199 THR A O   1 
ATOM   988  C CB  . THR A 1 125 ? 9.316   4.652   13.673  1.00 19.99 ? 199 THR A CB  1 
ATOM   989  O OG1 . THR A 1 125 ? 9.259   4.651   12.241  1.00 20.13 ? 199 THR A OG1 1 
ATOM   990  C CG2 . THR A 1 125 ? 9.267   3.214   14.192  1.00 20.05 ? 199 THR A CG2 1 
ATOM   991  N N   . GLY A 1 126 ? 7.588   7.280   12.688  1.00 19.24 ? 200 GLY A N   1 
ATOM   992  C CA  . GLY A 1 126 ? 7.702   8.613   12.090  1.00 18.59 ? 200 GLY A CA  1 
ATOM   993  C C   . GLY A 1 126 ? 8.859   8.733   11.114  1.00 18.14 ? 200 GLY A C   1 
ATOM   994  O O   . GLY A 1 126 ? 9.230   9.838   10.708  1.00 18.16 ? 200 GLY A O   1 
ATOM   995  N N   . SER A 1 127 ? 9.433   7.588   10.745  1.00 17.63 ? 201 SER A N   1 
ATOM   996  C CA  . SER A 1 127 ? 10.520  7.528   9.772   1.00 17.15 ? 201 SER A CA  1 
ATOM   997  C C   . SER A 1 127 ? 9.969   7.488   8.354   1.00 16.68 ? 201 SER A C   1 
ATOM   998  O O   . SER A 1 127 ? 8.852   7.018   8.125   1.00 16.72 ? 201 SER A O   1 
ATOM   999  C CB  . SER A 1 127 ? 11.391  6.295   10.017  1.00 17.20 ? 201 SER A CB  1 
ATOM   1000 O OG  . SER A 1 127 ? 12.034  6.369   11.274  1.00 17.59 ? 201 SER A OG  1 
ATOM   1001 N N   . SER A 1 128 ? 10.766  7.981   7.409   1.00 15.94 ? 202 SER A N   1 
ATOM   1002 C CA  . SER A 1 128 ? 10.405  7.961   6.000   1.00 15.23 ? 202 SER A CA  1 
ATOM   1003 C C   . SER A 1 128 ? 10.474  6.542   5.448   1.00 14.82 ? 202 SER A C   1 
ATOM   1004 O O   . SER A 1 128 ? 11.384  5.781   5.781   1.00 14.82 ? 202 SER A O   1 
ATOM   1005 C CB  . SER A 1 128 ? 11.338  8.877   5.204   1.00 15.26 ? 202 SER A CB  1 
ATOM   1006 O OG  . SER A 1 128 ? 10.979  8.910   3.833   1.00 15.11 ? 202 SER A OG  1 
ATOM   1007 N N   . ARG A 1 129 ? 9.503   6.191   4.610   1.00 14.25 ? 203 ARG A N   1 
ATOM   1008 C CA  . ARG A 1 129 ? 9.501   4.907   3.911   1.00 13.67 ? 203 ARG A CA  1 
ATOM   1009 C C   . ARG A 1 129 ? 10.403  4.941   2.673   1.00 13.42 ? 203 ARG A C   1 
ATOM   1010 O O   . ARG A 1 129 ? 10.553  3.933   1.979   1.00 13.41 ? 203 ARG A O   1 
ATOM   1011 C CB  . ARG A 1 129 ? 8.078   4.514   3.506   1.00 13.63 ? 203 ARG A CB  1 
ATOM   1012 C CG  . ARG A 1 129 ? 7.126   4.238   4.661   1.00 13.10 ? 203 ARG A CG  1 
ATOM   1013 C CD  . ARG A 1 129 ? 7.329   2.851   5.222   1.00 12.50 ? 203 ARG A CD  1 
ATOM   1014 N NE  . ARG A 1 129 ? 6.260   2.470   6.141   1.00 11.71 ? 203 ARG A NE  1 
ATOM   1015 C CZ  . ARG A 1 129 ? 6.325   1.441   6.979   1.00 11.26 ? 203 ARG A CZ  1 
ATOM   1016 N NH1 . ARG A 1 129 ? 7.412   0.682   7.027   1.00 10.65 ? 203 ARG A NH1 1 
ATOM   1017 N NH2 . ARG A 1 129 ? 5.301   1.172   7.777   1.00 11.18 ? 203 ARG A NH2 1 
ATOM   1018 N N   . GLY A 1 130 ? 10.992  6.103   2.400   1.00 13.03 ? 204 GLY A N   1 
ATOM   1019 C CA  . GLY A 1 130 ? 11.894  6.274   1.266   1.00 12.65 ? 204 GLY A CA  1 
ATOM   1020 C C   . GLY A 1 130 ? 11.186  6.486   -0.059  1.00 12.41 ? 204 GLY A C   1 
ATOM   1021 O O   . GLY A 1 130 ? 11.795  6.343   -1.124  1.00 12.37 ? 204 GLY A O   1 
ATOM   1022 N N   . TYR A 1 131 ? 9.898   6.820   0.010   1.00 12.13 ? 205 TYR A N   1 
ATOM   1023 C CA  . TYR A 1 131 ? 9.104   7.144   -1.172  1.00 11.88 ? 205 TYR A CA  1 
ATOM   1024 C C   . TYR A 1 131 ? 7.935   8.059   -0.808  1.00 11.88 ? 205 TYR A C   1 
ATOM   1025 O O   . TYR A 1 131 ? 7.610   8.226   0.371   1.00 11.97 ? 205 TYR A O   1 
ATOM   1026 C CB  . TYR A 1 131 ? 8.604   5.872   -1.873  1.00 11.80 ? 205 TYR A CB  1 
ATOM   1027 C CG  . TYR A 1 131 ? 7.482   5.143   -1.160  1.00 11.38 ? 205 TYR A CG  1 
ATOM   1028 C CD1 . TYR A 1 131 ? 7.757   4.156   -0.216  1.00 10.80 ? 205 TYR A CD1 1 
ATOM   1029 C CD2 . TYR A 1 131 ? 6.144   5.434   -1.440  1.00 11.00 ? 205 TYR A CD2 1 
ATOM   1030 C CE1 . TYR A 1 131 ? 6.731   3.481   0.437   1.00 10.55 ? 205 TYR A CE1 1 
ATOM   1031 C CE2 . TYR A 1 131 ? 5.112   4.764   -0.791  1.00 10.78 ? 205 TYR A CE2 1 
ATOM   1032 C CZ  . TYR A 1 131 ? 5.416   3.790   0.147   1.00 10.57 ? 205 TYR A CZ  1 
ATOM   1033 O OH  . TYR A 1 131 ? 4.405   3.123   0.794   1.00 10.30 ? 205 TYR A OH  1 
ATOM   1034 N N   . GLY A 1 132 ? 7.315   8.646   -1.827  1.00 11.80 ? 206 GLY A N   1 
ATOM   1035 C CA  . GLY A 1 132 ? 6.168   9.526   -1.642  1.00 11.68 ? 206 GLY A CA  1 
ATOM   1036 C C   . GLY A 1 132 ? 5.375   9.725   -2.920  1.00 11.78 ? 206 GLY A C   1 
ATOM   1037 O O   . GLY A 1 132 ? 5.527   8.968   -3.886  1.00 11.75 ? 206 GLY A O   1 
ATOM   1038 N N   . PHE A 1 133 ? 4.519   10.743  -2.921  1.00 11.77 ? 207 PHE A N   1 
ATOM   1039 C CA  . PHE A 1 133 ? 3.681   11.056  -4.077  1.00 11.86 ? 207 PHE A CA  1 
ATOM   1040 C C   . PHE A 1 133 ? 3.595   12.563  -4.295  1.00 12.29 ? 207 PHE A C   1 
ATOM   1041 O O   . PHE A 1 133 ? 3.565   13.335  -3.330  1.00 12.39 ? 207 PHE A O   1 
ATOM   1042 C CB  . PHE A 1 133 ? 2.267   10.478  -3.903  1.00 11.53 ? 207 PHE A CB  1 
ATOM   1043 C CG  . PHE A 1 133 ? 2.222   8.976   -3.834  1.00 10.75 ? 207 PHE A CG  1 
ATOM   1044 C CD1 . PHE A 1 133 ? 2.184   8.212   -4.998  1.00 10.09 ? 207 PHE A CD1 1 
ATOM   1045 C CD2 . PHE A 1 133 ? 2.207   8.323   -2.603  1.00 10.08 ? 207 PHE A CD2 1 
ATOM   1046 C CE1 . PHE A 1 133 ? 2.143   6.816   -4.939  1.00 9.52  ? 207 PHE A CE1 1 
ATOM   1047 C CE2 . PHE A 1 133 ? 2.164   6.929   -2.532  1.00 9.69  ? 207 PHE A CE2 1 
ATOM   1048 C CZ  . PHE A 1 133 ? 2.133   6.176   -3.704  1.00 9.45  ? 207 PHE A CZ  1 
ATOM   1049 N N   . VAL A 1 134 ? 3.567   12.975  -5.562  1.00 12.60 ? 208 VAL A N   1 
ATOM   1050 C CA  . VAL A 1 134 ? 3.308   14.374  -5.914  1.00 12.93 ? 208 VAL A CA  1 
ATOM   1051 C C   . VAL A 1 134 ? 2.067   14.477  -6.795  1.00 13.31 ? 208 VAL A C   1 
ATOM   1052 O O   . VAL A 1 134 ? 1.840   13.640  -7.669  1.00 13.46 ? 208 VAL A O   1 
ATOM   1053 C CB  . VAL A 1 134 ? 4.528   15.088  -6.574  1.00 12.92 ? 208 VAL A CB  1 
ATOM   1054 C CG1 . VAL A 1 134 ? 5.690   15.203  -5.590  1.00 12.80 ? 208 VAL A CG1 1 
ATOM   1055 C CG2 . VAL A 1 134 ? 4.967   14.389  -7.855  1.00 12.91 ? 208 VAL A CG2 1 
ATOM   1056 N N   . SER A 1 135 ? 1.267   15.508  -6.548  1.00 13.73 ? 209 SER A N   1 
ATOM   1057 C CA  . SER A 1 135 ? -0.024  15.658  -7.194  1.00 14.12 ? 209 SER A CA  1 
ATOM   1058 C C   . SER A 1 135 ? -0.036  16.863  -8.125  1.00 14.44 ? 209 SER A C   1 
ATOM   1059 O O   . SER A 1 135 ? 0.526   17.915  -7.801  1.00 14.44 ? 209 SER A O   1 
ATOM   1060 C CB  . SER A 1 135 ? -1.113  15.809  -6.135  1.00 14.15 ? 209 SER A CB  1 
ATOM   1061 O OG  . SER A 1 135 ? -2.384  15.471  -6.659  1.00 14.71 ? 209 SER A OG  1 
ATOM   1062 N N   . PHE A 1 136 ? -0.675  16.693  -9.281  1.00 14.79 ? 210 PHE A N   1 
ATOM   1063 C CA  . PHE A 1 136 ? -0.809  17.757  -10.272 1.00 15.12 ? 210 PHE A CA  1 
ATOM   1064 C C   . PHE A 1 136 ? -2.252  17.860  -10.759 1.00 15.50 ? 210 PHE A C   1 
ATOM   1065 O O   . PHE A 1 136 ? -2.966  16.859  -10.813 1.00 15.49 ? 210 PHE A O   1 
ATOM   1066 C CB  . PHE A 1 136 ? 0.127   17.511  -11.458 1.00 15.05 ? 210 PHE A CB  1 
ATOM   1067 C CG  . PHE A 1 136 ? 1.580   17.722  -11.143 1.00 14.84 ? 210 PHE A CG  1 
ATOM   1068 C CD1 . PHE A 1 136 ? 2.335   16.711  -10.551 1.00 14.83 ? 210 PHE A CD1 1 
ATOM   1069 C CD2 . PHE A 1 136 ? 2.203   18.926  -11.452 1.00 14.60 ? 210 PHE A CD2 1 
ATOM   1070 C CE1 . PHE A 1 136 ? 3.682   16.905  -10.259 1.00 14.73 ? 210 PHE A CE1 1 
ATOM   1071 C CE2 . PHE A 1 136 ? 3.549   19.128  -11.164 1.00 14.57 ? 210 PHE A CE2 1 
ATOM   1072 C CZ  . PHE A 1 136 ? 4.288   18.116  -10.567 1.00 14.63 ? 210 PHE A CZ  1 
ATOM   1073 N N   . THR A 1 137 ? -2.665  19.074  -11.119 1.00 15.99 ? 211 THR A N   1 
ATOM   1074 C CA  . THR A 1 137 ? -4.026  19.340  -11.595 1.00 16.47 ? 211 THR A CA  1 
ATOM   1075 C C   . THR A 1 137 ? -4.172  19.136  -13.110 1.00 16.84 ? 211 THR A C   1 
ATOM   1076 O O   . THR A 1 137 ? -5.261  19.307  -13.669 1.00 16.84 ? 211 THR A O   1 
ATOM   1077 C CB  . THR A 1 137 ? -4.480  20.775  -11.230 1.00 16.49 ? 211 THR A CB  1 
ATOM   1078 O OG1 . THR A 1 137 ? -3.578  21.727  -11.808 1.00 16.49 ? 211 THR A OG1 1 
ATOM   1079 C CG2 . THR A 1 137 ? -4.521  20.970  -9.718  1.00 16.44 ? 211 THR A CG2 1 
ATOM   1080 N N   . SER A 1 138 ? -3.072  18.761  -13.761 1.00 17.24 ? 212 SER A N   1 
ATOM   1081 C CA  . SER A 1 138 ? -3.016  18.608  -15.212 1.00 17.64 ? 212 SER A CA  1 
ATOM   1082 C C   . SER A 1 138 ? -2.129  17.421  -15.588 1.00 17.98 ? 212 SER A C   1 
ATOM   1083 O O   . SER A 1 138 ? -1.018  17.287  -15.070 1.00 18.08 ? 212 SER A O   1 
ATOM   1084 C CB  . SER A 1 138 ? -2.490  19.900  -15.847 1.00 17.56 ? 212 SER A CB  1 
ATOM   1085 O OG  . SER A 1 138 ? -2.116  19.711  -17.201 1.00 17.80 ? 212 SER A OG  1 
ATOM   1086 N N   . GLN A 1 139 ? -2.622  16.566  -16.485 1.00 18.36 ? 213 GLN A N   1 
ATOM   1087 C CA  . GLN A 1 139 ? -1.893  15.364  -16.901 1.00 18.83 ? 213 GLN A CA  1 
ATOM   1088 C C   . GLN A 1 139 ? -0.611  15.680  -17.676 1.00 18.89 ? 213 GLN A C   1 
ATOM   1089 O O   . GLN A 1 139 ? 0.440   15.096  -17.402 1.00 19.03 ? 213 GLN A O   1 
ATOM   1090 C CB  . GLN A 1 139 ? -2.784  14.425  -17.726 1.00 18.98 ? 213 GLN A CB  1 
ATOM   1091 C CG  . GLN A 1 139 ? -2.108  13.097  -18.079 1.00 19.82 ? 213 GLN A CG  1 
ATOM   1092 C CD  . GLN A 1 139 ? -2.947  12.219  -18.990 1.00 21.18 ? 213 GLN A CD  1 
ATOM   1093 O OE1 . GLN A 1 139 ? -4.123  11.966  -18.721 1.00 21.89 ? 213 GLN A OE1 1 
ATOM   1094 N NE2 . GLN A 1 139 ? -2.337  11.736  -20.070 1.00 21.42 ? 213 GLN A NE2 1 
ATOM   1095 N N   . ASP A 1 140 ? -0.706  16.589  -18.643 1.00 18.94 ? 214 ASP A N   1 
ATOM   1096 C CA  . ASP A 1 140 ? 0.455   17.001  -19.429 1.00 19.06 ? 214 ASP A CA  1 
ATOM   1097 C C   . ASP A 1 140 ? 1.529   17.635  -18.549 1.00 18.93 ? 214 ASP A C   1 
ATOM   1098 O O   . ASP A 1 140 ? 2.722   17.415  -18.762 1.00 18.89 ? 214 ASP A O   1 
ATOM   1099 C CB  . ASP A 1 140 ? 0.045   17.962  -20.553 1.00 19.21 ? 214 ASP A CB  1 
ATOM   1100 C CG  . ASP A 1 140 ? -0.696  17.263  -21.687 1.00 19.76 ? 214 ASP A CG  1 
ATOM   1101 O OD1 . ASP A 1 140 ? -0.385  16.083  -21.979 1.00 20.35 ? 214 ASP A OD1 1 
ATOM   1102 O OD2 . ASP A 1 140 ? -1.585  17.900  -22.294 1.00 20.17 ? 214 ASP A OD2 1 
ATOM   1103 N N   . ASP A 1 141 ? 1.095   18.408  -17.556 1.00 18.85 ? 215 ASP A N   1 
ATOM   1104 C CA  . ASP A 1 141 ? 2.010   19.063  -16.624 1.00 18.69 ? 215 ASP A CA  1 
ATOM   1105 C C   . ASP A 1 141 ? 2.673   18.085  -15.655 1.00 18.64 ? 215 ASP A C   1 
ATOM   1106 O O   . ASP A 1 141 ? 3.841   18.262  -15.299 1.00 18.70 ? 215 ASP A O   1 
ATOM   1107 C CB  . ASP A 1 141 ? 1.302   20.194  -15.871 1.00 18.62 ? 215 ASP A CB  1 
ATOM   1108 C CG  . ASP A 1 141 ? 1.180   21.468  -16.701 1.00 18.52 ? 215 ASP A CG  1 
ATOM   1109 O OD1 . ASP A 1 141 ? 1.868   21.591  -17.738 1.00 18.09 ? 215 ASP A OD1 1 
ATOM   1110 O OD2 . ASP A 1 141 ? 0.397   22.356  -16.312 1.00 18.46 ? 215 ASP A OD2 1 
ATOM   1111 N N   . ALA A 1 142 ? 1.936   17.055  -15.239 1.00 18.45 ? 216 ALA A N   1 
ATOM   1112 C CA  . ALA A 1 142 ? 2.505   15.977  -14.429 1.00 18.33 ? 216 ALA A CA  1 
ATOM   1113 C C   . ALA A 1 142 ? 3.540   15.196  -15.240 1.00 18.30 ? 216 ALA A C   1 
ATOM   1114 O O   . ALA A 1 142 ? 4.595   14.820  -14.722 1.00 18.26 ? 216 ALA A O   1 
ATOM   1115 C CB  . ALA A 1 142 ? 1.409   15.054  -13.917 1.00 18.30 ? 216 ALA A CB  1 
ATOM   1116 N N   . GLN A 1 143 ? 3.222   14.972  -16.517 1.00 18.28 ? 217 GLN A N   1 
ATOM   1117 C CA  . GLN A 1 143 ? 4.134   14.357  -17.486 1.00 18.29 ? 217 GLN A CA  1 
ATOM   1118 C C   . GLN A 1 143 ? 5.427   15.171  -17.646 1.00 18.15 ? 217 GLN A C   1 
ATOM   1119 O O   . GLN A 1 143 ? 6.524   14.603  -17.694 1.00 18.09 ? 217 GLN A O   1 
ATOM   1120 C CB  . GLN A 1 143 ? 3.421   14.202  -18.840 1.00 18.38 ? 217 GLN A CB  1 
ATOM   1121 C CG  . GLN A 1 143 ? 4.270   13.620  -19.967 1.00 18.81 ? 217 GLN A CG  1 
ATOM   1122 C CD  . GLN A 1 143 ? 4.417   12.116  -19.871 1.00 19.82 ? 217 GLN A CD  1 
ATOM   1123 O OE1 . GLN A 1 143 ? 5.483   11.607  -19.519 1.00 20.19 ? 217 GLN A OE1 1 
ATOM   1124 N NE2 . GLN A 1 143 ? 3.342   11.392  -20.176 1.00 20.18 ? 217 GLN A NE2 1 
ATOM   1125 N N   A ASN A 1 144 ? 5.271   16.493  -17.729 0.50 18.02 ? 218 ASN A N   1 
ATOM   1126 N N   B ASN A 1 144 ? 5.293   16.497  -17.727 0.50 18.10 ? 218 ASN A N   1 
ATOM   1127 C CA  A ASN A 1 144 ? 6.382   17.439  -17.834 0.50 17.89 ? 218 ASN A CA  1 
ATOM   1128 C CA  B ASN A 1 144 ? 6.447   17.386  -17.861 0.50 18.03 ? 218 ASN A CA  1 
ATOM   1129 C C   A ASN A 1 144 ? 7.313   17.375  -16.627 0.50 17.82 ? 218 ASN A C   1 
ATOM   1130 C C   B ASN A 1 144 ? 7.348   17.380  -16.626 0.50 17.90 ? 218 ASN A C   1 
ATOM   1131 O O   A ASN A 1 144 ? 8.544   17.378  -16.782 0.50 17.80 ? 218 ASN A O   1 
ATOM   1132 O O   B ASN A 1 144 ? 8.601   17.421  -16.764 0.50 17.87 ? 218 ASN A O   1 
ATOM   1133 C CB  A ASN A 1 144 ? 5.842   18.863  -18.011 0.50 17.89 ? 218 ASN A CB  1 
ATOM   1134 C CB  B ASN A 1 144 ? 5.993   18.809  -18.194 0.50 18.11 ? 218 ASN A CB  1 
ATOM   1135 C CG  A ASN A 1 144 ? 6.909   19.929  -17.748 0.50 17.76 ? 218 ASN A CG  1 
ATOM   1136 C CG  B ASN A 1 144 ? 5.457   18.932  -19.607 0.50 18.37 ? 218 ASN A CG  1 
ATOM   1137 O OD1 A ASN A 1 144 ? 8.080   19.758  -18.131 0.50 17.73 ? 218 ASN A OD1 1 
ATOM   1138 O OD1 B ASN A 1 144 ? 5.718   18.081  -20.461 0.50 18.52 ? 218 ASN A OD1 1 
ATOM   1139 N ND2 A ASN A 1 144 ? 6.504   21.043  -17.101 0.50 17.54 ? 218 ASN A ND2 1 
ATOM   1140 N ND2 B ASN A 1 144 ? 4.703   19.996  -19.865 0.50 18.59 ? 218 ASN A ND2 1 
ATOM   1141 N N   . ALA A 1 145 ? 6.713   17.311  -15.434 1.00 17.78 ? 219 ALA A N   1 
ATOM   1142 C CA  . ALA A 1 145 ? 7.464   17.231  -14.178 1.00 17.58 ? 219 ALA A CA  1 
ATOM   1143 C C   . ALA A 1 145 ? 8.169   15.887  -14.032 1.00 17.42 ? 219 ALA A C   1 
ATOM   1144 O O   . ALA A 1 145 ? 9.278   15.820  -13.499 1.00 17.50 ? 219 ALA A O   1 
ATOM   1145 C CB  . ALA A 1 145 ? 6.548   17.478  -12.998 1.00 17.58 ? 219 ALA A CB  1 
ATOM   1146 N N   . MET A 1 146 ? 7.522   14.827  -14.515 1.00 17.17 ? 220 MET A N   1 
ATOM   1147 C CA  . MET A 1 146 ? 8.100   13.484  -14.490 1.00 16.97 ? 220 MET A CA  1 
ATOM   1148 C C   . MET A 1 146 ? 9.332   13.372  -15.389 1.00 16.72 ? 220 MET A C   1 
ATOM   1149 O O   . MET A 1 146 ? 10.361  12.848  -14.963 1.00 16.66 ? 220 MET A O   1 
ATOM   1150 C CB  . MET A 1 146 ? 7.062   12.433  -14.892 1.00 17.05 ? 220 MET A CB  1 
ATOM   1151 C CG  . MET A 1 146 ? 7.437   11.029  -14.451 1.00 17.34 ? 220 MET A CG  1 
ATOM   1152 S SD  . MET A 1 146 ? 6.720   9.698   -15.422 1.00 18.43 ? 220 MET A SD  1 
ATOM   1153 C CE  . MET A 1 146 ? 4.989   9.856   -15.022 1.00 18.50 ? 220 MET A CE  1 
ATOM   1154 N N   . ASP A 1 147 ? 9.218   13.864  -16.623 1.00 16.45 ? 221 ASP A N   1 
ATOM   1155 C CA  . ASP A 1 147 ? 10.322  13.829  -17.587 1.00 16.19 ? 221 ASP A CA  1 
ATOM   1156 C C   . ASP A 1 147 ? 11.514  14.649  -17.101 1.00 15.98 ? 221 ASP A C   1 
ATOM   1157 O O   . ASP A 1 147 ? 12.668  14.263  -17.309 1.00 16.08 ? 221 ASP A O   1 
ATOM   1158 C CB  . ASP A 1 147 ? 9.877   14.352  -18.960 1.00 16.24 ? 221 ASP A CB  1 
ATOM   1159 C CG  . ASP A 1 147 ? 8.787   13.500  -19.605 1.00 16.47 ? 221 ASP A CG  1 
ATOM   1160 O OD1 . ASP A 1 147 ? 8.700   12.283  -19.319 1.00 16.62 ? 221 ASP A OD1 1 
ATOM   1161 O OD2 . ASP A 1 147 ? 8.017   14.059  -20.419 1.00 16.57 ? 221 ASP A OD2 1 
ATOM   1162 N N   . SER A 1 148 ? 11.226  15.776  -16.450 1.00 15.58 ? 222 SER A N   1 
ATOM   1163 C CA  . SER A 1 148 ? 12.256  16.718  -16.018 1.00 15.18 ? 222 SER A CA  1 
ATOM   1164 C C   . SER A 1 148 ? 12.985  16.281  -14.753 1.00 14.93 ? 222 SER A C   1 
ATOM   1165 O O   . SER A 1 148 ? 14.143  16.655  -14.542 1.00 14.87 ? 222 SER A O   1 
ATOM   1166 C CB  . SER A 1 148 ? 11.657  18.106  -15.805 1.00 15.14 ? 222 SER A CB  1 
ATOM   1167 O OG  . SER A 1 148 ? 11.110  18.611  -17.007 1.00 15.16 ? 222 SER A OG  1 
ATOM   1168 N N   . MET A 1 149 ? 12.307  15.498  -13.916 1.00 14.48 ? 223 MET A N   1 
ATOM   1169 C CA  . MET A 1 149 ? 12.858  15.106  -12.618 1.00 14.01 ? 223 MET A CA  1 
ATOM   1170 C C   . MET A 1 149 ? 13.284  13.639  -12.545 1.00 13.72 ? 223 MET A C   1 
ATOM   1171 O O   . MET A 1 149 ? 13.875  13.212  -11.549 1.00 13.78 ? 223 MET A O   1 
ATOM   1172 C CB  . MET A 1 149 ? 11.881  15.452  -11.490 1.00 13.98 ? 223 MET A CB  1 
ATOM   1173 C CG  . MET A 1 149 ? 11.612  16.940  -11.343 1.00 13.74 ? 223 MET A CG  1 
ATOM   1174 S SD  . MET A 1 149 ? 13.048  17.865  -10.760 1.00 13.58 ? 223 MET A SD  1 
ATOM   1175 C CE  . MET A 1 149 ? 12.947  17.578  -8.995  1.00 13.00 ? 223 MET A CE  1 
ATOM   1176 N N   . GLN A 1 150 ? 13.008  12.883  -13.606 1.00 13.32 ? 224 GLN A N   1 
ATOM   1177 C CA  . GLN A 1 150 ? 13.372  11.466  -13.668 1.00 13.01 ? 224 GLN A CA  1 
ATOM   1178 C C   . GLN A 1 150 ? 14.873  11.255  -13.490 1.00 12.75 ? 224 GLN A C   1 
ATOM   1179 O O   . GLN A 1 150 ? 15.676  11.781  -14.263 1.00 12.86 ? 224 GLN A O   1 
ATOM   1180 C CB  . GLN A 1 150 ? 12.913  10.838  -14.989 1.00 12.96 ? 224 GLN A CB  1 
ATOM   1181 C CG  . GLN A 1 150 ? 13.040  9.322   -15.028 1.00 13.00 ? 224 GLN A CG  1 
ATOM   1182 C CD  . GLN A 1 150 ? 12.079  8.632   -14.074 1.00 13.15 ? 224 GLN A CD  1 
ATOM   1183 O OE1 . GLN A 1 150 ? 10.889  8.509   -14.361 1.00 13.10 ? 224 GLN A OE1 1 
ATOM   1184 N NE2 . GLN A 1 150 ? 12.595  8.175   -12.935 1.00 12.96 ? 224 GLN A NE2 1 
ATOM   1185 N N   . GLY A 1 151 ? 15.238  10.492  -12.463 1.00 12.42 ? 225 GLY A N   1 
ATOM   1186 C CA  . GLY A 1 151 ? 16.636  10.160  -12.203 1.00 12.02 ? 225 GLY A CA  1 
ATOM   1187 C C   . GLY A 1 151 ? 17.430  11.290  -11.576 1.00 11.82 ? 225 GLY A C   1 
ATOM   1188 O O   . GLY A 1 151 ? 18.559  11.081  -11.116 1.00 11.84 ? 225 GLY A O   1 
ATOM   1189 N N   . GLN A 1 152 ? 16.842  12.488  -11.559 1.00 11.43 ? 226 GLN A N   1 
ATOM   1190 C CA  . GLN A 1 152 ? 17.511  13.670  -11.025 1.00 11.06 ? 226 GLN A CA  1 
ATOM   1191 C C   . GLN A 1 152 ? 17.775  13.505  -9.539  1.00 10.97 ? 226 GLN A C   1 
ATOM   1192 O O   . GLN A 1 152 ? 16.971  12.906  -8.819  1.00 11.05 ? 226 GLN A O   1 
ATOM   1193 C CB  . GLN A 1 152 ? 16.705  14.943  -11.297 1.00 10.95 ? 226 GLN A CB  1 
ATOM   1194 C CG  . GLN A 1 152 ? 16.444  15.227  -12.779 1.00 10.38 ? 226 GLN A CG  1 
ATOM   1195 C CD  . GLN A 1 152 ? 17.689  15.567  -13.588 1.00 9.72  ? 226 GLN A CD  1 
ATOM   1196 O OE1 . GLN A 1 152 ? 17.671  15.498  -14.817 1.00 9.57  ? 226 GLN A OE1 1 
ATOM   1197 N NE2 . GLN A 1 152 ? 18.768  15.947  -12.909 1.00 9.25  ? 226 GLN A NE2 1 
ATOM   1198 N N   . ASP A 1 153 ? 18.907  14.044  -9.096  1.00 10.81 ? 227 ASP A N   1 
ATOM   1199 C CA  A ASP A 1 153 ? 19.333  13.827  -7.727  0.50 10.69 ? 227 ASP A CA  1 
ATOM   1200 C CA  B ASP A 1 153 ? 19.415  13.881  -7.732  0.50 10.81 ? 227 ASP A CA  1 
ATOM   1201 C C   . ASP A 1 153 ? 18.715  14.809  -6.741  1.00 10.75 ? 227 ASP A C   1 
ATOM   1202 O O   . ASP A 1 153 ? 18.711  16.028  -6.940  1.00 10.84 ? 227 ASP A O   1 
ATOM   1203 C CB  A ASP A 1 153 ? 20.860  13.773  -7.623  0.50 10.62 ? 227 ASP A CB  1 
ATOM   1204 C CB  B ASP A 1 153 ? 20.924  14.165  -7.738  0.50 10.86 ? 227 ASP A CB  1 
ATOM   1205 C CG  A ASP A 1 153 ? 21.438  12.526  -8.281  0.50 10.27 ? 227 ASP A CG  1 
ATOM   1206 C CG  B ASP A 1 153 ? 21.584  13.912  -6.394  0.50 11.02 ? 227 ASP A CG  1 
ATOM   1207 O OD1 A ASP A 1 153 ? 21.520  12.494  -9.531  0.50 9.73  ? 227 ASP A OD1 1 
ATOM   1208 O OD1 B ASP A 1 153 ? 21.385  14.721  -5.459  0.50 11.11 ? 227 ASP A OD1 1 
ATOM   1209 O OD2 A ASP A 1 153 ? 21.801  11.575  -7.547  0.50 9.42  ? 227 ASP A OD2 1 
ATOM   1210 O OD2 B ASP A 1 153 ? 22.334  12.918  -6.288  0.50 11.18 ? 227 ASP A OD2 1 
ATOM   1211 N N   . LEU A 1 154 ? 18.145  14.235  -5.685  1.00 10.70 ? 228 LEU A N   1 
ATOM   1212 C CA  . LEU A 1 154 ? 17.567  14.994  -4.584  1.00 10.66 ? 228 LEU A CA  1 
ATOM   1213 C C   . LEU A 1 154 ? 18.196  14.486  -3.296  1.00 10.72 ? 228 LEU A C   1 
ATOM   1214 O O   . LEU A 1 154 ? 18.095  13.299  -2.974  1.00 10.68 ? 228 LEU A O   1 
ATOM   1215 C CB  . LEU A 1 154 ? 16.039  14.848  -4.537  1.00 10.60 ? 228 LEU A CB  1 
ATOM   1216 C CG  . LEU A 1 154 ? 15.299  15.542  -3.380  1.00 10.49 ? 228 LEU A CG  1 
ATOM   1217 C CD1 . LEU A 1 154 ? 15.354  17.069  -3.490  1.00 9.75  ? 228 LEU A CD1 1 
ATOM   1218 C CD2 . LEU A 1 154 ? 13.856  15.068  -3.286  1.00 10.06 ? 228 LEU A CD2 1 
ATOM   1219 N N   . ASN A 1 155 ? 18.855  15.391  -2.573  1.00 10.82 ? 229 ASN A N   1 
ATOM   1220 C CA  . ASN A 1 155 ? 19.593  15.051  -1.354  1.00 10.84 ? 229 ASN A CA  1 
ATOM   1221 C C   . ASN A 1 155 ? 20.487  13.817  -1.524  1.00 10.91 ? 229 ASN A C   1 
ATOM   1222 O O   . ASN A 1 155 ? 20.526  12.942  -0.662  1.00 10.80 ? 229 ASN A O   1 
ATOM   1223 C CB  . ASN A 1 155 ? 18.638  14.893  -0.161  1.00 10.85 ? 229 ASN A CB  1 
ATOM   1224 C CG  . ASN A 1 155 ? 18.051  16.221  0.307   1.00 10.88 ? 229 ASN A CG  1 
ATOM   1225 O OD1 . ASN A 1 155 ? 18.185  17.246  -0.360  1.00 11.09 ? 229 ASN A OD1 1 
ATOM   1226 N ND2 . ASN A 1 155 ? 17.395  16.204  1.463   1.00 10.74 ? 229 ASN A ND2 1 
ATOM   1227 N N   . GLY A 1 156 ? 21.189  13.759  -2.656  1.00 11.01 ? 230 GLY A N   1 
ATOM   1228 C CA  . GLY A 1 156 ? 22.158  12.696  -2.927  1.00 11.16 ? 230 GLY A CA  1 
ATOM   1229 C C   . GLY A 1 156 ? 21.651  11.489  -3.702  1.00 11.27 ? 230 GLY A C   1 
ATOM   1230 O O   . GLY A 1 156 ? 22.454  10.720  -4.231  1.00 11.35 ? 230 GLY A O   1 
ATOM   1231 N N   . ARG A 1 157 ? 20.330  11.327  -3.784  1.00 11.31 ? 231 ARG A N   1 
ATOM   1232 C CA  . ARG A 1 157 ? 19.724  10.119  -4.360  1.00 11.31 ? 231 ARG A CA  1 
ATOM   1233 C C   . ARG A 1 157 ? 18.860  10.384  -5.602  1.00 11.17 ? 231 ARG A C   1 
ATOM   1234 O O   . ARG A 1 157 ? 18.119  11.366  -5.636  1.00 11.15 ? 231 ARG A O   1 
ATOM   1235 C CB  . ARG A 1 157 ? 18.897  9.387   -3.302  1.00 11.42 ? 231 ARG A CB  1 
ATOM   1236 C CG  . ARG A 1 157 ? 19.706  8.888   -2.120  1.00 12.00 ? 231 ARG A CG  1 
ATOM   1237 C CD  . ARG A 1 157 ? 18.841  8.093   -1.156  1.00 13.29 ? 231 ARG A CD  1 
ATOM   1238 N NE  . ARG A 1 157 ? 18.525  6.759   -1.662  1.00 14.07 ? 231 ARG A NE  1 
ATOM   1239 C CZ  . ARG A 1 157 ? 19.281  5.681   -1.469  1.00 14.48 ? 231 ARG A CZ  1 
ATOM   1240 N NH1 . ARG A 1 157 ? 20.413  5.767   -0.782  1.00 14.68 ? 231 ARG A NH1 1 
ATOM   1241 N NH2 . ARG A 1 157 ? 18.905  4.512   -1.967  1.00 14.49 ? 231 ARG A NH2 1 
ATOM   1242 N N   . PRO A 1 158 ? 18.948  9.497   -6.618  1.00 11.08 ? 232 PRO A N   1 
ATOM   1243 C CA  . PRO A 1 158 ? 18.188  9.633   -7.871  1.00 11.01 ? 232 PRO A CA  1 
ATOM   1244 C C   . PRO A 1 158 ? 16.682  9.421   -7.692  1.00 11.07 ? 232 PRO A C   1 
ATOM   1245 O O   . PRO A 1 158 ? 16.263  8.441   -7.072  1.00 11.06 ? 232 PRO A O   1 
ATOM   1246 C CB  . PRO A 1 158 ? 18.763  8.520   -8.758  1.00 11.00 ? 232 PRO A CB  1 
ATOM   1247 C CG  . PRO A 1 158 ? 20.010  8.065   -8.090  1.00 10.98 ? 232 PRO A CG  1 
ATOM   1248 C CD  . PRO A 1 158 ? 19.824  8.312   -6.642  1.00 10.95 ? 232 PRO A CD  1 
ATOM   1249 N N   . LEU A 1 159 ? 15.880  10.332  -8.240  1.00 11.04 ? 233 LEU A N   1 
ATOM   1250 C CA  . LEU A 1 159 ? 14.420  10.245  -8.132  1.00 11.03 ? 233 LEU A CA  1 
ATOM   1251 C C   . LEU A 1 159 ? 13.843  9.187   -9.074  1.00 11.03 ? 233 LEU A C   1 
ATOM   1252 O O   . LEU A 1 159 ? 14.222  9.116   -10.244 1.00 11.05 ? 233 LEU A O   1 
ATOM   1253 C CB  . LEU A 1 159 ? 13.772  11.609  -8.403  1.00 10.99 ? 233 LEU A CB  1 
ATOM   1254 C CG  . LEU A 1 159 ? 14.075  12.750  -7.425  1.00 11.02 ? 233 LEU A CG  1 
ATOM   1255 C CD1 . LEU A 1 159 ? 13.829  14.103  -8.077  1.00 10.55 ? 233 LEU A CD1 1 
ATOM   1256 C CD2 . LEU A 1 159 ? 13.272  12.617  -6.139  1.00 10.99 ? 233 LEU A CD2 1 
ATOM   1257 N N   . ARG A 1 160 ? 12.934  8.367   -8.552  1.00 10.99 ? 234 ARG A N   1 
ATOM   1258 C CA  . ARG A 1 160 ? 12.268  7.334   -9.346  1.00 10.92 ? 234 ARG A CA  1 
ATOM   1259 C C   . ARG A 1 160 ? 10.795  7.674   -9.477  1.00 11.07 ? 234 ARG A C   1 
ATOM   1260 O O   . ARG A 1 160 ? 10.027  7.543   -8.517  1.00 11.13 ? 234 ARG A O   1 
ATOM   1261 C CB  . ARG A 1 160 ? 12.430  5.948   -8.712  1.00 10.85 ? 234 ARG A CB  1 
ATOM   1262 C CG  . ARG A 1 160 ? 13.866  5.521   -8.435  1.00 10.43 ? 234 ARG A CG  1 
ATOM   1263 C CD  . ARG A 1 160 ? 14.740  5.560   -9.677  1.00 9.22  ? 234 ARG A CD  1 
ATOM   1264 N NE  . ARG A 1 160 ? 16.103  5.141   -9.370  1.00 8.55  ? 234 ARG A NE  1 
ATOM   1265 C CZ  . ARG A 1 160 ? 17.157  5.357   -10.153 1.00 8.17  ? 234 ARG A CZ  1 
ATOM   1266 N NH1 . ARG A 1 160 ? 17.024  5.998   -11.307 1.00 7.60  ? 234 ARG A NH1 1 
ATOM   1267 N NH2 . ARG A 1 160 ? 18.355  4.931   -9.771  1.00 7.54  ? 234 ARG A NH2 1 
ATOM   1268 N N   . ILE A 1 161 ? 10.404  8.117   -10.666 1.00 11.16 ? 235 ILE A N   1 
ATOM   1269 C CA  . ILE A 1 161 ? 9.066   8.660   -10.868 1.00 11.24 ? 235 ILE A CA  1 
ATOM   1270 C C   . ILE A 1 161 ? 8.264   7.853   -11.890 1.00 11.46 ? 235 ILE A C   1 
ATOM   1271 O O   . ILE A 1 161 ? 8.812   7.357   -12.878 1.00 11.58 ? 235 ILE A O   1 
ATOM   1272 C CB  . ILE A 1 161 ? 9.111   10.162  -11.261 1.00 11.11 ? 235 ILE A CB  1 
ATOM   1273 C CG1 . ILE A 1 161 ? 10.172  10.905  -10.438 1.00 10.93 ? 235 ILE A CG1 1 
ATOM   1274 C CG2 . ILE A 1 161 ? 7.745   10.811  -11.064 1.00 11.07 ? 235 ILE A CG2 1 
ATOM   1275 C CD1 . ILE A 1 161 ? 10.400  12.340  -10.855 1.00 10.37 ? 235 ILE A CD1 1 
ATOM   1276 N N   . ASN A 1 162 ? 6.968   7.709   -11.618 1.00 11.61 ? 236 ASN A N   1 
ATOM   1277 C CA  . ASN A 1 162 ? 6.030   7.087   -12.548 1.00 11.76 ? 236 ASN A CA  1 
ATOM   1278 C C   . ASN A 1 162 ? 4.590   7.382   -12.148 1.00 11.89 ? 236 ASN A C   1 
ATOM   1279 O O   . ASN A 1 162 ? 4.319   7.745   -10.999 1.00 11.90 ? 236 ASN A O   1 
ATOM   1280 C CB  . ASN A 1 162 ? 6.259   5.573   -12.635 1.00 11.76 ? 236 ASN A CB  1 
ATOM   1281 C CG  . ASN A 1 162 ? 6.142   5.043   -14.057 1.00 11.93 ? 236 ASN A CG  1 
ATOM   1282 O OD1 . ASN A 1 162 ? 5.369   5.556   -14.869 1.00 11.78 ? 236 ASN A OD1 1 
ATOM   1283 N ND2 . ASN A 1 162 ? 6.918   4.009   -14.365 1.00 12.24 ? 236 ASN A ND2 1 
ATOM   1284 N N   . TRP A 1 163 ? 3.673   7.236   -13.103 1.00 12.06 ? 237 TRP A N   1 
ATOM   1285 C CA  . TRP A 1 163 ? 2.246   7.413   -12.849 1.00 12.24 ? 237 TRP A CA  1 
ATOM   1286 C C   . TRP A 1 163 ? 1.782   6.450   -11.758 1.00 12.37 ? 237 TRP A C   1 
ATOM   1287 O O   . TRP A 1 163 ? 2.182   5.284   -11.737 1.00 12.34 ? 237 TRP A O   1 
ATOM   1288 C CB  . TRP A 1 163 ? 1.434   7.165   -14.121 1.00 12.23 ? 237 TRP A CB  1 
ATOM   1289 C CG  . TRP A 1 163 ? 1.785   8.043   -15.286 1.00 12.36 ? 237 TRP A CG  1 
ATOM   1290 C CD1 . TRP A 1 163 ? 2.471   7.677   -16.411 1.00 12.44 ? 237 TRP A CD1 1 
ATOM   1291 C CD2 . TRP A 1 163 ? 1.451   9.427   -15.454 1.00 12.40 ? 237 TRP A CD2 1 
ATOM   1292 N NE1 . TRP A 1 163 ? 2.589   8.749   -17.265 1.00 12.46 ? 237 TRP A NE1 1 
ATOM   1293 C CE2 . TRP A 1 163 ? 1.972   9.835   -16.702 1.00 12.40 ? 237 TRP A CE2 1 
ATOM   1294 C CE3 . TRP A 1 163 ? 0.764   10.363  -14.668 1.00 12.75 ? 237 TRP A CE3 1 
ATOM   1295 C CZ2 . TRP A 1 163 ? 1.830   11.139  -17.185 1.00 12.82 ? 237 TRP A CZ2 1 
ATOM   1296 C CZ3 . TRP A 1 163 ? 0.621   11.663  -15.150 1.00 13.13 ? 237 TRP A CZ3 1 
ATOM   1297 C CH2 . TRP A 1 163 ? 1.153   12.037  -16.397 1.00 13.19 ? 237 TRP A CH2 1 
ATOM   1298 N N   . ALA A 1 164 ? 0.943   6.942   -10.852 1.00 12.55 ? 238 ALA A N   1 
ATOM   1299 C CA  . ALA A 1 164 ? 0.413   6.114   -9.770  1.00 12.72 ? 238 ALA A CA  1 
ATOM   1300 C C   . ALA A 1 164 ? -0.941  5.501   -10.120 1.00 12.89 ? 238 ALA A C   1 
ATOM   1301 O O   . ALA A 1 164 ? -1.301  4.447   -9.589  1.00 12.97 ? 238 ALA A O   1 
ATOM   1302 C CB  . ALA A 1 164 ? 0.313   6.922   -8.484  1.00 12.61 ? 238 ALA A CB  1 
ATOM   1303 N N   . ALA A 1 165 ? -1.680  6.158   -11.016 1.00 13.12 ? 239 ALA A N   1 
ATOM   1304 C CA  . ALA A 1 165 ? -3.067  5.783   -11.306 1.00 13.39 ? 239 ALA A CA  1 
ATOM   1305 C C   . ALA A 1 165 ? -3.464  5.881   -12.785 1.00 13.63 ? 239 ALA A C   1 
ATOM   1306 O O   . ALA A 1 165 ? -4.652  5.818   -13.118 1.00 13.68 ? 239 ALA A O   1 
ATOM   1307 C CB  . ALA A 1 165 ? -4.029  6.587   -10.429 1.00 13.33 ? 239 ALA A CB  1 
ATOM   1308 N N   . LYS A 1 166 ? -2.478  6.041   -13.664 1.00 13.90 ? 240 LYS A N   1 
ATOM   1309 C CA  . LYS A 1 166 ? -2.704  5.973   -15.112 1.00 14.22 ? 240 LYS A CA  1 
ATOM   1310 C C   . LYS A 1 166 ? -1.507  5.351   -15.836 1.00 14.28 ? 240 LYS A C   1 
ATOM   1311 O O   . LYS A 1 166 ? -0.539  4.925   -15.209 1.00 14.30 ? 240 LYS A O   1 
ATOM   1312 C CB  . LYS A 1 166 ? -3.051  7.348   -15.704 1.00 14.33 ? 240 LYS A CB  1 
ATOM   1313 C CG  . LYS A 1 166 ? -1.888  8.327   -15.788 1.00 14.87 ? 240 LYS A CG  1 
ATOM   1314 C CD  . LYS A 1 166 ? -1.981  9.220   -17.029 1.00 16.25 ? 240 LYS A CD  1 
ATOM   1315 C CE  . LYS A 1 166 ? -1.024  8.764   -18.145 1.00 16.60 ? 240 LYS A CE  1 
ATOM   1316 N NZ  . LYS A 1 166 ? -1.471  7.534   -18.869 1.00 16.95 ? 240 LYS A NZ  1 
ATOM   1317 O OXT . LYS A 1 166 ? -1.472  5.253   -17.062 1.00 14.39 ? 240 LYS A OXT 1 
HETATM 1318 S S   . SO4 B 2 .   ? -4.853  -24.070 -6.055  1.00 48.27 ? 1   SO4 A S   1 
HETATM 1319 O O1  . SO4 B 2 .   ? -5.228  -24.750 -7.297  1.00 48.25 ? 1   SO4 A O1  1 
HETATM 1320 O O2  . SO4 B 2 .   ? -4.990  -24.989 -4.926  1.00 48.28 ? 1   SO4 A O2  1 
HETATM 1321 O O3  . SO4 B 2 .   ? -3.465  -23.614 -6.150  1.00 48.28 ? 1   SO4 A O3  1 
HETATM 1322 O O4  . SO4 B 2 .   ? -5.735  -22.922 -5.853  1.00 48.24 ? 1   SO4 A O4  1 
HETATM 1323 S S   . SO4 C 2 .   ? 6.730   29.066  -1.385  0.80 41.02 ? 2   SO4 A S   1 
HETATM 1324 O O1  . SO4 C 2 .   ? 5.736   28.968  -2.452  0.80 40.80 ? 2   SO4 A O1  1 
HETATM 1325 O O2  . SO4 C 2 .   ? 6.063   29.297  -0.106  0.80 40.87 ? 2   SO4 A O2  1 
HETATM 1326 O O3  . SO4 C 2 .   ? 7.488   27.820  -1.306  0.80 40.98 ? 2   SO4 A O3  1 
HETATM 1327 O O4  . SO4 C 2 .   ? 7.642   30.172  -1.669  0.80 41.01 ? 2   SO4 A O4  1 
HETATM 1328 S S   . SO4 D 2 .   ? -3.181  17.589  1.892   1.00 21.59 ? 3   SO4 A S   1 
HETATM 1329 O O1  . SO4 D 2 .   ? -2.302  17.982  0.794   1.00 21.39 ? 3   SO4 A O1  1 
HETATM 1330 O O2  . SO4 D 2 .   ? -4.168  16.629  1.406   1.00 21.23 ? 3   SO4 A O2  1 
HETATM 1331 O O3  . SO4 D 2 .   ? -2.385  16.984  2.959   1.00 21.20 ? 3   SO4 A O3  1 
HETATM 1332 O O4  . SO4 D 2 .   ? -3.863  18.774  2.407   1.00 21.63 ? 3   SO4 A O4  1 
HETATM 1333 S S   . SO4 E 2 .   ? 6.340   -12.315 16.950  1.00 54.08 ? 4   SO4 A S   1 
HETATM 1334 O O1  . SO4 E 2 .   ? 5.329   -13.360 17.104  1.00 54.25 ? 4   SO4 A O1  1 
HETATM 1335 O O2  . SO4 E 2 .   ? 7.366   -12.481 17.978  1.00 54.08 ? 4   SO4 A O2  1 
HETATM 1336 O O3  . SO4 E 2 .   ? 6.950   -12.430 15.627  1.00 54.06 ? 4   SO4 A O3  1 
HETATM 1337 O O4  . SO4 E 2 .   ? 5.719   -11.000 17.091  1.00 53.93 ? 4   SO4 A O4  1 
HETATM 1338 S S   . SO4 F 2 .   ? 21.822  2.636   -0.320  1.00 65.57 ? 5   SO4 A S   1 
HETATM 1339 O O1  . SO4 F 2 .   ? 21.284  2.339   -1.645  1.00 65.58 ? 5   SO4 A O1  1 
HETATM 1340 O O2  . SO4 F 2 .   ? 20.735  3.003   0.585   1.00 65.50 ? 5   SO4 A O2  1 
HETATM 1341 O O3  . SO4 F 2 .   ? 22.504  1.458   0.205   1.00 65.55 ? 5   SO4 A O3  1 
HETATM 1342 O O4  . SO4 F 2 .   ? 22.772  3.741   -0.423  1.00 65.50 ? 5   SO4 A O4  1 
HETATM 1343 S S   . SO4 G 2 .   ? 1.425   -5.442  18.962  1.00 36.34 ? 6   SO4 A S   1 
HETATM 1344 O O1  . SO4 G 2 .   ? 0.410   -6.256  18.301  1.00 36.66 ? 6   SO4 A O1  1 
HETATM 1345 O O2  . SO4 G 2 .   ? 1.319   -5.622  20.406  1.00 36.29 ? 6   SO4 A O2  1 
HETATM 1346 O O3  . SO4 G 2 .   ? 2.759   -5.837  18.516  1.00 36.37 ? 6   SO4 A O3  1 
HETATM 1347 O O4  . SO4 G 2 .   ? 1.194   -4.040  18.616  1.00 36.66 ? 6   SO4 A O4  1 
HETATM 1348 S S   . SO4 H 2 .   ? -4.458  18.019  -19.180 1.00 63.52 ? 7   SO4 A S   1 
HETATM 1349 O O1  . SO4 H 2 .   ? -5.260  17.476  -20.276 1.00 63.61 ? 7   SO4 A O1  1 
HETATM 1350 O O2  . SO4 H 2 .   ? -4.912  17.451  -17.912 1.00 63.50 ? 7   SO4 A O2  1 
HETATM 1351 O O3  . SO4 H 2 .   ? -3.058  17.671  -19.401 1.00 63.50 ? 7   SO4 A O3  1 
HETATM 1352 O O4  . SO4 H 2 .   ? -4.599  19.473  -19.142 1.00 63.45 ? 7   SO4 A O4  1 
HETATM 1353 S S   . SO4 I 2 .   ? 14.742  22.029  0.937   0.60 38.43 ? 8   SO4 A S   1 
HETATM 1354 O O1  . SO4 I 2 .   ? 14.163  21.359  -0.229  0.60 38.46 ? 8   SO4 A O1  1 
HETATM 1355 O O2  . SO4 I 2 .   ? 13.715  22.209  1.959   0.60 38.30 ? 8   SO4 A O2  1 
HETATM 1356 O O3  . SO4 I 2 .   ? 15.831  21.214  1.476   0.60 38.33 ? 8   SO4 A O3  1 
HETATM 1357 O O4  . SO4 I 2 .   ? 15.264  23.335  0.537   0.60 38.46 ? 8   SO4 A O4  1 
HETATM 1358 C C1  . GOL J 3 .   ? -10.478 -4.012  5.846   1.00 47.27 ? 241 GOL A C1  1 
HETATM 1359 O O1  . GOL J 3 .   ? -11.430 -3.826  6.872   1.00 47.59 ? 241 GOL A O1  1 
HETATM 1360 C C2  . GOL J 3 .   ? -9.093  -3.592  6.347   1.00 47.02 ? 241 GOL A C2  1 
HETATM 1361 O O2  . GOL J 3 .   ? -8.794  -4.305  7.537   1.00 47.06 ? 241 GOL A O2  1 
HETATM 1362 C C3  . GOL J 3 .   ? -8.053  -3.924  5.277   1.00 46.87 ? 241 GOL A C3  1 
HETATM 1363 O O3  . GOL J 3 .   ? -7.204  -2.814  5.074   1.00 46.66 ? 241 GOL A O3  1 
HETATM 1364 C C1  . GOL K 3 .   ? -9.786  6.583   4.734   1.00 49.40 ? 242 GOL A C1  1 
HETATM 1365 O O1  . GOL K 3 .   ? -10.383 5.490   4.070   1.00 49.64 ? 242 GOL A O1  1 
HETATM 1366 C C2  . GOL K 3 .   ? -9.000  7.440   3.737   1.00 49.35 ? 242 GOL A C2  1 
HETATM 1367 O O2  . GOL K 3 .   ? -8.592  6.678   2.601   1.00 49.11 ? 242 GOL A O2  1 
HETATM 1368 C C3  . GOL K 3 .   ? -7.775  8.071   4.412   1.00 49.30 ? 242 GOL A C3  1 
HETATM 1369 O O3  . GOL K 3 .   ? -6.994  7.067   5.049   1.00 49.20 ? 242 GOL A O3  1 
HETATM 1370 C C1  . GOL L 3 .   ? 16.876  3.424   1.458   1.00 45.47 ? 243 GOL A C1  1 
HETATM 1371 O O1  . GOL L 3 .   ? 18.049  4.221   1.410   1.00 45.63 ? 243 GOL A O1  1 
HETATM 1372 C C2  . GOL L 3 .   ? 15.684  4.302   1.822   1.00 45.44 ? 243 GOL A C2  1 
HETATM 1373 O O2  . GOL L 3 .   ? 14.518  3.515   1.959   1.00 45.60 ? 243 GOL A O2  1 
HETATM 1374 C C3  . GOL L 3 .   ? 15.489  5.375   0.755   1.00 45.22 ? 243 GOL A C3  1 
HETATM 1375 O O3  . GOL L 3 .   ? 14.766  4.886   -0.353  1.00 45.04 ? 243 GOL A O3  1 
HETATM 1376 C C1  . GOL M 3 .   ? -1.814  6.834   -4.567  1.00 30.44 ? 244 GOL A C1  1 
HETATM 1377 O O1  . GOL M 3 .   ? -3.137  6.560   -4.123  1.00 30.77 ? 244 GOL A O1  1 
HETATM 1378 C C2  . GOL M 3 .   ? -1.784  8.045   -5.497  1.00 30.39 ? 244 GOL A C2  1 
HETATM 1379 O O2  . GOL M 3 .   ? -3.026  8.246   -6.146  1.00 30.30 ? 244 GOL A O2  1 
HETATM 1380 C C3  . GOL M 3 .   ? -1.349  9.305   -4.746  1.00 30.20 ? 244 GOL A C3  1 
HETATM 1381 O O3  . GOL M 3 .   ? -2.288  9.639   -3.741  1.00 30.14 ? 244 GOL A O3  1 
HETATM 1382 C C1  . GOL N 3 .   ? 11.987  -7.611  14.697  1.00 53.86 ? 245 GOL A C1  1 
HETATM 1383 O O1  . GOL N 3 .   ? 12.825  -8.550  14.061  1.00 53.46 ? 245 GOL A O1  1 
HETATM 1384 C C2  . GOL N 3 .   ? 10.937  -7.108  13.706  1.00 53.89 ? 245 GOL A C2  1 
HETATM 1385 O O2  . GOL N 3 .   ? 10.859  -5.700  13.762  1.00 53.85 ? 245 GOL A O2  1 
HETATM 1386 C C3  . GOL N 3 .   ? 9.574   -7.722  14.028  1.00 53.90 ? 245 GOL A C3  1 
HETATM 1387 O O3  . GOL N 3 .   ? 9.408   -8.902  13.275  1.00 53.74 ? 245 GOL A O3  1 
HETATM 1388 C C1  . GOL O 3 .   ? 9.635   -15.571 12.557  1.00 50.97 ? 246 GOL A C1  1 
HETATM 1389 O O1  . GOL O 3 .   ? 8.712   -14.916 13.404  1.00 50.91 ? 246 GOL A O1  1 
HETATM 1390 C C2  . GOL O 3 .   ? 9.709   -14.883 11.194  1.00 50.87 ? 246 GOL A C2  1 
HETATM 1391 O O2  . GOL O 3 .   ? 9.026   -13.648 11.211  1.00 50.68 ? 246 GOL A O2  1 
HETATM 1392 C C3  . GOL O 3 .   ? 9.114   -15.793 10.123  1.00 50.90 ? 246 GOL A C3  1 
HETATM 1393 O O3  . GOL O 3 .   ? 9.481   -15.326 8.844   1.00 50.71 ? 246 GOL A O3  1 
HETATM 1394 C C1  . GOL P 3 .   ? 2.162   -15.601 -0.753  1.00 25.26 ? 247 GOL A C1  1 
HETATM 1395 O O1  . GOL P 3 .   ? 0.971   -14.926 -0.412  1.00 24.73 ? 247 GOL A O1  1 
HETATM 1396 C C2  . GOL P 3 .   ? 2.491   -16.649 0.306   1.00 25.60 ? 247 GOL A C2  1 
HETATM 1397 O O2  . GOL P 3 .   ? 2.508   -16.047 1.580   1.00 25.84 ? 247 GOL A O2  1 
HETATM 1398 C C3  . GOL P 3 .   ? 3.869   -17.245 0.038   1.00 25.96 ? 247 GOL A C3  1 
HETATM 1399 O O3  . GOL P 3 .   ? 3.803   -18.107 -1.079  1.00 26.49 ? 247 GOL A O3  1 
HETATM 1400 C C1  . GOL Q 3 .   ? 21.931  3.874   -5.664  0.80 45.43 ? 248 GOL A C1  1 
HETATM 1401 O O1  . GOL Q 3 .   ? 20.686  3.902   -6.327  0.80 45.12 ? 248 GOL A O1  1 
HETATM 1402 C C2  . GOL Q 3 .   ? 21.907  4.805   -4.452  0.80 45.57 ? 248 GOL A C2  1 
HETATM 1403 O O2  . GOL Q 3 .   ? 20.906  5.790   -4.622  0.80 45.53 ? 248 GOL A O2  1 
HETATM 1404 C C3  . GOL Q 3 .   ? 23.278  5.474   -4.298  0.80 45.69 ? 248 GOL A C3  1 
HETATM 1405 O O3  . GOL Q 3 .   ? 23.160  6.598   -3.445  0.80 45.73 ? 248 GOL A O3  1 
HETATM 1406 O O   . HOH R 4 .   ? 13.133  9.692   8.022   1.00 15.33 ? 9   HOH A O   1 
HETATM 1407 O O   . HOH R 4 .   ? -13.749 -20.857 -5.854  1.00 19.56 ? 10  HOH A O   1 
HETATM 1408 O O   . HOH R 4 .   ? 0.698   14.638  -2.866  1.00 12.38 ? 11  HOH A O   1 
HETATM 1409 O O   . HOH R 4 .   ? 2.569   24.611  -2.473  1.00 36.37 ? 12  HOH A O   1 
HETATM 1410 O O   . HOH R 4 .   ? 15.947  11.918  -2.162  1.00 15.21 ? 13  HOH A O   1 
HETATM 1411 O O   . HOH R 4 .   ? -12.853 -14.188 19.358  1.00 21.27 ? 14  HOH A O   1 
HETATM 1412 O O   . HOH R 4 .   ? 8.787   -3.842  10.997  1.00 35.43 ? 15  HOH A O   1 
HETATM 1413 O O   . HOH R 4 .   ? -3.985  10.046  -10.887 1.00 13.41 ? 16  HOH A O   1 
HETATM 1414 O O   . HOH R 4 .   ? -3.075  4.868   -7.399  1.00 22.11 ? 17  HOH A O   1 
HETATM 1415 O O   . HOH R 4 .   ? -4.286  16.227  -1.429  1.00 20.04 ? 18  HOH A O   1 
HETATM 1416 O O   . HOH R 4 .   ? -0.062  19.915  0.724   1.00 23.02 ? 19  HOH A O   1 
HETATM 1417 O O   . HOH R 4 .   ? 5.061   20.901  3.079   1.00 13.44 ? 20  HOH A O   1 
HETATM 1418 O O   . HOH R 4 .   ? 1.182   25.433  -8.509  1.00 20.27 ? 21  HOH A O   1 
HETATM 1419 O O   . HOH R 4 .   ? -17.419 -8.035  -0.674  1.00 20.61 ? 22  HOH A O   1 
HETATM 1420 O O   . HOH R 4 .   ? -1.362  8.745   -11.917 1.00 15.43 ? 23  HOH A O   1 
HETATM 1421 O O   . HOH R 4 .   ? -18.094 -16.189 -2.907  1.00 15.35 ? 24  HOH A O   1 
HETATM 1422 O O   . HOH R 4 .   ? -5.002  12.734  -4.673  1.00 20.76 ? 25  HOH A O   1 
HETATM 1423 O O   . HOH R 4 .   ? -7.077  -14.087 -4.179  1.00 17.91 ? 26  HOH A O   1 
HETATM 1424 O O   . HOH R 4 .   ? 3.977   19.423  0.971   1.00 20.81 ? 27  HOH A O   1 
HETATM 1425 O O   . HOH R 4 .   ? 3.448   26.010  -9.609  1.00 20.84 ? 29  HOH A O   1 
HETATM 1426 O O   . HOH R 4 .   ? -6.656  10.725  -6.305  1.00 17.79 ? 30  HOH A O   1 
HETATM 1427 O O   . HOH R 4 .   ? -13.926 -27.214 6.310   1.00 29.62 ? 31  HOH A O   1 
HETATM 1428 O O   . HOH R 4 .   ? -14.481 -16.963 0.005   1.00 12.08 ? 32  HOH A O   1 
HETATM 1429 O O   . HOH R 4 .   ? 8.269   -2.596  18.446  1.00 42.01 ? 33  HOH A O   1 
HETATM 1430 O O   . HOH R 4 .   ? -3.095  -28.811 3.117   1.00 32.14 ? 34  HOH A O   1 
HETATM 1431 O O   . HOH R 4 .   ? 0.390   8.083   -21.119 1.00 31.09 ? 35  HOH A O   1 
HETATM 1432 O O   . HOH R 4 .   ? -17.010 -26.808 12.522  1.00 25.74 ? 36  HOH A O   1 
HETATM 1433 O O   . HOH R 4 .   ? 18.133  6.780   2.441   1.00 36.22 ? 37  HOH A O   1 
HETATM 1434 O O   . HOH R 4 .   ? 13.506  3.333   4.456   1.00 32.04 ? 38  HOH A O   1 
HETATM 1435 O O   . HOH R 4 .   ? -5.298  8.753   -7.876  1.00 16.76 ? 39  HOH A O   1 
HETATM 1436 O O   . HOH R 4 .   ? 22.239  8.595   0.166   1.00 26.61 ? 40  HOH A O   1 
HETATM 1437 O O   . HOH R 4 .   ? -0.343  -2.128  17.535  1.00 33.73 ? 41  HOH A O   1 
HETATM 1438 O O   . HOH R 4 .   ? 0.656   21.741  -1.041  1.00 37.15 ? 42  HOH A O   1 
HETATM 1439 O O   . HOH R 4 .   ? 22.470  12.423  3.419   1.00 28.50 ? 43  HOH A O   1 
HETATM 1440 O O   . HOH R 4 .   ? -15.449 -6.610  -2.902  1.00 18.58 ? 44  HOH A O   1 
HETATM 1441 O O   . HOH R 4 .   ? -13.680 -7.861  -4.446  1.00 25.17 ? 45  HOH A O   1 
HETATM 1442 O O   . HOH R 4 .   ? -0.606  24.601  -4.160  1.00 27.58 ? 46  HOH A O   1 
HETATM 1443 O O   . HOH R 4 .   ? 18.486  -12.658 8.306   1.00 30.34 ? 47  HOH A O   1 
HETATM 1444 O O   . HOH R 4 .   ? 12.779  -13.624 11.042  1.00 28.52 ? 48  HOH A O   1 
HETATM 1445 O O   . HOH R 4 .   ? 15.175  13.739  -16.039 1.00 12.86 ? 49  HOH A O   1 
HETATM 1446 O O   . HOH R 4 .   ? -8.023  11.764  -9.072  1.00 38.54 ? 50  HOH A O   1 
HETATM 1447 O O   . HOH R 4 .   ? 5.708   28.472  -5.403  1.00 33.59 ? 51  HOH A O   1 
HETATM 1448 O O   . HOH R 4 .   ? -16.272 -28.759 10.618  1.00 31.46 ? 52  HOH A O   1 
HETATM 1449 O O   . HOH R 4 .   ? -4.907  -27.735 5.624   1.00 24.74 ? 53  HOH A O   1 
HETATM 1450 O O   . HOH R 4 .   ? 11.911  5.713   -16.141 1.00 18.39 ? 54  HOH A O   1 
HETATM 1451 O O   . HOH R 4 .   ? 19.404  18.203  -4.121  1.00 29.84 ? 55  HOH A O   1 
HETATM 1452 O O   . HOH R 4 .   ? 20.716  8.041   2.645   1.00 23.91 ? 56  HOH A O   1 
HETATM 1453 O O   . HOH R 4 .   ? -19.274 -13.701 11.885  1.00 44.25 ? 57  HOH A O   1 
HETATM 1454 O O   . HOH R 4 .   ? -1.833  -3.133  11.897  1.00 32.56 ? 58  HOH A O   1 
HETATM 1455 O O   . HOH R 4 .   ? -0.596  12.552  -3.991  1.00 31.89 ? 59  HOH A O   1 
HETATM 1456 O O   . HOH R 4 .   ? -16.393 -23.350 -4.752  1.00 27.88 ? 60  HOH A O   1 
HETATM 1457 O O   . HOH R 4 .   ? 21.502  15.124  2.272   1.00 21.64 ? 61  HOH A O   1 
HETATM 1458 O O   . HOH R 4 .   ? -5.440  -11.370 18.930  1.00 18.57 ? 62  HOH A O   1 
HETATM 1459 O O   . HOH R 4 .   ? -5.868  -3.911  15.993  1.00 28.52 ? 63  HOH A O   1 
HETATM 1460 O O   . HOH R 4 .   ? -8.357  -18.390 19.744  1.00 13.84 ? 64  HOH A O   1 
HETATM 1461 O O   . HOH R 4 .   ? 4.542   20.848  -15.051 1.00 26.22 ? 65  HOH A O   1 
HETATM 1462 O O   . HOH R 4 .   ? 10.300  23.378  -7.940  1.00 31.18 ? 66  HOH A O   1 
HETATM 1463 O O   . HOH R 4 .   ? 2.384   -23.855 -1.798  1.00 25.71 ? 67  HOH A O   1 
HETATM 1464 O O   . HOH R 4 .   ? -2.976  13.412  -2.974  1.00 35.09 ? 68  HOH A O   1 
HETATM 1465 O O   . HOH R 4 .   ? -9.894  -14.749 -9.323  1.00 41.06 ? 69  HOH A O   1 
HETATM 1466 O O   . HOH R 4 .   ? 12.609  21.609  4.377   1.00 33.72 ? 70  HOH A O   1 
HETATM 1467 O O   . HOH R 4 .   ? -0.546  -22.673 -4.925  1.00 34.10 ? 71  HOH A O   1 
HETATM 1468 O O   . HOH R 4 .   ? -18.198 -24.204 2.108   1.00 30.69 ? 72  HOH A O   1 
HETATM 1469 O O   . HOH R 4 .   ? 11.736  2.874   11.918  1.00 26.46 ? 73  HOH A O   1 
HETATM 1470 O O   . HOH R 4 .   ? 19.815  9.257   -12.824 1.00 47.90 ? 74  HOH A O   1 
HETATM 1471 O O   . HOH R 4 .   ? 2.898   12.994  4.371   1.00 2.55  ? 249 HOH A O   1 
HETATM 1472 O O   . HOH R 4 .   ? 12.148  10.646  2.368   1.00 6.94  ? 250 HOH A O   1 
HETATM 1473 O O   . HOH R 4 .   ? 20.216  15.718  -10.757 1.00 10.23 ? 251 HOH A O   1 
HETATM 1474 O O   . HOH R 4 .   ? 15.649  10.741  -4.566  1.00 5.44  ? 252 HOH A O   1 
HETATM 1475 O O   . HOH R 4 .   ? -12.143 -11.426 19.996  1.00 19.67 ? 253 HOH A O   1 
HETATM 1476 O O   . HOH R 4 .   ? 0.579   26.579  -11.965 1.00 16.56 ? 254 HOH A O   1 
HETATM 1477 O O   . HOH R 4 .   ? -1.102  -5.173  8.717   1.00 28.31 ? 255 HOH A O   1 
HETATM 1478 O O   . HOH R 4 .   ? -4.186  9.565   -1.936  1.00 11.85 ? 256 HOH A O   1 
HETATM 1479 O O   . HOH R 4 .   ? -16.800 -14.065 13.483  1.00 31.89 ? 257 HOH A O   1 
HETATM 1480 O O   . HOH R 4 .   ? -14.926 -11.674 14.292  1.00 33.80 ? 258 HOH A O   1 
HETATM 1481 O O   . HOH R 4 .   ? 2.708   20.277  -1.223  1.00 32.99 ? 259 HOH A O   1 
HETATM 1482 O O   . HOH R 4 .   ? -21.506 -20.054 8.103   1.00 50.00 ? 260 HOH A O   1 
HETATM 1483 O O   . HOH R 4 .   ? 4.084   16.804  -22.363 1.00 29.92 ? 261 HOH A O   1 
HETATM 1484 O O   . HOH R 4 .   ? 6.144   -13.306 9.387   1.00 33.26 ? 262 HOH A O   1 
HETATM 1485 O O   . HOH R 4 .   ? 4.458   -10.470 14.637  1.00 35.34 ? 263 HOH A O   1 
# 
